data_9HH8
# 
_entry.id   9HH8 
# 
_audit_conform.dict_name       mmcif_pdbx.dic 
_audit_conform.dict_version    5.404 
_audit_conform.dict_location   http://mmcif.pdb.org/dictionaries/ascii/mmcif_pdbx.dic 
# 
loop_
_database_2.database_id 
_database_2.database_code 
_database_2.pdbx_database_accession 
_database_2.pdbx_DOI 
PDB   9HH8         pdb_00009hh8 10.2210/pdb9hh8/pdb 
WWPDB D_1292143284 ?            ?                   
# 
loop_
_pdbx_audit_revision_history.ordinal 
_pdbx_audit_revision_history.data_content_type 
_pdbx_audit_revision_history.major_revision 
_pdbx_audit_revision_history.minor_revision 
_pdbx_audit_revision_history.revision_date 
_pdbx_audit_revision_history.part_number 
1 'Structure model' 1 0 2025-04-02 ? 
2 'Structure model' 1 1 2025-04-16 ? 
3 'Structure model' 1 2 2025-06-11 ? 
# 
_pdbx_audit_revision_details.ordinal             1 
_pdbx_audit_revision_details.revision_ordinal    1 
_pdbx_audit_revision_details.data_content_type   'Structure model' 
_pdbx_audit_revision_details.provider            repository 
_pdbx_audit_revision_details.type                'Initial release' 
_pdbx_audit_revision_details.description         ? 
_pdbx_audit_revision_details.details             ? 
# 
loop_
_pdbx_audit_revision_group.ordinal 
_pdbx_audit_revision_group.revision_ordinal 
_pdbx_audit_revision_group.data_content_type 
_pdbx_audit_revision_group.group 
1 2 'Structure model' 'Database references' 
2 3 'Structure model' 'Database references' 
# 
loop_
_pdbx_audit_revision_category.ordinal 
_pdbx_audit_revision_category.revision_ordinal 
_pdbx_audit_revision_category.data_content_type 
_pdbx_audit_revision_category.category 
1 2 'Structure model' citation        
2 2 'Structure model' citation_author 
3 3 'Structure model' citation        
# 
loop_
_pdbx_audit_revision_item.ordinal 
_pdbx_audit_revision_item.revision_ordinal 
_pdbx_audit_revision_item.data_content_type 
_pdbx_audit_revision_item.item 
1 2 'Structure model' '_citation.page_first'              
2 2 'Structure model' '_citation.page_last'               
3 2 'Structure model' '_citation.title'                   
4 2 'Structure model' '_citation_author.identifier_ORCID' 
5 3 'Structure model' '_citation.journal_volume'          
6 3 'Structure model' '_citation.page_first'              
7 3 'Structure model' '_citation.page_last'               
# 
_pdbx_database_status.status_code                     REL 
_pdbx_database_status.status_code_sf                  REL 
_pdbx_database_status.status_code_mr                  ? 
_pdbx_database_status.entry_id                        9HH8 
_pdbx_database_status.recvd_initial_deposition_date   2024-11-21 
_pdbx_database_status.SG_entry                        N 
_pdbx_database_status.deposit_site                    PDBE 
_pdbx_database_status.process_site                    PDBE 
_pdbx_database_status.status_code_cs                  ? 
_pdbx_database_status.status_code_nmr_data            ? 
_pdbx_database_status.methods_development_category    ? 
_pdbx_database_status.pdb_format_compatible           N 
# 
_pdbx_database_related.db_name        PDB 
_pdbx_database_related.details        . 
_pdbx_database_related.db_id          9HGF 
_pdbx_database_related.content_type   unspecified 
# 
loop_
_pdbx_contact_author.id 
_pdbx_contact_author.email 
_pdbx_contact_author.name_first 
_pdbx_contact_author.name_last 
_pdbx_contact_author.name_mi 
_pdbx_contact_author.role 
_pdbx_contact_author.identifier_ORCID 
3 Oliver.Einsle@BIOCHEMIE.uni-freiburg.de   Oliver Einsle   ? 'principal investigator/group leader' 0000-0001-8722-2893 
4 stefan.guenther@pharmazie.uni-freiburg.de Stefan Guenther ? 'principal investigator/group leader' 0000-0003-3744-189X 
# 
loop_
_audit_author.name 
_audit_author.pdbx_ordinal 
_audit_author.identifier_ORCID 
'Amann, M.'    1 0000-0001-7594-3810 
'Huegle, M.'   2 0000-0002-2830-7130 
'Einsle, O.'   3 0000-0001-8722-2893 
'Guenther, S.' 4 0000-0003-3744-189X 
# 
_citation.abstract                  ? 
_citation.abstract_id_CAS           ? 
_citation.book_id_ISBN              ? 
_citation.book_publisher            ? 
_citation.book_publisher_city       ? 
_citation.book_title                ? 
_citation.coordinate_linkage        ? 
_citation.country                   DE 
_citation.database_id_Medline       ? 
_citation.details                   ? 
_citation.id                        primary 
_citation.journal_abbrev            Chemmedchem 
_citation.journal_id_ASTM           ? 
_citation.journal_id_CSD            ? 
_citation.journal_id_ISSN           1860-7187 
_citation.journal_full              ? 
_citation.journal_issue             ? 
_citation.journal_volume            20 
_citation.language                  ? 
_citation.page_first                e202500024 
_citation.page_last                 e202500024 
_citation.title                     
'A Novel Inhibitor against the Bromodomain Protein 1 of the Malaria Pathogen Plasmodium Falciparum.' 
_citation.year                      2025 
_citation.database_id_CSD           ? 
_citation.pdbx_database_id_DOI      10.1002/cmdc.202500024 
_citation.pdbx_database_id_PubMed   40099623 
_citation.pdbx_database_id_patent   ? 
_citation.unpublished_flag          ? 
# 
loop_
_citation_author.citation_id 
_citation_author.name 
_citation_author.ordinal 
_citation_author.identifier_ORCID 
primary 'Amann, M.'        1  0000-0001-7594-3810 
primary 'Warstat, R.'      2  ?                   
primary 'Rechten, K.K.'    3  ?                   
primary 'Theuer, P.'       4  ?                   
primary 'Schustereder, M.' 5  ?                   
primary 'Clavey, S.'       6  ?                   
primary 'Breit, B.'        7  0000-0002-2514-3898 
primary 'Einsle, O.'       8  0000-0001-8722-2893 
primary 'Hugle, M.'        9  0000-0002-2830-7130 
primary 'Petter, M.'       10 0000-0002-1837-2756 
primary 'Gunther, S.'      11 0000-0003-3744-189X 
# 
loop_
_entity.id 
_entity.type 
_entity.src_method 
_entity.pdbx_description 
_entity.formula_weight 
_entity.pdbx_number_of_molecules 
_entity.pdbx_ec 
_entity.pdbx_mutation 
_entity.pdbx_fragment 
_entity.details 
1 polymer     man 'Bromo domain-containing protein'                                                                  15163.188 1   
? ? ? ? 
2 non-polymer syn 'SULFATE ION'                                                                                      96.063    2   
? ? ? ? 
3 non-polymer syn 'CHLORIDE ION'                                                                                     35.453    1   
? ? ? ? 
4 non-polymer nat '3-methyl-4-(3-methyl-4-oxidanylidene-5,6,7,8-tetrahydro-2~{H}-cyclohepta[c]pyrrol-1-yl)benzamide' 296.364   1   
? ? ? ? 
5 water       nat water                                                                                              18.015    134 
? ? ? ? 
# 
_entity_poly.entity_id                      1 
_entity_poly.type                           'polypeptide(L)' 
_entity_poly.nstd_linkage                   no 
_entity_poly.nstd_monomer                   no 
_entity_poly.pdbx_seq_one_letter_code       
;SFNKQWYLLANQIIQSLSKYEGGHIFEKLVDAKKQNCPDYYDVIKNPMSFSCVKTKLKKGQYGLPTEFIKDVQLIFDNCS
LYNTSGSLVAITGKNIEAYFNNQLIVTGYNNFVTKANTINERLQKVEDENLE
;
_entity_poly.pdbx_seq_one_letter_code_can   
;SFNKQWYLLANQIIQSLSKYEGGHIFEKLVDAKKQNCPDYYDVIKNPMSFSCVKTKLKKGQYGLPTEFIKDVQLIFDNCS
LYNTSGSLVAITGKNIEAYFNNQLIVTGYNNFVTKANTINERLQKVEDENLE
;
_entity_poly.pdbx_strand_id                 A 
_entity_poly.pdbx_target_identifier         ? 
# 
loop_
_pdbx_entity_nonpoly.entity_id 
_pdbx_entity_nonpoly.name 
_pdbx_entity_nonpoly.comp_id 
2 'SULFATE ION'                                                                                      SO4   
3 'CHLORIDE ION'                                                                                     CL    
4 '3-methyl-4-(3-methyl-4-oxidanylidene-5,6,7,8-tetrahydro-2~{H}-cyclohepta[c]pyrrol-1-yl)benzamide' A1IUW 
5 water                                                                                              HOH   
# 
loop_
_entity_poly_seq.entity_id 
_entity_poly_seq.num 
_entity_poly_seq.mon_id 
_entity_poly_seq.hetero 
1 1   SER n 
1 2   PHE n 
1 3   ASN n 
1 4   LYS n 
1 5   GLN n 
1 6   TRP n 
1 7   TYR n 
1 8   LEU n 
1 9   LEU n 
1 10  ALA n 
1 11  ASN n 
1 12  GLN n 
1 13  ILE n 
1 14  ILE n 
1 15  GLN n 
1 16  SER n 
1 17  LEU n 
1 18  SER n 
1 19  LYS n 
1 20  TYR n 
1 21  GLU n 
1 22  GLY n 
1 23  GLY n 
1 24  HIS n 
1 25  ILE n 
1 26  PHE n 
1 27  GLU n 
1 28  LYS n 
1 29  LEU n 
1 30  VAL n 
1 31  ASP n 
1 32  ALA n 
1 33  LYS n 
1 34  LYS n 
1 35  GLN n 
1 36  ASN n 
1 37  CYS n 
1 38  PRO n 
1 39  ASP n 
1 40  TYR n 
1 41  TYR n 
1 42  ASP n 
1 43  VAL n 
1 44  ILE n 
1 45  LYS n 
1 46  ASN n 
1 47  PRO n 
1 48  MET n 
1 49  SER n 
1 50  PHE n 
1 51  SER n 
1 52  CYS n 
1 53  VAL n 
1 54  LYS n 
1 55  THR n 
1 56  LYS n 
1 57  LEU n 
1 58  LYS n 
1 59  LYS n 
1 60  GLY n 
1 61  GLN n 
1 62  TYR n 
1 63  GLY n 
1 64  LEU n 
1 65  PRO n 
1 66  THR n 
1 67  GLU n 
1 68  PHE n 
1 69  ILE n 
1 70  LYS n 
1 71  ASP n 
1 72  VAL n 
1 73  GLN n 
1 74  LEU n 
1 75  ILE n 
1 76  PHE n 
1 77  ASP n 
1 78  ASN n 
1 79  CYS n 
1 80  SER n 
1 81  LEU n 
1 82  TYR n 
1 83  ASN n 
1 84  THR n 
1 85  SER n 
1 86  GLY n 
1 87  SER n 
1 88  LEU n 
1 89  VAL n 
1 90  ALA n 
1 91  ILE n 
1 92  THR n 
1 93  GLY n 
1 94  LYS n 
1 95  ASN n 
1 96  ILE n 
1 97  GLU n 
1 98  ALA n 
1 99  TYR n 
1 100 PHE n 
1 101 ASN n 
1 102 ASN n 
1 103 GLN n 
1 104 LEU n 
1 105 ILE n 
1 106 VAL n 
1 107 THR n 
1 108 GLY n 
1 109 TYR n 
1 110 ASN n 
1 111 ASN n 
1 112 PHE n 
1 113 VAL n 
1 114 THR n 
1 115 LYS n 
1 116 ALA n 
1 117 ASN n 
1 118 THR n 
1 119 ILE n 
1 120 ASN n 
1 121 GLU n 
1 122 ARG n 
1 123 LEU n 
1 124 GLN n 
1 125 LYS n 
1 126 VAL n 
1 127 GLU n 
1 128 ASP n 
1 129 GLU n 
1 130 ASN n 
1 131 LEU n 
1 132 GLU n 
# 
_entity_src_gen.entity_id                          1 
_entity_src_gen.pdbx_src_id                        1 
_entity_src_gen.pdbx_alt_source_flag               sample 
_entity_src_gen.pdbx_seq_type                      'Biological sequence' 
_entity_src_gen.pdbx_beg_seq_num                   1 
_entity_src_gen.pdbx_end_seq_num                   132 
_entity_src_gen.gene_src_common_name               'malaria parasite P. vivax' 
_entity_src_gen.gene_src_genus                     ? 
_entity_src_gen.pdbx_gene_src_gene                 PVX_111040 
_entity_src_gen.gene_src_species                   ? 
_entity_src_gen.gene_src_strain                    ? 
_entity_src_gen.gene_src_tissue                    ? 
_entity_src_gen.gene_src_tissue_fraction           ? 
_entity_src_gen.gene_src_details                   ? 
_entity_src_gen.pdbx_gene_src_fragment             ? 
_entity_src_gen.pdbx_gene_src_scientific_name      'Plasmodium vivax' 
_entity_src_gen.pdbx_gene_src_ncbi_taxonomy_id     5855 
_entity_src_gen.pdbx_gene_src_variant              ? 
_entity_src_gen.pdbx_gene_src_cell_line            ? 
_entity_src_gen.pdbx_gene_src_atcc                 ? 
_entity_src_gen.pdbx_gene_src_organ                ? 
_entity_src_gen.pdbx_gene_src_organelle            ? 
_entity_src_gen.pdbx_gene_src_cell                 ? 
_entity_src_gen.pdbx_gene_src_cellular_location    ? 
_entity_src_gen.host_org_common_name               ? 
_entity_src_gen.pdbx_host_org_scientific_name      'Escherichia coli' 
_entity_src_gen.pdbx_host_org_ncbi_taxonomy_id     562 
_entity_src_gen.host_org_genus                     ? 
_entity_src_gen.pdbx_host_org_gene                 ? 
_entity_src_gen.pdbx_host_org_organ                ? 
_entity_src_gen.host_org_species                   ? 
_entity_src_gen.pdbx_host_org_tissue               ? 
_entity_src_gen.pdbx_host_org_tissue_fraction      ? 
_entity_src_gen.pdbx_host_org_strain               ? 
_entity_src_gen.pdbx_host_org_variant              ? 
_entity_src_gen.pdbx_host_org_cell_line            ? 
_entity_src_gen.pdbx_host_org_atcc                 ? 
_entity_src_gen.pdbx_host_org_culture_collection   ? 
_entity_src_gen.pdbx_host_org_cell                 ? 
_entity_src_gen.pdbx_host_org_organelle            ? 
_entity_src_gen.pdbx_host_org_cellular_location    ? 
_entity_src_gen.pdbx_host_org_vector_type          ? 
_entity_src_gen.pdbx_host_org_vector               ? 
_entity_src_gen.host_org_details                   ? 
_entity_src_gen.expression_system_id               ? 
_entity_src_gen.plasmid_name                       ? 
_entity_src_gen.plasmid_details                    ? 
_entity_src_gen.pdbx_description                   ? 
# 
loop_
_chem_comp.id 
_chem_comp.type 
_chem_comp.mon_nstd_flag 
_chem_comp.name 
_chem_comp.pdbx_synonyms 
_chem_comp.formula 
_chem_comp.formula_weight 
A1IUW non-polymer         . '3-methyl-4-(3-methyl-4-oxidanylidene-5,6,7,8-tetrahydro-2~{H}-cyclohepta[c]pyrrol-1-yl)benzamide' ? 
'C18 H20 N2 O2'  296.364 
ALA   'L-peptide linking' y ALANINE                                                                                            ? 
'C3 H7 N O2'     89.093  
ARG   'L-peptide linking' y ARGININE                                                                                           ? 
'C6 H15 N4 O2 1' 175.209 
ASN   'L-peptide linking' y ASPARAGINE                                                                                         ? 
'C4 H8 N2 O3'    132.118 
ASP   'L-peptide linking' y 'ASPARTIC ACID'                                                                                    ? 
'C4 H7 N O4'     133.103 
CL    non-polymer         . 'CHLORIDE ION'                                                                                     ? 
'Cl -1'          35.453  
CYS   'L-peptide linking' y CYSTEINE                                                                                           ? 
'C3 H7 N O2 S'   121.158 
GLN   'L-peptide linking' y GLUTAMINE                                                                                          ? 
'C5 H10 N2 O3'   146.144 
GLU   'L-peptide linking' y 'GLUTAMIC ACID'                                                                                    ? 
'C5 H9 N O4'     147.129 
GLY   'peptide linking'   y GLYCINE                                                                                            ? 
'C2 H5 N O2'     75.067  
HIS   'L-peptide linking' y HISTIDINE                                                                                          ? 
'C6 H10 N3 O2 1' 156.162 
HOH   non-polymer         . WATER                                                                                              ? 
'H2 O'           18.015  
ILE   'L-peptide linking' y ISOLEUCINE                                                                                         ? 
'C6 H13 N O2'    131.173 
LEU   'L-peptide linking' y LEUCINE                                                                                            ? 
'C6 H13 N O2'    131.173 
LYS   'L-peptide linking' y LYSINE                                                                                             ? 
'C6 H15 N2 O2 1' 147.195 
MET   'L-peptide linking' y METHIONINE                                                                                         ? 
'C5 H11 N O2 S'  149.211 
PHE   'L-peptide linking' y PHENYLALANINE                                                                                      ? 
'C9 H11 N O2'    165.189 
PRO   'L-peptide linking' y PROLINE                                                                                            ? 
'C5 H9 N O2'     115.130 
SER   'L-peptide linking' y SERINE                                                                                             ? 
'C3 H7 N O3'     105.093 
SO4   non-polymer         . 'SULFATE ION'                                                                                      ? 
'O4 S -2'        96.063  
THR   'L-peptide linking' y THREONINE                                                                                          ? 
'C4 H9 N O3'     119.119 
TRP   'L-peptide linking' y TRYPTOPHAN                                                                                         ? 
'C11 H12 N2 O2'  204.225 
TYR   'L-peptide linking' y TYROSINE                                                                                           ? 
'C9 H11 N O3'    181.189 
VAL   'L-peptide linking' y VALINE                                                                                             ? 
'C5 H11 N O2'    117.146 
# 
loop_
_pdbx_poly_seq_scheme.asym_id 
_pdbx_poly_seq_scheme.entity_id 
_pdbx_poly_seq_scheme.seq_id 
_pdbx_poly_seq_scheme.mon_id 
_pdbx_poly_seq_scheme.ndb_seq_num 
_pdbx_poly_seq_scheme.pdb_seq_num 
_pdbx_poly_seq_scheme.auth_seq_num 
_pdbx_poly_seq_scheme.pdb_mon_id 
_pdbx_poly_seq_scheme.auth_mon_id 
_pdbx_poly_seq_scheme.pdb_strand_id 
_pdbx_poly_seq_scheme.pdb_ins_code 
_pdbx_poly_seq_scheme.hetero 
A 1 1   SER 1   1   1   SER SER A . n 
A 1 2   PHE 2   2   2   PHE PHE A . n 
A 1 3   ASN 3   3   3   ASN ASN A . n 
A 1 4   LYS 4   4   4   LYS LYS A . n 
A 1 5   GLN 5   5   5   GLN GLN A . n 
A 1 6   TRP 6   6   6   TRP TRP A . n 
A 1 7   TYR 7   7   7   TYR TYR A . n 
A 1 8   LEU 8   8   8   LEU LEU A . n 
A 1 9   LEU 9   9   9   LEU LEU A . n 
A 1 10  ALA 10  10  10  ALA ALA A . n 
A 1 11  ASN 11  11  11  ASN ASN A . n 
A 1 12  GLN 12  12  12  GLN GLN A . n 
A 1 13  ILE 13  13  13  ILE ILE A . n 
A 1 14  ILE 14  14  14  ILE ILE A . n 
A 1 15  GLN 15  15  15  GLN GLN A . n 
A 1 16  SER 16  16  16  SER SER A . n 
A 1 17  LEU 17  17  17  LEU LEU A . n 
A 1 18  SER 18  18  18  SER SER A . n 
A 1 19  LYS 19  19  19  LYS LYS A . n 
A 1 20  TYR 20  20  20  TYR TYR A . n 
A 1 21  GLU 21  21  21  GLU GLU A . n 
A 1 22  GLY 22  22  22  GLY GLY A . n 
A 1 23  GLY 23  23  23  GLY GLY A . n 
A 1 24  HIS 24  24  24  HIS HIS A . n 
A 1 25  ILE 25  25  25  ILE ILE A . n 
A 1 26  PHE 26  26  26  PHE PHE A . n 
A 1 27  GLU 27  27  27  GLU GLU A . n 
A 1 28  LYS 28  28  28  LYS LYS A . n 
A 1 29  LEU 29  29  29  LEU LEU A . n 
A 1 30  VAL 30  30  30  VAL VAL A . n 
A 1 31  ASP 31  31  31  ASP ASP A . n 
A 1 32  ALA 32  32  32  ALA ALA A . n 
A 1 33  LYS 33  33  33  LYS LYS A . n 
A 1 34  LYS 34  34  34  LYS LYS A . n 
A 1 35  GLN 35  35  35  GLN GLN A . n 
A 1 36  ASN 36  36  36  ASN ASN A . n 
A 1 37  CYS 37  37  37  CYS CYS A . n 
A 1 38  PRO 38  38  38  PRO PRO A . n 
A 1 39  ASP 39  39  39  ASP ASP A . n 
A 1 40  TYR 40  40  40  TYR TYR A . n 
A 1 41  TYR 41  41  41  TYR TYR A . n 
A 1 42  ASP 42  42  42  ASP ASP A . n 
A 1 43  VAL 43  43  43  VAL VAL A . n 
A 1 44  ILE 44  44  44  ILE ILE A . n 
A 1 45  LYS 45  45  45  LYS LYS A . n 
A 1 46  ASN 46  46  46  ASN ASN A . n 
A 1 47  PRO 47  47  47  PRO PRO A . n 
A 1 48  MET 48  48  48  MET MET A . n 
A 1 49  SER 49  49  49  SER SER A . n 
A 1 50  PHE 50  50  50  PHE PHE A . n 
A 1 51  SER 51  51  51  SER SER A . n 
A 1 52  CYS 52  52  52  CYS CYS A . n 
A 1 53  VAL 53  53  53  VAL VAL A . n 
A 1 54  LYS 54  54  54  LYS LYS A . n 
A 1 55  THR 55  55  55  THR THR A . n 
A 1 56  LYS 56  56  56  LYS LYS A . n 
A 1 57  LEU 57  57  57  LEU LEU A . n 
A 1 58  LYS 58  58  58  LYS LYS A . n 
A 1 59  LYS 59  59  59  LYS LYS A . n 
A 1 60  GLY 60  60  60  GLY GLY A . n 
A 1 61  GLN 61  61  61  GLN GLN A . n 
A 1 62  TYR 62  62  62  TYR TYR A . n 
A 1 63  GLY 63  63  63  GLY GLY A . n 
A 1 64  LEU 64  64  64  LEU LEU A . n 
A 1 65  PRO 65  65  65  PRO PRO A . n 
A 1 66  THR 66  66  66  THR THR A . n 
A 1 67  GLU 67  67  67  GLU GLU A . n 
A 1 68  PHE 68  68  68  PHE PHE A . n 
A 1 69  ILE 69  69  69  ILE ILE A . n 
A 1 70  LYS 70  70  70  LYS LYS A . n 
A 1 71  ASP 71  71  71  ASP ASP A . n 
A 1 72  VAL 72  72  72  VAL VAL A . n 
A 1 73  GLN 73  73  73  GLN GLN A . n 
A 1 74  LEU 74  74  74  LEU LEU A . n 
A 1 75  ILE 75  75  75  ILE ILE A . n 
A 1 76  PHE 76  76  76  PHE PHE A . n 
A 1 77  ASP 77  77  77  ASP ASP A . n 
A 1 78  ASN 78  78  78  ASN ASN A . n 
A 1 79  CYS 79  79  79  CYS CYS A . n 
A 1 80  SER 80  80  80  SER SER A . n 
A 1 81  LEU 81  81  81  LEU LEU A . n 
A 1 82  TYR 82  82  82  TYR TYR A . n 
A 1 83  ASN 83  83  83  ASN ASN A . n 
A 1 84  THR 84  84  84  THR THR A . n 
A 1 85  SER 85  85  85  SER SER A . n 
A 1 86  GLY 86  86  86  GLY GLY A . n 
A 1 87  SER 87  87  87  SER SER A . n 
A 1 88  LEU 88  88  88  LEU LEU A . n 
A 1 89  VAL 89  89  89  VAL VAL A . n 
A 1 90  ALA 90  90  90  ALA ALA A . n 
A 1 91  ILE 91  91  91  ILE ILE A . n 
A 1 92  THR 92  92  92  THR THR A . n 
A 1 93  GLY 93  93  93  GLY GLY A . n 
A 1 94  LYS 94  94  94  LYS LYS A . n 
A 1 95  ASN 95  95  95  ASN ASN A . n 
A 1 96  ILE 96  96  96  ILE ILE A . n 
A 1 97  GLU 97  97  97  GLU GLU A . n 
A 1 98  ALA 98  98  98  ALA ALA A . n 
A 1 99  TYR 99  99  99  TYR TYR A . n 
A 1 100 PHE 100 100 100 PHE PHE A . n 
A 1 101 ASN 101 101 101 ASN ASN A . n 
A 1 102 ASN 102 102 102 ASN ASN A . n 
A 1 103 GLN 103 103 103 GLN GLN A . n 
A 1 104 LEU 104 104 104 LEU LEU A . n 
A 1 105 ILE 105 105 105 ILE ILE A . n 
A 1 106 VAL 106 106 106 VAL VAL A . n 
A 1 107 THR 107 107 107 THR THR A . n 
A 1 108 GLY 108 108 108 GLY GLY A . n 
A 1 109 TYR 109 109 109 TYR TYR A . n 
A 1 110 ASN 110 110 110 ASN ASN A . n 
A 1 111 ASN 111 111 111 ASN ASN A . n 
A 1 112 PHE 112 112 112 PHE PHE A . n 
A 1 113 VAL 113 113 113 VAL VAL A . n 
A 1 114 THR 114 114 114 THR THR A . n 
A 1 115 LYS 115 115 115 LYS LYS A . n 
A 1 116 ALA 116 116 116 ALA ALA A . n 
A 1 117 ASN 117 117 117 ASN ASN A . n 
A 1 118 THR 118 118 118 THR THR A . n 
A 1 119 ILE 119 119 119 ILE ILE A . n 
A 1 120 ASN 120 120 120 ASN ASN A . n 
A 1 121 GLU 121 121 ?   ?   ?   A . n 
A 1 122 ARG 122 122 ?   ?   ?   A . n 
A 1 123 LEU 123 123 ?   ?   ?   A . n 
A 1 124 GLN 124 124 ?   ?   ?   A . n 
A 1 125 LYS 125 125 ?   ?   ?   A . n 
A 1 126 VAL 126 126 ?   ?   ?   A . n 
A 1 127 GLU 127 127 ?   ?   ?   A . n 
A 1 128 ASP 128 128 ?   ?   ?   A . n 
A 1 129 GLU 129 129 ?   ?   ?   A . n 
A 1 130 ASN 130 130 ?   ?   ?   A . n 
A 1 131 LEU 131 131 ?   ?   ?   A . n 
A 1 132 GLU 132 132 ?   ?   ?   A . n 
# 
_pdbx_entity_instance_feature.ordinal        1 
_pdbx_entity_instance_feature.comp_id        A1IUW 
_pdbx_entity_instance_feature.asym_id        ? 
_pdbx_entity_instance_feature.seq_num        ? 
_pdbx_entity_instance_feature.auth_comp_id   A1IUW 
_pdbx_entity_instance_feature.auth_asym_id   ? 
_pdbx_entity_instance_feature.auth_seq_num   ? 
_pdbx_entity_instance_feature.feature_type   'SUBJECT OF INVESTIGATION' 
_pdbx_entity_instance_feature.details        ? 
# 
loop_
_pdbx_nonpoly_scheme.asym_id 
_pdbx_nonpoly_scheme.entity_id 
_pdbx_nonpoly_scheme.mon_id 
_pdbx_nonpoly_scheme.ndb_seq_num 
_pdbx_nonpoly_scheme.pdb_seq_num 
_pdbx_nonpoly_scheme.auth_seq_num 
_pdbx_nonpoly_scheme.pdb_mon_id 
_pdbx_nonpoly_scheme.auth_mon_id 
_pdbx_nonpoly_scheme.pdb_strand_id 
_pdbx_nonpoly_scheme.pdb_ins_code 
B 2 SO4   1   201 1   SO4   SO4 A . 
C 2 SO4   1   202 2   SO4   SO4 A . 
D 3 CL    1   203 1   CL    CL  A . 
E 4 A1IUW 1   204 1   A1IUW RWA A . 
F 5 HOH   1   301 140 HOH   HOH A . 
F 5 HOH   2   302 88  HOH   HOH A . 
F 5 HOH   3   303 25  HOH   HOH A . 
F 5 HOH   4   304 98  HOH   HOH A . 
F 5 HOH   5   305 110 HOH   HOH A . 
F 5 HOH   6   306 94  HOH   HOH A . 
F 5 HOH   7   307 127 HOH   HOH A . 
F 5 HOH   8   308 67  HOH   HOH A . 
F 5 HOH   9   309 28  HOH   HOH A . 
F 5 HOH   10  310 102 HOH   HOH A . 
F 5 HOH   11  311 11  HOH   HOH A . 
F 5 HOH   12  312 103 HOH   HOH A . 
F 5 HOH   13  313 14  HOH   HOH A . 
F 5 HOH   14  314 64  HOH   HOH A . 
F 5 HOH   15  315 33  HOH   HOH A . 
F 5 HOH   16  316 39  HOH   HOH A . 
F 5 HOH   17  317 9   HOH   HOH A . 
F 5 HOH   18  318 57  HOH   HOH A . 
F 5 HOH   19  319 49  HOH   HOH A . 
F 5 HOH   20  320 52  HOH   HOH A . 
F 5 HOH   21  321 34  HOH   HOH A . 
F 5 HOH   22  322 85  HOH   HOH A . 
F 5 HOH   23  323 15  HOH   HOH A . 
F 5 HOH   24  324 23  HOH   HOH A . 
F 5 HOH   25  325 59  HOH   HOH A . 
F 5 HOH   26  326 89  HOH   HOH A . 
F 5 HOH   27  327 10  HOH   HOH A . 
F 5 HOH   28  328 44  HOH   HOH A . 
F 5 HOH   29  329 5   HOH   HOH A . 
F 5 HOH   30  330 104 HOH   HOH A . 
F 5 HOH   31  331 1   HOH   HOH A . 
F 5 HOH   32  332 6   HOH   HOH A . 
F 5 HOH   33  333 99  HOH   HOH A . 
F 5 HOH   34  334 17  HOH   HOH A . 
F 5 HOH   35  335 29  HOH   HOH A . 
F 5 HOH   36  336 87  HOH   HOH A . 
F 5 HOH   37  337 24  HOH   HOH A . 
F 5 HOH   38  338 22  HOH   HOH A . 
F 5 HOH   39  339 121 HOH   HOH A . 
F 5 HOH   40  340 2   HOH   HOH A . 
F 5 HOH   41  341 83  HOH   HOH A . 
F 5 HOH   42  342 16  HOH   HOH A . 
F 5 HOH   43  343 38  HOH   HOH A . 
F 5 HOH   44  344 20  HOH   HOH A . 
F 5 HOH   45  345 8   HOH   HOH A . 
F 5 HOH   46  346 70  HOH   HOH A . 
F 5 HOH   47  347 56  HOH   HOH A . 
F 5 HOH   48  348 13  HOH   HOH A . 
F 5 HOH   49  349 42  HOH   HOH A . 
F 5 HOH   50  350 134 HOH   HOH A . 
F 5 HOH   51  351 41  HOH   HOH A . 
F 5 HOH   52  352 30  HOH   HOH A . 
F 5 HOH   53  353 45  HOH   HOH A . 
F 5 HOH   54  354 32  HOH   HOH A . 
F 5 HOH   55  355 31  HOH   HOH A . 
F 5 HOH   56  356 129 HOH   HOH A . 
F 5 HOH   57  357 4   HOH   HOH A . 
F 5 HOH   58  358 3   HOH   HOH A . 
F 5 HOH   59  359 7   HOH   HOH A . 
F 5 HOH   60  360 95  HOH   HOH A . 
F 5 HOH   61  361 12  HOH   HOH A . 
F 5 HOH   62  362 143 HOH   HOH A . 
F 5 HOH   63  363 126 HOH   HOH A . 
F 5 HOH   64  364 19  HOH   HOH A . 
F 5 HOH   65  365 21  HOH   HOH A . 
F 5 HOH   66  366 47  HOH   HOH A . 
F 5 HOH   67  367 18  HOH   HOH A . 
F 5 HOH   68  368 43  HOH   HOH A . 
F 5 HOH   69  369 60  HOH   HOH A . 
F 5 HOH   70  370 61  HOH   HOH A . 
F 5 HOH   71  371 80  HOH   HOH A . 
F 5 HOH   72  372 71  HOH   HOH A . 
F 5 HOH   73  373 77  HOH   HOH A . 
F 5 HOH   74  374 97  HOH   HOH A . 
F 5 HOH   75  375 144 HOH   HOH A . 
F 5 HOH   76  376 37  HOH   HOH A . 
F 5 HOH   77  377 27  HOH   HOH A . 
F 5 HOH   78  378 51  HOH   HOH A . 
F 5 HOH   79  379 82  HOH   HOH A . 
F 5 HOH   80  380 92  HOH   HOH A . 
F 5 HOH   81  381 84  HOH   HOH A . 
F 5 HOH   82  382 26  HOH   HOH A . 
F 5 HOH   83  383 50  HOH   HOH A . 
F 5 HOH   84  384 123 HOH   HOH A . 
F 5 HOH   85  385 91  HOH   HOH A . 
F 5 HOH   86  386 66  HOH   HOH A . 
F 5 HOH   87  387 58  HOH   HOH A . 
F 5 HOH   88  388 46  HOH   HOH A . 
F 5 HOH   89  389 75  HOH   HOH A . 
F 5 HOH   90  390 74  HOH   HOH A . 
F 5 HOH   91  391 65  HOH   HOH A . 
F 5 HOH   92  392 69  HOH   HOH A . 
F 5 HOH   93  393 35  HOH   HOH A . 
F 5 HOH   94  394 147 HOH   HOH A . 
F 5 HOH   95  395 145 HOH   HOH A . 
F 5 HOH   96  396 128 HOH   HOH A . 
F 5 HOH   97  397 124 HOH   HOH A . 
F 5 HOH   98  398 109 HOH   HOH A . 
F 5 HOH   99  399 125 HOH   HOH A . 
F 5 HOH   100 400 81  HOH   HOH A . 
F 5 HOH   101 401 100 HOH   HOH A . 
F 5 HOH   102 402 130 HOH   HOH A . 
F 5 HOH   103 403 111 HOH   HOH A . 
F 5 HOH   104 404 135 HOH   HOH A . 
F 5 HOH   105 405 113 HOH   HOH A . 
F 5 HOH   106 406 73  HOH   HOH A . 
F 5 HOH   107 407 36  HOH   HOH A . 
F 5 HOH   108 408 63  HOH   HOH A . 
F 5 HOH   109 409 90  HOH   HOH A . 
F 5 HOH   110 410 138 HOH   HOH A . 
F 5 HOH   111 411 118 HOH   HOH A . 
F 5 HOH   112 412 131 HOH   HOH A . 
F 5 HOH   113 413 108 HOH   HOH A . 
F 5 HOH   114 414 76  HOH   HOH A . 
F 5 HOH   115 415 112 HOH   HOH A . 
F 5 HOH   116 416 93  HOH   HOH A . 
F 5 HOH   117 417 114 HOH   HOH A . 
F 5 HOH   118 418 136 HOH   HOH A . 
F 5 HOH   119 419 107 HOH   HOH A . 
F 5 HOH   120 420 78  HOH   HOH A . 
F 5 HOH   121 421 48  HOH   HOH A . 
F 5 HOH   122 422 141 HOH   HOH A . 
F 5 HOH   123 423 40  HOH   HOH A . 
F 5 HOH   124 424 122 HOH   HOH A . 
F 5 HOH   125 425 119 HOH   HOH A . 
F 5 HOH   126 426 53  HOH   HOH A . 
F 5 HOH   127 427 139 HOH   HOH A . 
F 5 HOH   128 428 146 HOH   HOH A . 
F 5 HOH   129 429 62  HOH   HOH A . 
F 5 HOH   130 430 142 HOH   HOH A . 
F 5 HOH   131 431 120 HOH   HOH A . 
F 5 HOH   132 432 137 HOH   HOH A . 
F 5 HOH   133 433 133 HOH   HOH A . 
F 5 HOH   134 434 116 HOH   HOH A . 
# 
loop_
_pdbx_unobs_or_zero_occ_atoms.id 
_pdbx_unobs_or_zero_occ_atoms.PDB_model_num 
_pdbx_unobs_or_zero_occ_atoms.polymer_flag 
_pdbx_unobs_or_zero_occ_atoms.occupancy_flag 
_pdbx_unobs_or_zero_occ_atoms.auth_asym_id 
_pdbx_unobs_or_zero_occ_atoms.auth_comp_id 
_pdbx_unobs_or_zero_occ_atoms.auth_seq_id 
_pdbx_unobs_or_zero_occ_atoms.PDB_ins_code 
_pdbx_unobs_or_zero_occ_atoms.auth_atom_id 
_pdbx_unobs_or_zero_occ_atoms.label_alt_id 
_pdbx_unobs_or_zero_occ_atoms.label_asym_id 
_pdbx_unobs_or_zero_occ_atoms.label_comp_id 
_pdbx_unobs_or_zero_occ_atoms.label_seq_id 
_pdbx_unobs_or_zero_occ_atoms.label_atom_id 
1  1 Y 1 A LYS 19  ? CD  ? A LYS 19  CD  
2  1 Y 1 A LYS 19  ? CE  ? A LYS 19  CE  
3  1 Y 1 A LYS 19  ? NZ  ? A LYS 19  NZ  
4  1 Y 1 A LYS 33  ? CE  ? A LYS 33  CE  
5  1 Y 1 A LYS 33  ? NZ  ? A LYS 33  NZ  
6  1 Y 1 A LYS 34  ? CD  ? A LYS 34  CD  
7  1 Y 1 A LYS 34  ? CE  ? A LYS 34  CE  
8  1 Y 1 A LYS 34  ? NZ  ? A LYS 34  NZ  
9  1 Y 1 A LYS 115 ? CE  ? A LYS 115 CE  
10 1 Y 1 A LYS 115 ? NZ  ? A LYS 115 NZ  
11 1 Y 1 A THR 118 ? CG2 ? A THR 118 CG2 
# 
loop_
_software.citation_id 
_software.classification 
_software.compiler_name 
_software.compiler_version 
_software.contact_author 
_software.contact_author_email 
_software.date 
_software.description 
_software.dependencies 
_software.hardware 
_software.language 
_software.location 
_software.mods 
_software.name 
_software.os 
_software.os_version 
_software.type 
_software.version 
_software.pdbx_ordinal 
? refinement        ? ? ? ? ? ? ? ? ? ? ? PHENIX      ? ? ? 1.21_5207 1 
? 'data scaling'    ? ? ? ? ? ? ? ? ? ? ? Aimless     ? ? ? .         2 
? 'data reduction'  ? ? ? ? ? ? ? ? ? ? ? XDS         ? ? ? .         3 
? phasing           ? ? ? ? ? ? ? ? ? ? ? PHASER      ? ? ? .         4 
? 'data extraction' ? ? ? ? ? ? ? ? ? ? ? PDB_EXTRACT ? ? ? .         5 
# 
_cell.angle_alpha                  90.00 
_cell.angle_alpha_esd              ? 
_cell.angle_beta                   90.00 
_cell.angle_beta_esd               ? 
_cell.angle_gamma                  120.00 
_cell.angle_gamma_esd              ? 
_cell.entry_id                     9HH8 
_cell.details                      ? 
_cell.formula_units_Z              ? 
_cell.length_a                     92.883 
_cell.length_a_esd                 ? 
_cell.length_b                     92.883 
_cell.length_b_esd                 ? 
_cell.length_c                     70.497 
_cell.length_c_esd                 ? 
_cell.volume                       ? 
_cell.volume_esd                   ? 
_cell.Z_PDB                        12 
_cell.reciprocal_angle_alpha       ? 
_cell.reciprocal_angle_beta        ? 
_cell.reciprocal_angle_gamma       ? 
_cell.reciprocal_angle_alpha_esd   ? 
_cell.reciprocal_angle_beta_esd    ? 
_cell.reciprocal_angle_gamma_esd   ? 
_cell.reciprocal_length_a          ? 
_cell.reciprocal_length_b          ? 
_cell.reciprocal_length_c          ? 
_cell.reciprocal_length_a_esd      ? 
_cell.reciprocal_length_b_esd      ? 
_cell.reciprocal_length_c_esd      ? 
_cell.pdbx_unique_axis             ? 
_cell.pdbx_esd_method              ? 
# 
_symmetry.entry_id                         9HH8 
_symmetry.cell_setting                     ? 
_symmetry.Int_Tables_number                180 
_symmetry.space_group_name_Hall            ? 
_symmetry.space_group_name_H-M             'P 62 2 2' 
_symmetry.pdbx_full_space_group_name_H-M   ? 
# 
_exptl.absorpt_coefficient_mu     ? 
_exptl.absorpt_correction_T_max   ? 
_exptl.absorpt_correction_T_min   ? 
_exptl.absorpt_correction_type    ? 
_exptl.absorpt_process_details    ? 
_exptl.entry_id                   9HH8 
_exptl.crystals_number            1 
_exptl.details                    ? 
_exptl.method                     'X-RAY DIFFRACTION' 
_exptl.method_details             ? 
# 
_exptl_crystal.colour                       ? 
_exptl_crystal.density_diffrn               ? 
_exptl_crystal.density_Matthews             2.89 
_exptl_crystal.density_method               ? 
_exptl_crystal.density_percent_sol          57.51 
_exptl_crystal.description                  ? 
_exptl_crystal.F_000                        ? 
_exptl_crystal.id                           1 
_exptl_crystal.preparation                  ? 
_exptl_crystal.size_max                     ? 
_exptl_crystal.size_mid                     ? 
_exptl_crystal.size_min                     ? 
_exptl_crystal.size_rad                     ? 
_exptl_crystal.colour_lustre                ? 
_exptl_crystal.colour_modifier              ? 
_exptl_crystal.colour_primary               ? 
_exptl_crystal.density_meas                 ? 
_exptl_crystal.density_meas_esd             ? 
_exptl_crystal.density_meas_gt              ? 
_exptl_crystal.density_meas_lt              ? 
_exptl_crystal.density_meas_temp            ? 
_exptl_crystal.density_meas_temp_esd        ? 
_exptl_crystal.density_meas_temp_gt         ? 
_exptl_crystal.density_meas_temp_lt         ? 
_exptl_crystal.pdbx_crystal_image_url       ? 
_exptl_crystal.pdbx_crystal_image_format    ? 
_exptl_crystal.pdbx_mosaicity               ? 
_exptl_crystal.pdbx_mosaicity_esd           ? 
_exptl_crystal.pdbx_mosaic_method           ? 
_exptl_crystal.pdbx_mosaic_block_size       ? 
_exptl_crystal.pdbx_mosaic_block_size_esd   ? 
# 
_exptl_crystal_grow.apparatus       ? 
_exptl_crystal_grow.atmosphere      ? 
_exptl_crystal_grow.crystal_id      1 
_exptl_crystal_grow.details         ? 
_exptl_crystal_grow.method          'VAPOR DIFFUSION, SITTING DROP' 
_exptl_crystal_grow.method_ref      ? 
_exptl_crystal_grow.pH              ? 
_exptl_crystal_grow.pressure        ? 
_exptl_crystal_grow.pressure_esd    ? 
_exptl_crystal_grow.seeding         ? 
_exptl_crystal_grow.seeding_ref     ? 
_exptl_crystal_grow.temp_details    ? 
_exptl_crystal_grow.temp_esd        ? 
_exptl_crystal_grow.time            ? 
_exptl_crystal_grow.pdbx_details    '35% PEG 3350, 0.4 M LiSO4, Tris pH 7.5' 
_exptl_crystal_grow.pdbx_pH_range   ? 
_exptl_crystal_grow.temp            277 
# 
_diffrn.ambient_environment              ? 
_diffrn.ambient_temp                     100 
_diffrn.ambient_temp_details             ? 
_diffrn.ambient_temp_esd                 ? 
_diffrn.crystal_id                       1 
_diffrn.crystal_support                  ? 
_diffrn.crystal_treatment                ? 
_diffrn.details                          ? 
_diffrn.id                               1 
_diffrn.ambient_pressure                 ? 
_diffrn.ambient_pressure_esd             ? 
_diffrn.ambient_pressure_gt              ? 
_diffrn.ambient_pressure_lt              ? 
_diffrn.ambient_temp_gt                  ? 
_diffrn.ambient_temp_lt                  ? 
_diffrn.pdbx_serial_crystal_experiment   N 
# 
_diffrn_detector.details                      ? 
_diffrn_detector.detector                     PIXEL 
_diffrn_detector.diffrn_id                    1 
_diffrn_detector.type                         'DECTRIS EIGER X 16M' 
_diffrn_detector.area_resol_mean              ? 
_diffrn_detector.dtime                        ? 
_diffrn_detector.pdbx_frames_total            ? 
_diffrn_detector.pdbx_collection_time_total   ? 
_diffrn_detector.pdbx_collection_date         2022-06-23 
_diffrn_detector.pdbx_frequency               ? 
_diffrn_detector.id                           ? 
_diffrn_detector.number_of_axes               ? 
# 
_diffrn_radiation.collimation                      ? 
_diffrn_radiation.diffrn_id                        1 
_diffrn_radiation.filter_edge                      ? 
_diffrn_radiation.inhomogeneity                    ? 
_diffrn_radiation.monochromator                    ? 
_diffrn_radiation.polarisn_norm                    ? 
_diffrn_radiation.polarisn_ratio                   ? 
_diffrn_radiation.probe                            ? 
_diffrn_radiation.type                             ? 
_diffrn_radiation.xray_symbol                      ? 
_diffrn_radiation.wavelength_id                    1 
_diffrn_radiation.pdbx_monochromatic_or_laue_m_l   M 
_diffrn_radiation.pdbx_wavelength_list             ? 
_diffrn_radiation.pdbx_wavelength                  ? 
_diffrn_radiation.pdbx_diffrn_protocol             'SINGLE WAVELENGTH' 
_diffrn_radiation.pdbx_analyzer                    ? 
_diffrn_radiation.pdbx_scattering_type             x-ray 
# 
_diffrn_radiation_wavelength.id           1 
_diffrn_radiation_wavelength.wavelength   0.999987 
_diffrn_radiation_wavelength.wt           1.0 
# 
_diffrn_source.current                     ? 
_diffrn_source.details                     ? 
_diffrn_source.diffrn_id                   1 
_diffrn_source.power                       ? 
_diffrn_source.size                        ? 
_diffrn_source.source                      SYNCHROTRON 
_diffrn_source.target                      ? 
_diffrn_source.type                        'SLS BEAMLINE X06SA' 
_diffrn_source.voltage                     ? 
_diffrn_source.take-off_angle              ? 
_diffrn_source.pdbx_wavelength_list        0.999987 
_diffrn_source.pdbx_wavelength             ? 
_diffrn_source.pdbx_synchrotron_beamline   X06SA 
_diffrn_source.pdbx_synchrotron_site       SLS 
# 
_reflns.B_iso_Wilson_estimate                          ? 
_reflns.entry_id                                       9HH8 
_reflns.data_reduction_details                         ? 
_reflns.data_reduction_method                          ? 
_reflns.d_resolution_high                              1.61 
_reflns.d_resolution_low                               46.44 
_reflns.details                                        ? 
_reflns.limit_h_max                                    ? 
_reflns.limit_h_min                                    ? 
_reflns.limit_k_max                                    ? 
_reflns.limit_k_min                                    ? 
_reflns.limit_l_max                                    ? 
_reflns.limit_l_min                                    ? 
_reflns.number_all                                     ? 
_reflns.number_obs                                     23916 
_reflns.observed_criterion                             ? 
_reflns.observed_criterion_F_max                       ? 
_reflns.observed_criterion_F_min                       ? 
_reflns.observed_criterion_I_max                       ? 
_reflns.observed_criterion_I_min                       ? 
_reflns.observed_criterion_sigma_F                     ? 
_reflns.observed_criterion_sigma_I                     ? 
_reflns.percent_possible_obs                           99.9 
_reflns.R_free_details                                 ? 
_reflns.Rmerge_F_all                                   ? 
_reflns.Rmerge_F_obs                                   ? 
_reflns.Friedel_coverage                               ? 
_reflns.number_gt                                      ? 
_reflns.threshold_expression                           ? 
_reflns.pdbx_redundancy                                39.1 
_reflns.pdbx_netI_over_av_sigmaI                       ? 
_reflns.pdbx_netI_over_sigmaI                          34.4 
_reflns.pdbx_res_netI_over_av_sigmaI_2                 ? 
_reflns.pdbx_res_netI_over_sigmaI_2                    ? 
_reflns.pdbx_chi_squared                               0.99 
_reflns.pdbx_scaling_rejects                           ? 
_reflns.pdbx_d_res_high_opt                            ? 
_reflns.pdbx_d_res_low_opt                             ? 
_reflns.pdbx_d_res_opt_method                          ? 
_reflns.phase_calculation_details                      ? 
_reflns.pdbx_Rrim_I_all                                0.064 
_reflns.pdbx_Rpim_I_all                                0.010 
_reflns.pdbx_d_opt                                     ? 
_reflns.pdbx_number_measured_all                       ? 
_reflns.pdbx_diffrn_id                                 1 
_reflns.pdbx_ordinal                                   1 
_reflns.pdbx_CC_half                                   1.000 
_reflns.pdbx_CC_star                                   ? 
_reflns.pdbx_R_split                                   ? 
_reflns.pdbx_Rmerge_I_obs                              0.063 
_reflns.pdbx_Rmerge_I_all                              ? 
_reflns.pdbx_Rsym_value                                ? 
_reflns.pdbx_CC_split_method                           ? 
_reflns.pdbx_aniso_diffraction_limit_axis_1_ortho[1]   ? 
_reflns.pdbx_aniso_diffraction_limit_axis_1_ortho[2]   ? 
_reflns.pdbx_aniso_diffraction_limit_axis_1_ortho[3]   ? 
_reflns.pdbx_aniso_diffraction_limit_axis_2_ortho[1]   ? 
_reflns.pdbx_aniso_diffraction_limit_axis_2_ortho[2]   ? 
_reflns.pdbx_aniso_diffraction_limit_axis_2_ortho[3]   ? 
_reflns.pdbx_aniso_diffraction_limit_axis_3_ortho[1]   ? 
_reflns.pdbx_aniso_diffraction_limit_axis_3_ortho[2]   ? 
_reflns.pdbx_aniso_diffraction_limit_axis_3_ortho[3]   ? 
_reflns.pdbx_aniso_diffraction_limit_1                 ? 
_reflns.pdbx_aniso_diffraction_limit_2                 ? 
_reflns.pdbx_aniso_diffraction_limit_3                 ? 
_reflns.pdbx_aniso_B_tensor_eigenvector_1_ortho[1]     ? 
_reflns.pdbx_aniso_B_tensor_eigenvector_1_ortho[2]     ? 
_reflns.pdbx_aniso_B_tensor_eigenvector_1_ortho[3]     ? 
_reflns.pdbx_aniso_B_tensor_eigenvector_2_ortho[1]     ? 
_reflns.pdbx_aniso_B_tensor_eigenvector_2_ortho[2]     ? 
_reflns.pdbx_aniso_B_tensor_eigenvector_2_ortho[3]     ? 
_reflns.pdbx_aniso_B_tensor_eigenvector_3_ortho[1]     ? 
_reflns.pdbx_aniso_B_tensor_eigenvector_3_ortho[2]     ? 
_reflns.pdbx_aniso_B_tensor_eigenvector_3_ortho[3]     ? 
_reflns.pdbx_aniso_B_tensor_eigenvalue_1               ? 
_reflns.pdbx_aniso_B_tensor_eigenvalue_2               ? 
_reflns.pdbx_aniso_B_tensor_eigenvalue_3               ? 
_reflns.pdbx_orthogonalization_convention              ? 
_reflns.pdbx_percent_possible_ellipsoidal              ? 
_reflns.pdbx_percent_possible_spherical                ? 
_reflns.pdbx_percent_possible_ellipsoidal_anomalous    ? 
_reflns.pdbx_percent_possible_spherical_anomalous      ? 
_reflns.pdbx_redundancy_anomalous                      ? 
_reflns.pdbx_CC_half_anomalous                         ? 
_reflns.pdbx_absDiff_over_sigma_anomalous              ? 
_reflns.pdbx_percent_possible_anomalous                ? 
_reflns.pdbx_observed_signal_threshold                 ? 
_reflns.pdbx_signal_type                               ? 
_reflns.pdbx_signal_details                            ? 
_reflns.pdbx_signal_software_id                        ? 
# 
_reflns_shell.d_res_high                                    1.61 
_reflns_shell.d_res_low                                     1.63 
_reflns_shell.meanI_over_sigI_all                           ? 
_reflns_shell.meanI_over_sigI_obs                           ? 
_reflns_shell.number_measured_all                           41678 
_reflns_shell.number_measured_obs                           ? 
_reflns_shell.number_possible                               ? 
_reflns_shell.number_unique_all                             ? 
_reflns_shell.number_unique_obs                             1122 
_reflns_shell.percent_possible_obs                          98.3 
_reflns_shell.Rmerge_F_all                                  ? 
_reflns_shell.Rmerge_F_obs                                  ? 
_reflns_shell.meanI_over_sigI_gt                            ? 
_reflns_shell.meanI_over_uI_all                             ? 
_reflns_shell.meanI_over_uI_gt                              ? 
_reflns_shell.number_measured_gt                            ? 
_reflns_shell.number_unique_gt                              ? 
_reflns_shell.percent_possible_gt                           ? 
_reflns_shell.Rmerge_F_gt                                   ? 
_reflns_shell.Rmerge_I_gt                                   ? 
_reflns_shell.pdbx_redundancy                               37.1 
_reflns_shell.pdbx_chi_squared                              0.96 
_reflns_shell.pdbx_netI_over_sigmaI_all                     ? 
_reflns_shell.pdbx_netI_over_sigmaI_obs                     1.5 
_reflns_shell.pdbx_Rrim_I_all                               3.135 
_reflns_shell.pdbx_Rpim_I_all                               0.506 
_reflns_shell.pdbx_rejects                                  ? 
_reflns_shell.pdbx_ordinal                                  1 
_reflns_shell.pdbx_diffrn_id                                1 
_reflns_shell.pdbx_CC_half                                  0.854 
_reflns_shell.pdbx_CC_star                                  ? 
_reflns_shell.pdbx_R_split                                  ? 
_reflns_shell.percent_possible_all                          ? 
_reflns_shell.Rmerge_I_all                                  ? 
_reflns_shell.Rmerge_I_obs                                  3.092 
_reflns_shell.pdbx_Rsym_value                               ? 
_reflns_shell.pdbx_percent_possible_ellipsoidal             ? 
_reflns_shell.pdbx_percent_possible_spherical               ? 
_reflns_shell.pdbx_percent_possible_ellipsoidal_anomalous   ? 
_reflns_shell.pdbx_percent_possible_spherical_anomalous     ? 
_reflns_shell.pdbx_redundancy_anomalous                     ? 
_reflns_shell.pdbx_CC_half_anomalous                        ? 
_reflns_shell.pdbx_absDiff_over_sigma_anomalous             ? 
_reflns_shell.pdbx_percent_possible_anomalous               ? 
# 
_refine.aniso_B[1][1]                            ? 
_refine.aniso_B[1][2]                            ? 
_refine.aniso_B[1][3]                            ? 
_refine.aniso_B[2][2]                            ? 
_refine.aniso_B[2][3]                            ? 
_refine.aniso_B[3][3]                            ? 
_refine.B_iso_max                                ? 
_refine.B_iso_mean                               ? 
_refine.B_iso_min                                ? 
_refine.correlation_coeff_Fo_to_Fc               ? 
_refine.correlation_coeff_Fo_to_Fc_free          ? 
_refine.details                                  ? 
_refine.diff_density_max                         ? 
_refine.diff_density_max_esd                     ? 
_refine.diff_density_min                         ? 
_refine.diff_density_min_esd                     ? 
_refine.diff_density_rms                         ? 
_refine.diff_density_rms_esd                     ? 
_refine.entry_id                                 9HH8 
_refine.pdbx_refine_id                           'X-RAY DIFFRACTION' 
_refine.ls_abs_structure_details                 ? 
_refine.ls_abs_structure_Flack                   ? 
_refine.ls_abs_structure_Flack_esd               ? 
_refine.ls_abs_structure_Rogers                  ? 
_refine.ls_abs_structure_Rogers_esd              ? 
_refine.ls_d_res_high                            1.61 
_refine.ls_d_res_low                             46.44 
_refine.ls_extinction_coef                       ? 
_refine.ls_extinction_coef_esd                   ? 
_refine.ls_extinction_expression                 ? 
_refine.ls_extinction_method                     ? 
_refine.ls_goodness_of_fit_all                   ? 
_refine.ls_goodness_of_fit_all_esd               ? 
_refine.ls_goodness_of_fit_obs                   ? 
_refine.ls_goodness_of_fit_obs_esd               ? 
_refine.ls_hydrogen_treatment                    ? 
_refine.ls_matrix_type                           ? 
_refine.ls_number_constraints                    ? 
_refine.ls_number_parameters                     ? 
_refine.ls_number_reflns_all                     ? 
_refine.ls_number_reflns_obs                     23856 
_refine.ls_number_reflns_R_free                  1177 
_refine.ls_number_reflns_R_work                  ? 
_refine.ls_number_restraints                     ? 
_refine.ls_percent_reflns_obs                    99.75 
_refine.ls_percent_reflns_R_free                 4.93 
_refine.ls_R_factor_all                          ? 
_refine.ls_R_factor_obs                          0.1940 
_refine.ls_R_factor_R_free                       0.2160 
_refine.ls_R_factor_R_free_error                 ? 
_refine.ls_R_factor_R_free_error_details         ? 
_refine.ls_R_factor_R_work                       0.1928 
_refine.ls_R_Fsqd_factor_obs                     ? 
_refine.ls_R_I_factor_obs                        ? 
_refine.ls_redundancy_reflns_all                 ? 
_refine.ls_redundancy_reflns_obs                 ? 
_refine.ls_restrained_S_all                      ? 
_refine.ls_restrained_S_obs                      ? 
_refine.ls_shift_over_esd_max                    ? 
_refine.ls_shift_over_esd_mean                   ? 
_refine.ls_structure_factor_coef                 ? 
_refine.ls_weighting_details                     ? 
_refine.ls_weighting_scheme                      ? 
_refine.ls_wR_factor_all                         ? 
_refine.ls_wR_factor_obs                         ? 
_refine.ls_wR_factor_R_free                      ? 
_refine.ls_wR_factor_R_work                      ? 
_refine.occupancy_max                            ? 
_refine.occupancy_min                            ? 
_refine.solvent_model_details                    'FLAT BULK SOLVENT MODEL' 
_refine.solvent_model_param_bsol                 ? 
_refine.solvent_model_param_ksol                 ? 
_refine.pdbx_R_complete                          ? 
_refine.ls_R_factor_gt                           ? 
_refine.ls_goodness_of_fit_gt                    ? 
_refine.ls_goodness_of_fit_ref                   ? 
_refine.ls_shift_over_su_max                     ? 
_refine.ls_shift_over_su_max_lt                  ? 
_refine.ls_shift_over_su_mean                    ? 
_refine.ls_shift_over_su_mean_lt                 ? 
_refine.pdbx_ls_sigma_I                          ? 
_refine.pdbx_ls_sigma_F                          1.34 
_refine.pdbx_ls_sigma_Fsqd                       ? 
_refine.pdbx_data_cutoff_high_absF               ? 
_refine.pdbx_data_cutoff_high_rms_absF           ? 
_refine.pdbx_data_cutoff_low_absF                ? 
_refine.pdbx_isotropic_thermal_model             ? 
_refine.pdbx_ls_cross_valid_method               'FREE R-VALUE' 
_refine.pdbx_method_to_determine_struct          'MOLECULAR REPLACEMENT' 
_refine.pdbx_starting_model                      ? 
_refine.pdbx_stereochemistry_target_values       ML 
_refine.pdbx_R_Free_selection_details            ? 
_refine.pdbx_stereochem_target_val_spec_case     ? 
_refine.pdbx_overall_ESU_R                       ? 
_refine.pdbx_overall_ESU_R_Free                  ? 
_refine.pdbx_solvent_vdw_probe_radii             1.10 
_refine.pdbx_solvent_ion_probe_radii             ? 
_refine.pdbx_solvent_shrinkage_radii             0.90 
_refine.pdbx_real_space_R                        ? 
_refine.pdbx_density_correlation                 ? 
_refine.pdbx_pd_number_of_powder_patterns        ? 
_refine.pdbx_pd_number_of_points                 ? 
_refine.pdbx_pd_meas_number_of_points            ? 
_refine.pdbx_pd_proc_ls_prof_R_factor            ? 
_refine.pdbx_pd_proc_ls_prof_wR_factor           ? 
_refine.pdbx_pd_Marquardt_correlation_coeff      ? 
_refine.pdbx_pd_Fsqrd_R_factor                   ? 
_refine.pdbx_pd_ls_matrix_band_width             ? 
_refine.pdbx_overall_phase_error                 31.66 
_refine.pdbx_overall_SU_R_free_Cruickshank_DPI   ? 
_refine.pdbx_overall_SU_R_free_Blow_DPI          ? 
_refine.pdbx_overall_SU_R_Blow_DPI               ? 
_refine.pdbx_TLS_residual_ADP_flag               ? 
_refine.pdbx_diffrn_id                           1 
_refine.overall_SU_B                             ? 
_refine.overall_SU_ML                            0.20 
_refine.overall_SU_R_Cruickshank_DPI             ? 
_refine.overall_SU_R_free                        ? 
_refine.overall_FOM_free_R_set                   ? 
_refine.overall_FOM_work_R_set                   ? 
_refine.pdbx_average_fsc_overall                 ? 
_refine.pdbx_average_fsc_work                    ? 
_refine.pdbx_average_fsc_free                    ? 
# 
_refine_hist.pdbx_refine_id                   'X-RAY DIFFRACTION' 
_refine_hist.cycle_id                         LAST 
_refine_hist.details                          ? 
_refine_hist.d_res_high                       1.61 
_refine_hist.d_res_low                        46.44 
_refine_hist.number_atoms_solvent             134 
_refine_hist.number_atoms_total               1119 
_refine_hist.number_reflns_all                ? 
_refine_hist.number_reflns_obs                ? 
_refine_hist.number_reflns_R_free             ? 
_refine_hist.number_reflns_R_work             ? 
_refine_hist.R_factor_all                     ? 
_refine_hist.R_factor_obs                     ? 
_refine_hist.R_factor_R_free                  ? 
_refine_hist.R_factor_R_work                  ? 
_refine_hist.pdbx_number_residues_total       ? 
_refine_hist.pdbx_B_iso_mean_ligand           ? 
_refine_hist.pdbx_B_iso_mean_solvent          ? 
_refine_hist.pdbx_number_atoms_protein        952 
_refine_hist.pdbx_number_atoms_nucleic_acid   0 
_refine_hist.pdbx_number_atoms_ligand         33 
_refine_hist.pdbx_number_atoms_lipid          ? 
_refine_hist.pdbx_number_atoms_carb           ? 
_refine_hist.pdbx_pseudo_atom_details         ? 
# 
loop_
_refine_ls_restr.pdbx_refine_id 
_refine_ls_restr.criterion 
_refine_ls_restr.dev_ideal 
_refine_ls_restr.dev_ideal_target 
_refine_ls_restr.number 
_refine_ls_restr.rejects 
_refine_ls_restr.type 
_refine_ls_restr.weight 
_refine_ls_restr.pdbx_restraint_function 
'X-RAY DIFFRACTION' ? 0.015  ? 1030 ? f_bond_d           ? ? 
'X-RAY DIFFRACTION' ? 1.142  ? 1404 ? f_angle_d          ? ? 
'X-RAY DIFFRACTION' ? 13.936 ? 380  ? f_dihedral_angle_d ? ? 
'X-RAY DIFFRACTION' ? 0.068  ? 150  ? f_chiral_restr     ? ? 
'X-RAY DIFFRACTION' ? 0.008  ? 196  ? f_plane_restr      ? ? 
# 
loop_
_refine_ls_shell.pdbx_refine_id 
_refine_ls_shell.d_res_high 
_refine_ls_shell.d_res_low 
_refine_ls_shell.number_reflns_all 
_refine_ls_shell.number_reflns_obs 
_refine_ls_shell.number_reflns_R_free 
_refine_ls_shell.number_reflns_R_work 
_refine_ls_shell.percent_reflns_obs 
_refine_ls_shell.percent_reflns_R_free 
_refine_ls_shell.R_factor_all 
_refine_ls_shell.R_factor_obs 
_refine_ls_shell.R_factor_R_free_error 
_refine_ls_shell.R_factor_R_work 
_refine_ls_shell.redundancy_reflns_all 
_refine_ls_shell.redundancy_reflns_obs 
_refine_ls_shell.wR_factor_all 
_refine_ls_shell.wR_factor_obs 
_refine_ls_shell.wR_factor_R_free 
_refine_ls_shell.wR_factor_R_work 
_refine_ls_shell.pdbx_R_complete 
_refine_ls_shell.pdbx_total_number_of_bins_used 
_refine_ls_shell.pdbx_phase_error 
_refine_ls_shell.pdbx_fsc_work 
_refine_ls_shell.pdbx_fsc_free 
_refine_ls_shell.R_factor_R_free 
'X-RAY DIFFRACTION' 1.61 1.68  . . 151 2735 99.00  . . . . 0.3159 . . . . . . . . . . . 0.3322 
'X-RAY DIFFRACTION' 1.68 1.77  . . 138 2789 100.00 . . . . 0.2760 . . . . . . . . . . . 0.3564 
'X-RAY DIFFRACTION' 1.77 1.88  . . 146 2784 100.00 . . . . 0.2866 . . . . . . . . . . . 0.3422 
'X-RAY DIFFRACTION' 1.88 2.02  . . 147 2793 100.00 . . . . 0.2393 . . . . . . . . . . . 0.2895 
'X-RAY DIFFRACTION' 2.02 2.23  . . 150 2800 100.00 . . . . 0.2095 . . . . . . . . . . . 0.2286 
'X-RAY DIFFRACTION' 2.23 2.55  . . 143 2842 100.00 . . . . 0.2075 . . . . . . . . . . . 0.2688 
'X-RAY DIFFRACTION' 2.55 3.21  . . 151 2877 100.00 . . . . 0.1996 . . . . . . . . . . . 0.2262 
'X-RAY DIFFRACTION' 3.21 46.44 . . 151 3059 100.00 . . . . 0.1582 . . . . . . . . . . . 0.1590 
# 
_struct.entry_id                     9HH8 
_struct.title                        'Crystal Structure of the Plasmodium vivax Bromodomain PvBDP1 in complex with RMM23' 
_struct.pdbx_model_details           ? 
_struct.pdbx_formula_weight          ? 
_struct.pdbx_formula_weight_method   ? 
_struct.pdbx_model_type_details      ? 
_struct.pdbx_CASP_flag               N 
# 
_struct_keywords.entry_id        9HH8 
_struct_keywords.text            'plasmodium, bromodomain, inhibitor, complex, TRANSCRIPTION' 
_struct_keywords.pdbx_keywords   TRANSCRIPTION 
# 
loop_
_struct_asym.id 
_struct_asym.pdbx_blank_PDB_chainid_flag 
_struct_asym.pdbx_modified 
_struct_asym.entity_id 
_struct_asym.details 
A N N 1 ? 
B N N 2 ? 
C N N 2 ? 
D N N 3 ? 
E N N 4 ? 
F N N 5 ? 
# 
_struct_ref.id                         1 
_struct_ref.db_name                    UNP 
_struct_ref.db_code                    A5KDW3_PLAVS 
_struct_ref.pdbx_db_accession          A5KDW3 
_struct_ref.pdbx_db_isoform            ? 
_struct_ref.entity_id                  1 
_struct_ref.pdbx_seq_one_letter_code   
;FNKQWYLLANQIIQSLSKYEGGHIFEKLVDAKKQNCPDYYDVIKNPMSFSCVKTKLKKGQYGLPTEFIKDVQLIFDNCSL
YNTSGSLVAITGKNIEAYFNNQLIVTGYNNFVTKANTINERLQKVEDEN
;
_struct_ref.pdbx_align_begin           318 
# 
_struct_ref_seq.align_id                      1 
_struct_ref_seq.ref_id                        1 
_struct_ref_seq.pdbx_PDB_id_code              9HH8 
_struct_ref_seq.pdbx_strand_id                A 
_struct_ref_seq.seq_align_beg                 2 
_struct_ref_seq.pdbx_seq_align_beg_ins_code   ? 
_struct_ref_seq.seq_align_end                 130 
_struct_ref_seq.pdbx_seq_align_end_ins_code   ? 
_struct_ref_seq.pdbx_db_accession             A5KDW3 
_struct_ref_seq.db_align_beg                  318 
_struct_ref_seq.pdbx_db_align_beg_ins_code    ? 
_struct_ref_seq.db_align_end                  446 
_struct_ref_seq.pdbx_db_align_end_ins_code    ? 
_struct_ref_seq.pdbx_auth_seq_align_beg       2 
_struct_ref_seq.pdbx_auth_seq_align_end       130 
# 
loop_
_struct_ref_seq_dif.align_id 
_struct_ref_seq_dif.pdbx_pdb_id_code 
_struct_ref_seq_dif.mon_id 
_struct_ref_seq_dif.pdbx_pdb_strand_id 
_struct_ref_seq_dif.seq_num 
_struct_ref_seq_dif.pdbx_pdb_ins_code 
_struct_ref_seq_dif.pdbx_seq_db_name 
_struct_ref_seq_dif.pdbx_seq_db_accession_code 
_struct_ref_seq_dif.db_mon_id 
_struct_ref_seq_dif.pdbx_seq_db_seq_num 
_struct_ref_seq_dif.details 
_struct_ref_seq_dif.pdbx_auth_seq_num 
_struct_ref_seq_dif.pdbx_ordinal 
1 9HH8 SER A 1   ? UNP A5KDW3 ? ? 'expression tag' 1   1 
1 9HH8 LEU A 131 ? UNP A5KDW3 ? ? 'expression tag' 131 2 
1 9HH8 GLU A 132 ? UNP A5KDW3 ? ? 'expression tag' 132 3 
# 
_pdbx_struct_assembly.id                   1 
_pdbx_struct_assembly.details              author_defined_assembly 
_pdbx_struct_assembly.method_details       ? 
_pdbx_struct_assembly.oligomeric_details   monomeric 
_pdbx_struct_assembly.oligomeric_count     1 
# 
loop_
_pdbx_struct_assembly_prop.biol_id 
_pdbx_struct_assembly_prop.type 
_pdbx_struct_assembly_prop.value 
_pdbx_struct_assembly_prop.details 
1 'ABSA (A^2)' 320  ? 
1 MORE         -22  ? 
1 'SSA (A^2)'  7100 ? 
# 
_pdbx_struct_assembly_gen.assembly_id       1 
_pdbx_struct_assembly_gen.oper_expression   1 
_pdbx_struct_assembly_gen.asym_id_list      A,B,C,D,E,F 
# 
_pdbx_struct_assembly_auth_evidence.id                     1 
_pdbx_struct_assembly_auth_evidence.assembly_id            1 
_pdbx_struct_assembly_auth_evidence.experimental_support   'gel filtration' 
_pdbx_struct_assembly_auth_evidence.details                ? 
# 
_pdbx_struct_oper_list.id                   1 
_pdbx_struct_oper_list.type                 'identity operation' 
_pdbx_struct_oper_list.name                 1_555 
_pdbx_struct_oper_list.symmetry_operation   x,y,z 
_pdbx_struct_oper_list.matrix[1][1]         1.0000000000 
_pdbx_struct_oper_list.matrix[1][2]         0.0000000000 
_pdbx_struct_oper_list.matrix[1][3]         0.0000000000 
_pdbx_struct_oper_list.vector[1]            0.0000000000 
_pdbx_struct_oper_list.matrix[2][1]         0.0000000000 
_pdbx_struct_oper_list.matrix[2][2]         1.0000000000 
_pdbx_struct_oper_list.matrix[2][3]         0.0000000000 
_pdbx_struct_oper_list.vector[2]            0.0000000000 
_pdbx_struct_oper_list.matrix[3][1]         0.0000000000 
_pdbx_struct_oper_list.matrix[3][2]         0.0000000000 
_pdbx_struct_oper_list.matrix[3][3]         1.0000000000 
_pdbx_struct_oper_list.vector[3]            0.0000000000 
# 
loop_
_struct_conf.conf_type_id 
_struct_conf.id 
_struct_conf.pdbx_PDB_helix_id 
_struct_conf.beg_label_comp_id 
_struct_conf.beg_label_asym_id 
_struct_conf.beg_label_seq_id 
_struct_conf.pdbx_beg_PDB_ins_code 
_struct_conf.end_label_comp_id 
_struct_conf.end_label_asym_id 
_struct_conf.end_label_seq_id 
_struct_conf.pdbx_end_PDB_ins_code 
_struct_conf.beg_auth_comp_id 
_struct_conf.beg_auth_asym_id 
_struct_conf.beg_auth_seq_id 
_struct_conf.end_auth_comp_id 
_struct_conf.end_auth_asym_id 
_struct_conf.end_auth_seq_id 
_struct_conf.pdbx_PDB_helix_class 
_struct_conf.details 
_struct_conf.pdbx_PDB_helix_length 
HELX_P HELX_P1 AA1 SER A 1   ? TYR A 20  ? SER A 1   TYR A 20  1 ? 20 
HELX_P HELX_P2 AA2 GLY A 22  ? GLU A 27  ? GLY A 22  GLU A 27  5 ? 6  
HELX_P HELX_P3 AA3 ASP A 39  ? ILE A 44  ? ASP A 39  ILE A 44  1 ? 6  
HELX_P HELX_P4 AA4 SER A 49  ? GLY A 60  ? SER A 49  GLY A 60  1 ? 12 
HELX_P HELX_P5 AA5 LEU A 64  ? ASN A 83  ? LEU A 64  ASN A 83  1 ? 20 
HELX_P HELX_P6 AA6 SER A 87  ? THR A 107 ? SER A 87  THR A 107 1 ? 21 
HELX_P HELX_P7 AA7 GLY A 108 ? ASN A 120 ? GLY A 108 ASN A 120 1 ? 13 
# 
_struct_conf_type.id          HELX_P 
_struct_conf_type.criteria    ? 
_struct_conf_type.reference   ? 
# 
_pdbx_entry_details.entry_id                   9HH8 
_pdbx_entry_details.nonpolymer_details         ? 
_pdbx_entry_details.sequence_details           ? 
_pdbx_entry_details.compound_details           ? 
_pdbx_entry_details.source_details             ? 
_pdbx_entry_details.has_ligand_of_interest     Y 
_pdbx_entry_details.has_protein_modification   N 
# 
_pdbx_validate_close_contact.id               1 
_pdbx_validate_close_contact.PDB_model_num    1 
_pdbx_validate_close_contact.auth_atom_id_1   OE1 
_pdbx_validate_close_contact.auth_asym_id_1   A 
_pdbx_validate_close_contact.auth_comp_id_1   GLN 
_pdbx_validate_close_contact.auth_seq_id_1    35 
_pdbx_validate_close_contact.PDB_ins_code_1   ? 
_pdbx_validate_close_contact.label_alt_id_1   B 
_pdbx_validate_close_contact.auth_atom_id_2   O 
_pdbx_validate_close_contact.auth_asym_id_2   A 
_pdbx_validate_close_contact.auth_comp_id_2   HOH 
_pdbx_validate_close_contact.auth_seq_id_2    301 
_pdbx_validate_close_contact.PDB_ins_code_2   ? 
_pdbx_validate_close_contact.label_alt_id_2   ? 
_pdbx_validate_close_contact.dist             2.05 
# 
loop_
_pdbx_validate_symm_contact.id 
_pdbx_validate_symm_contact.PDB_model_num 
_pdbx_validate_symm_contact.auth_atom_id_1 
_pdbx_validate_symm_contact.auth_asym_id_1 
_pdbx_validate_symm_contact.auth_comp_id_1 
_pdbx_validate_symm_contact.auth_seq_id_1 
_pdbx_validate_symm_contact.PDB_ins_code_1 
_pdbx_validate_symm_contact.label_alt_id_1 
_pdbx_validate_symm_contact.site_symmetry_1 
_pdbx_validate_symm_contact.auth_atom_id_2 
_pdbx_validate_symm_contact.auth_asym_id_2 
_pdbx_validate_symm_contact.auth_comp_id_2 
_pdbx_validate_symm_contact.auth_seq_id_2 
_pdbx_validate_symm_contact.PDB_ins_code_2 
_pdbx_validate_symm_contact.label_alt_id_2 
_pdbx_validate_symm_contact.site_symmetry_2 
_pdbx_validate_symm_contact.dist 
1 1 O A HOH 434 ? ? 1_555 O A HOH 434 ? ? 4_545  2.01 
2 1 O A HOH 402 ? ? 1_555 O A HOH 402 ? ? 4_545  2.03 
3 1 O A HOH 433 ? ? 1_555 O A HOH 433 ? ? 10_554 2.07 
# 
loop_
_pdbx_unobs_or_zero_occ_residues.id 
_pdbx_unobs_or_zero_occ_residues.PDB_model_num 
_pdbx_unobs_or_zero_occ_residues.polymer_flag 
_pdbx_unobs_or_zero_occ_residues.occupancy_flag 
_pdbx_unobs_or_zero_occ_residues.auth_asym_id 
_pdbx_unobs_or_zero_occ_residues.auth_comp_id 
_pdbx_unobs_or_zero_occ_residues.auth_seq_id 
_pdbx_unobs_or_zero_occ_residues.PDB_ins_code 
_pdbx_unobs_or_zero_occ_residues.label_asym_id 
_pdbx_unobs_or_zero_occ_residues.label_comp_id 
_pdbx_unobs_or_zero_occ_residues.label_seq_id 
1  1 Y 1 A GLU 121 ? A GLU 121 
2  1 Y 1 A ARG 122 ? A ARG 122 
3  1 Y 1 A LEU 123 ? A LEU 123 
4  1 Y 1 A GLN 124 ? A GLN 124 
5  1 Y 1 A LYS 125 ? A LYS 125 
6  1 Y 1 A VAL 126 ? A VAL 126 
7  1 Y 1 A GLU 127 ? A GLU 127 
8  1 Y 1 A ASP 128 ? A ASP 128 
9  1 Y 1 A GLU 129 ? A GLU 129 
10 1 Y 1 A ASN 130 ? A ASN 130 
11 1 Y 1 A LEU 131 ? A LEU 131 
12 1 Y 1 A GLU 132 ? A GLU 132 
# 
loop_
_chem_comp_atom.comp_id 
_chem_comp_atom.atom_id 
_chem_comp_atom.type_symbol 
_chem_comp_atom.pdbx_aromatic_flag 
_chem_comp_atom.pdbx_stereo_config 
_chem_comp_atom.pdbx_ordinal 
A1IUW N1   N  Y N 1   
A1IUW C4   C  Y N 2   
A1IUW C5   C  Y N 3   
A1IUW C6   C  Y N 4   
A1IUW C7   C  Y N 5   
A1IUW C8   C  Y N 6   
A1IUW C10  C  Y N 7   
A1IUW C13  C  Y N 8   
A1IUW C15  C  N N 9   
A1IUW N    N  N N 10  
A1IUW C    C  N N 11  
A1IUW O    O  N N 12  
A1IUW C1   C  N N 13  
A1IUW C11  C  N N 14  
A1IUW C12  C  N N 15  
A1IUW C14  C  Y N 16  
A1IUW C2   C  N N 17  
A1IUW C3   C  Y N 18  
A1IUW C9   C  Y N 19  
A1IUW O1   O  N N 20  
A1IUW C16  C  N N 21  
A1IUW C17  C  N N 22  
A1IUW HN1  H  N N 23  
A1IUW H8   H  N N 24  
A1IUW H10  H  N N 25  
A1IUW H    H  N N 26  
A1IUW H1   H  N N 27  
A1IUW H3   H  N N 28  
A1IUW H2   H  N N 29  
A1IUW H4   H  N N 30  
A1IUW H5   H  N N 31  
A1IUW H11  H  N N 32  
A1IUW H13  H  N N 33  
A1IUW H12  H  N N 34  
A1IUW H6   H  N N 35  
A1IUW H7   H  N N 36  
A1IUW H9   H  N N 37  
A1IUW H14  H  N N 38  
A1IUW H15  H  N N 39  
A1IUW H17  H  N N 40  
A1IUW H18  H  N N 41  
A1IUW H16  H  N N 42  
ALA   N    N  N N 43  
ALA   CA   C  N S 44  
ALA   C    C  N N 45  
ALA   O    O  N N 46  
ALA   CB   C  N N 47  
ALA   OXT  O  N N 48  
ALA   H    H  N N 49  
ALA   H2   H  N N 50  
ALA   HA   H  N N 51  
ALA   HB1  H  N N 52  
ALA   HB2  H  N N 53  
ALA   HB3  H  N N 54  
ALA   HXT  H  N N 55  
ARG   N    N  N N 56  
ARG   CA   C  N S 57  
ARG   C    C  N N 58  
ARG   O    O  N N 59  
ARG   CB   C  N N 60  
ARG   CG   C  N N 61  
ARG   CD   C  N N 62  
ARG   NE   N  N N 63  
ARG   CZ   C  N N 64  
ARG   NH1  N  N N 65  
ARG   NH2  N  N N 66  
ARG   OXT  O  N N 67  
ARG   H    H  N N 68  
ARG   H2   H  N N 69  
ARG   HA   H  N N 70  
ARG   HB2  H  N N 71  
ARG   HB3  H  N N 72  
ARG   HG2  H  N N 73  
ARG   HG3  H  N N 74  
ARG   HD2  H  N N 75  
ARG   HD3  H  N N 76  
ARG   HE   H  N N 77  
ARG   HH11 H  N N 78  
ARG   HH12 H  N N 79  
ARG   HH21 H  N N 80  
ARG   HH22 H  N N 81  
ARG   HXT  H  N N 82  
ASN   N    N  N N 83  
ASN   CA   C  N S 84  
ASN   C    C  N N 85  
ASN   O    O  N N 86  
ASN   CB   C  N N 87  
ASN   CG   C  N N 88  
ASN   OD1  O  N N 89  
ASN   ND2  N  N N 90  
ASN   OXT  O  N N 91  
ASN   H    H  N N 92  
ASN   H2   H  N N 93  
ASN   HA   H  N N 94  
ASN   HB2  H  N N 95  
ASN   HB3  H  N N 96  
ASN   HD21 H  N N 97  
ASN   HD22 H  N N 98  
ASN   HXT  H  N N 99  
ASP   N    N  N N 100 
ASP   CA   C  N S 101 
ASP   C    C  N N 102 
ASP   O    O  N N 103 
ASP   CB   C  N N 104 
ASP   CG   C  N N 105 
ASP   OD1  O  N N 106 
ASP   OD2  O  N N 107 
ASP   OXT  O  N N 108 
ASP   H    H  N N 109 
ASP   H2   H  N N 110 
ASP   HA   H  N N 111 
ASP   HB2  H  N N 112 
ASP   HB3  H  N N 113 
ASP   HD2  H  N N 114 
ASP   HXT  H  N N 115 
CL    CL   CL N N 116 
CYS   N    N  N N 117 
CYS   CA   C  N R 118 
CYS   C    C  N N 119 
CYS   O    O  N N 120 
CYS   CB   C  N N 121 
CYS   SG   S  N N 122 
CYS   OXT  O  N N 123 
CYS   H    H  N N 124 
CYS   H2   H  N N 125 
CYS   HA   H  N N 126 
CYS   HB2  H  N N 127 
CYS   HB3  H  N N 128 
CYS   HG   H  N N 129 
CYS   HXT  H  N N 130 
GLN   N    N  N N 131 
GLN   CA   C  N S 132 
GLN   C    C  N N 133 
GLN   O    O  N N 134 
GLN   CB   C  N N 135 
GLN   CG   C  N N 136 
GLN   CD   C  N N 137 
GLN   OE1  O  N N 138 
GLN   NE2  N  N N 139 
GLN   OXT  O  N N 140 
GLN   H    H  N N 141 
GLN   H2   H  N N 142 
GLN   HA   H  N N 143 
GLN   HB2  H  N N 144 
GLN   HB3  H  N N 145 
GLN   HG2  H  N N 146 
GLN   HG3  H  N N 147 
GLN   HE21 H  N N 148 
GLN   HE22 H  N N 149 
GLN   HXT  H  N N 150 
GLU   N    N  N N 151 
GLU   CA   C  N S 152 
GLU   C    C  N N 153 
GLU   O    O  N N 154 
GLU   CB   C  N N 155 
GLU   CG   C  N N 156 
GLU   CD   C  N N 157 
GLU   OE1  O  N N 158 
GLU   OE2  O  N N 159 
GLU   OXT  O  N N 160 
GLU   H    H  N N 161 
GLU   H2   H  N N 162 
GLU   HA   H  N N 163 
GLU   HB2  H  N N 164 
GLU   HB3  H  N N 165 
GLU   HG2  H  N N 166 
GLU   HG3  H  N N 167 
GLU   HE2  H  N N 168 
GLU   HXT  H  N N 169 
GLY   N    N  N N 170 
GLY   CA   C  N N 171 
GLY   C    C  N N 172 
GLY   O    O  N N 173 
GLY   OXT  O  N N 174 
GLY   H    H  N N 175 
GLY   H2   H  N N 176 
GLY   HA2  H  N N 177 
GLY   HA3  H  N N 178 
GLY   HXT  H  N N 179 
HIS   N    N  N N 180 
HIS   CA   C  N S 181 
HIS   C    C  N N 182 
HIS   O    O  N N 183 
HIS   CB   C  N N 184 
HIS   CG   C  Y N 185 
HIS   ND1  N  Y N 186 
HIS   CD2  C  Y N 187 
HIS   CE1  C  Y N 188 
HIS   NE2  N  Y N 189 
HIS   OXT  O  N N 190 
HIS   H    H  N N 191 
HIS   H2   H  N N 192 
HIS   HA   H  N N 193 
HIS   HB2  H  N N 194 
HIS   HB3  H  N N 195 
HIS   HD1  H  N N 196 
HIS   HD2  H  N N 197 
HIS   HE1  H  N N 198 
HIS   HE2  H  N N 199 
HIS   HXT  H  N N 200 
HOH   O    O  N N 201 
HOH   H1   H  N N 202 
HOH   H2   H  N N 203 
ILE   N    N  N N 204 
ILE   CA   C  N S 205 
ILE   C    C  N N 206 
ILE   O    O  N N 207 
ILE   CB   C  N S 208 
ILE   CG1  C  N N 209 
ILE   CG2  C  N N 210 
ILE   CD1  C  N N 211 
ILE   OXT  O  N N 212 
ILE   H    H  N N 213 
ILE   H2   H  N N 214 
ILE   HA   H  N N 215 
ILE   HB   H  N N 216 
ILE   HG12 H  N N 217 
ILE   HG13 H  N N 218 
ILE   HG21 H  N N 219 
ILE   HG22 H  N N 220 
ILE   HG23 H  N N 221 
ILE   HD11 H  N N 222 
ILE   HD12 H  N N 223 
ILE   HD13 H  N N 224 
ILE   HXT  H  N N 225 
LEU   N    N  N N 226 
LEU   CA   C  N S 227 
LEU   C    C  N N 228 
LEU   O    O  N N 229 
LEU   CB   C  N N 230 
LEU   CG   C  N N 231 
LEU   CD1  C  N N 232 
LEU   CD2  C  N N 233 
LEU   OXT  O  N N 234 
LEU   H    H  N N 235 
LEU   H2   H  N N 236 
LEU   HA   H  N N 237 
LEU   HB2  H  N N 238 
LEU   HB3  H  N N 239 
LEU   HG   H  N N 240 
LEU   HD11 H  N N 241 
LEU   HD12 H  N N 242 
LEU   HD13 H  N N 243 
LEU   HD21 H  N N 244 
LEU   HD22 H  N N 245 
LEU   HD23 H  N N 246 
LEU   HXT  H  N N 247 
LYS   N    N  N N 248 
LYS   CA   C  N S 249 
LYS   C    C  N N 250 
LYS   O    O  N N 251 
LYS   CB   C  N N 252 
LYS   CG   C  N N 253 
LYS   CD   C  N N 254 
LYS   CE   C  N N 255 
LYS   NZ   N  N N 256 
LYS   OXT  O  N N 257 
LYS   H    H  N N 258 
LYS   H2   H  N N 259 
LYS   HA   H  N N 260 
LYS   HB2  H  N N 261 
LYS   HB3  H  N N 262 
LYS   HG2  H  N N 263 
LYS   HG3  H  N N 264 
LYS   HD2  H  N N 265 
LYS   HD3  H  N N 266 
LYS   HE2  H  N N 267 
LYS   HE3  H  N N 268 
LYS   HZ1  H  N N 269 
LYS   HZ2  H  N N 270 
LYS   HZ3  H  N N 271 
LYS   HXT  H  N N 272 
MET   N    N  N N 273 
MET   CA   C  N S 274 
MET   C    C  N N 275 
MET   O    O  N N 276 
MET   CB   C  N N 277 
MET   CG   C  N N 278 
MET   SD   S  N N 279 
MET   CE   C  N N 280 
MET   OXT  O  N N 281 
MET   H    H  N N 282 
MET   H2   H  N N 283 
MET   HA   H  N N 284 
MET   HB2  H  N N 285 
MET   HB3  H  N N 286 
MET   HG2  H  N N 287 
MET   HG3  H  N N 288 
MET   HE1  H  N N 289 
MET   HE2  H  N N 290 
MET   HE3  H  N N 291 
MET   HXT  H  N N 292 
PHE   N    N  N N 293 
PHE   CA   C  N S 294 
PHE   C    C  N N 295 
PHE   O    O  N N 296 
PHE   CB   C  N N 297 
PHE   CG   C  Y N 298 
PHE   CD1  C  Y N 299 
PHE   CD2  C  Y N 300 
PHE   CE1  C  Y N 301 
PHE   CE2  C  Y N 302 
PHE   CZ   C  Y N 303 
PHE   OXT  O  N N 304 
PHE   H    H  N N 305 
PHE   H2   H  N N 306 
PHE   HA   H  N N 307 
PHE   HB2  H  N N 308 
PHE   HB3  H  N N 309 
PHE   HD1  H  N N 310 
PHE   HD2  H  N N 311 
PHE   HE1  H  N N 312 
PHE   HE2  H  N N 313 
PHE   HZ   H  N N 314 
PHE   HXT  H  N N 315 
PRO   N    N  N N 316 
PRO   CA   C  N S 317 
PRO   C    C  N N 318 
PRO   O    O  N N 319 
PRO   CB   C  N N 320 
PRO   CG   C  N N 321 
PRO   CD   C  N N 322 
PRO   OXT  O  N N 323 
PRO   H    H  N N 324 
PRO   HA   H  N N 325 
PRO   HB2  H  N N 326 
PRO   HB3  H  N N 327 
PRO   HG2  H  N N 328 
PRO   HG3  H  N N 329 
PRO   HD2  H  N N 330 
PRO   HD3  H  N N 331 
PRO   HXT  H  N N 332 
SER   N    N  N N 333 
SER   CA   C  N S 334 
SER   C    C  N N 335 
SER   O    O  N N 336 
SER   CB   C  N N 337 
SER   OG   O  N N 338 
SER   OXT  O  N N 339 
SER   H    H  N N 340 
SER   H2   H  N N 341 
SER   HA   H  N N 342 
SER   HB2  H  N N 343 
SER   HB3  H  N N 344 
SER   HG   H  N N 345 
SER   HXT  H  N N 346 
SO4   S    S  N N 347 
SO4   O1   O  N N 348 
SO4   O2   O  N N 349 
SO4   O3   O  N N 350 
SO4   O4   O  N N 351 
THR   N    N  N N 352 
THR   CA   C  N S 353 
THR   C    C  N N 354 
THR   O    O  N N 355 
THR   CB   C  N R 356 
THR   OG1  O  N N 357 
THR   CG2  C  N N 358 
THR   OXT  O  N N 359 
THR   H    H  N N 360 
THR   H2   H  N N 361 
THR   HA   H  N N 362 
THR   HB   H  N N 363 
THR   HG1  H  N N 364 
THR   HG21 H  N N 365 
THR   HG22 H  N N 366 
THR   HG23 H  N N 367 
THR   HXT  H  N N 368 
TRP   N    N  N N 369 
TRP   CA   C  N S 370 
TRP   C    C  N N 371 
TRP   O    O  N N 372 
TRP   CB   C  N N 373 
TRP   CG   C  Y N 374 
TRP   CD1  C  Y N 375 
TRP   CD2  C  Y N 376 
TRP   NE1  N  Y N 377 
TRP   CE2  C  Y N 378 
TRP   CE3  C  Y N 379 
TRP   CZ2  C  Y N 380 
TRP   CZ3  C  Y N 381 
TRP   CH2  C  Y N 382 
TRP   OXT  O  N N 383 
TRP   H    H  N N 384 
TRP   H2   H  N N 385 
TRP   HA   H  N N 386 
TRP   HB2  H  N N 387 
TRP   HB3  H  N N 388 
TRP   HD1  H  N N 389 
TRP   HE1  H  N N 390 
TRP   HE3  H  N N 391 
TRP   HZ2  H  N N 392 
TRP   HZ3  H  N N 393 
TRP   HH2  H  N N 394 
TRP   HXT  H  N N 395 
TYR   N    N  N N 396 
TYR   CA   C  N S 397 
TYR   C    C  N N 398 
TYR   O    O  N N 399 
TYR   CB   C  N N 400 
TYR   CG   C  Y N 401 
TYR   CD1  C  Y N 402 
TYR   CD2  C  Y N 403 
TYR   CE1  C  Y N 404 
TYR   CE2  C  Y N 405 
TYR   CZ   C  Y N 406 
TYR   OH   O  N N 407 
TYR   OXT  O  N N 408 
TYR   H    H  N N 409 
TYR   H2   H  N N 410 
TYR   HA   H  N N 411 
TYR   HB2  H  N N 412 
TYR   HB3  H  N N 413 
TYR   HD1  H  N N 414 
TYR   HD2  H  N N 415 
TYR   HE1  H  N N 416 
TYR   HE2  H  N N 417 
TYR   HH   H  N N 418 
TYR   HXT  H  N N 419 
VAL   N    N  N N 420 
VAL   CA   C  N S 421 
VAL   C    C  N N 422 
VAL   O    O  N N 423 
VAL   CB   C  N N 424 
VAL   CG1  C  N N 425 
VAL   CG2  C  N N 426 
VAL   OXT  O  N N 427 
VAL   H    H  N N 428 
VAL   H2   H  N N 429 
VAL   HA   H  N N 430 
VAL   HB   H  N N 431 
VAL   HG11 H  N N 432 
VAL   HG12 H  N N 433 
VAL   HG13 H  N N 434 
VAL   HG21 H  N N 435 
VAL   HG22 H  N N 436 
VAL   HG23 H  N N 437 
VAL   HXT  H  N N 438 
# 
loop_
_chem_comp_bond.comp_id 
_chem_comp_bond.atom_id_1 
_chem_comp_bond.atom_id_2 
_chem_comp_bond.value_order 
_chem_comp_bond.pdbx_aromatic_flag 
_chem_comp_bond.pdbx_stereo_config 
_chem_comp_bond.pdbx_ordinal 
A1IUW C   C1   sing N N 1   
A1IUW C1  C2   sing N N 2   
A1IUW C2  C3   sing N N 3   
A1IUW C3  C4   doub Y N 4   
A1IUW C5  C4   sing N N 5   
A1IUW C5  C6   doub Y N 6   
A1IUW C6  C7   sing Y N 7   
A1IUW C7  C8   doub Y N 8   
A1IUW C8  C9   sing Y N 9   
A1IUW C9  C10  doub Y N 10  
A1IUW C10 C5   sing Y N 11  
A1IUW C11 C8   sing N N 12  
A1IUW O   C11  doub N N 13  
A1IUW N   C11  sing N N 14  
A1IUW C12 C6   sing N N 15  
A1IUW C4  N1   sing Y N 16  
A1IUW N1  C13  sing Y N 17  
A1IUW C13 C14  doub Y N 18  
A1IUW C3  C14  sing Y N 19  
A1IUW C14 C15  sing N N 20  
A1IUW C16 C15  sing N N 21  
A1IUW C   C16  sing N N 22  
A1IUW C15 O1   doub N N 23  
A1IUW C17 C13  sing N N 24  
A1IUW N1  HN1  sing N N 25  
A1IUW C7  H8   sing N N 26  
A1IUW C10 H10  sing N N 27  
A1IUW N   H    sing N N 28  
A1IUW N   H1   sing N N 29  
A1IUW C   H3   sing N N 30  
A1IUW C   H2   sing N N 31  
A1IUW C1  H4   sing N N 32  
A1IUW C1  H5   sing N N 33  
A1IUW C12 H11  sing N N 34  
A1IUW C12 H13  sing N N 35  
A1IUW C12 H12  sing N N 36  
A1IUW C2  H6   sing N N 37  
A1IUW C2  H7   sing N N 38  
A1IUW C9  H9   sing N N 39  
A1IUW C16 H14  sing N N 40  
A1IUW C16 H15  sing N N 41  
A1IUW C17 H17  sing N N 42  
A1IUW C17 H18  sing N N 43  
A1IUW C17 H16  sing N N 44  
ALA   N   CA   sing N N 45  
ALA   N   H    sing N N 46  
ALA   N   H2   sing N N 47  
ALA   CA  C    sing N N 48  
ALA   CA  CB   sing N N 49  
ALA   CA  HA   sing N N 50  
ALA   C   O    doub N N 51  
ALA   C   OXT  sing N N 52  
ALA   CB  HB1  sing N N 53  
ALA   CB  HB2  sing N N 54  
ALA   CB  HB3  sing N N 55  
ALA   OXT HXT  sing N N 56  
ARG   N   CA   sing N N 57  
ARG   N   H    sing N N 58  
ARG   N   H2   sing N N 59  
ARG   CA  C    sing N N 60  
ARG   CA  CB   sing N N 61  
ARG   CA  HA   sing N N 62  
ARG   C   O    doub N N 63  
ARG   C   OXT  sing N N 64  
ARG   CB  CG   sing N N 65  
ARG   CB  HB2  sing N N 66  
ARG   CB  HB3  sing N N 67  
ARG   CG  CD   sing N N 68  
ARG   CG  HG2  sing N N 69  
ARG   CG  HG3  sing N N 70  
ARG   CD  NE   sing N N 71  
ARG   CD  HD2  sing N N 72  
ARG   CD  HD3  sing N N 73  
ARG   NE  CZ   sing N N 74  
ARG   NE  HE   sing N N 75  
ARG   CZ  NH1  sing N N 76  
ARG   CZ  NH2  doub N N 77  
ARG   NH1 HH11 sing N N 78  
ARG   NH1 HH12 sing N N 79  
ARG   NH2 HH21 sing N N 80  
ARG   NH2 HH22 sing N N 81  
ARG   OXT HXT  sing N N 82  
ASN   N   CA   sing N N 83  
ASN   N   H    sing N N 84  
ASN   N   H2   sing N N 85  
ASN   CA  C    sing N N 86  
ASN   CA  CB   sing N N 87  
ASN   CA  HA   sing N N 88  
ASN   C   O    doub N N 89  
ASN   C   OXT  sing N N 90  
ASN   CB  CG   sing N N 91  
ASN   CB  HB2  sing N N 92  
ASN   CB  HB3  sing N N 93  
ASN   CG  OD1  doub N N 94  
ASN   CG  ND2  sing N N 95  
ASN   ND2 HD21 sing N N 96  
ASN   ND2 HD22 sing N N 97  
ASN   OXT HXT  sing N N 98  
ASP   N   CA   sing N N 99  
ASP   N   H    sing N N 100 
ASP   N   H2   sing N N 101 
ASP   CA  C    sing N N 102 
ASP   CA  CB   sing N N 103 
ASP   CA  HA   sing N N 104 
ASP   C   O    doub N N 105 
ASP   C   OXT  sing N N 106 
ASP   CB  CG   sing N N 107 
ASP   CB  HB2  sing N N 108 
ASP   CB  HB3  sing N N 109 
ASP   CG  OD1  doub N N 110 
ASP   CG  OD2  sing N N 111 
ASP   OD2 HD2  sing N N 112 
ASP   OXT HXT  sing N N 113 
CYS   N   CA   sing N N 114 
CYS   N   H    sing N N 115 
CYS   N   H2   sing N N 116 
CYS   CA  C    sing N N 117 
CYS   CA  CB   sing N N 118 
CYS   CA  HA   sing N N 119 
CYS   C   O    doub N N 120 
CYS   C   OXT  sing N N 121 
CYS   CB  SG   sing N N 122 
CYS   CB  HB2  sing N N 123 
CYS   CB  HB3  sing N N 124 
CYS   SG  HG   sing N N 125 
CYS   OXT HXT  sing N N 126 
GLN   N   CA   sing N N 127 
GLN   N   H    sing N N 128 
GLN   N   H2   sing N N 129 
GLN   CA  C    sing N N 130 
GLN   CA  CB   sing N N 131 
GLN   CA  HA   sing N N 132 
GLN   C   O    doub N N 133 
GLN   C   OXT  sing N N 134 
GLN   CB  CG   sing N N 135 
GLN   CB  HB2  sing N N 136 
GLN   CB  HB3  sing N N 137 
GLN   CG  CD   sing N N 138 
GLN   CG  HG2  sing N N 139 
GLN   CG  HG3  sing N N 140 
GLN   CD  OE1  doub N N 141 
GLN   CD  NE2  sing N N 142 
GLN   NE2 HE21 sing N N 143 
GLN   NE2 HE22 sing N N 144 
GLN   OXT HXT  sing N N 145 
GLU   N   CA   sing N N 146 
GLU   N   H    sing N N 147 
GLU   N   H2   sing N N 148 
GLU   CA  C    sing N N 149 
GLU   CA  CB   sing N N 150 
GLU   CA  HA   sing N N 151 
GLU   C   O    doub N N 152 
GLU   C   OXT  sing N N 153 
GLU   CB  CG   sing N N 154 
GLU   CB  HB2  sing N N 155 
GLU   CB  HB3  sing N N 156 
GLU   CG  CD   sing N N 157 
GLU   CG  HG2  sing N N 158 
GLU   CG  HG3  sing N N 159 
GLU   CD  OE1  doub N N 160 
GLU   CD  OE2  sing N N 161 
GLU   OE2 HE2  sing N N 162 
GLU   OXT HXT  sing N N 163 
GLY   N   CA   sing N N 164 
GLY   N   H    sing N N 165 
GLY   N   H2   sing N N 166 
GLY   CA  C    sing N N 167 
GLY   CA  HA2  sing N N 168 
GLY   CA  HA3  sing N N 169 
GLY   C   O    doub N N 170 
GLY   C   OXT  sing N N 171 
GLY   OXT HXT  sing N N 172 
HIS   N   CA   sing N N 173 
HIS   N   H    sing N N 174 
HIS   N   H2   sing N N 175 
HIS   CA  C    sing N N 176 
HIS   CA  CB   sing N N 177 
HIS   CA  HA   sing N N 178 
HIS   C   O    doub N N 179 
HIS   C   OXT  sing N N 180 
HIS   CB  CG   sing N N 181 
HIS   CB  HB2  sing N N 182 
HIS   CB  HB3  sing N N 183 
HIS   CG  ND1  sing Y N 184 
HIS   CG  CD2  doub Y N 185 
HIS   ND1 CE1  doub Y N 186 
HIS   ND1 HD1  sing N N 187 
HIS   CD2 NE2  sing Y N 188 
HIS   CD2 HD2  sing N N 189 
HIS   CE1 NE2  sing Y N 190 
HIS   CE1 HE1  sing N N 191 
HIS   NE2 HE2  sing N N 192 
HIS   OXT HXT  sing N N 193 
HOH   O   H1   sing N N 194 
HOH   O   H2   sing N N 195 
ILE   N   CA   sing N N 196 
ILE   N   H    sing N N 197 
ILE   N   H2   sing N N 198 
ILE   CA  C    sing N N 199 
ILE   CA  CB   sing N N 200 
ILE   CA  HA   sing N N 201 
ILE   C   O    doub N N 202 
ILE   C   OXT  sing N N 203 
ILE   CB  CG1  sing N N 204 
ILE   CB  CG2  sing N N 205 
ILE   CB  HB   sing N N 206 
ILE   CG1 CD1  sing N N 207 
ILE   CG1 HG12 sing N N 208 
ILE   CG1 HG13 sing N N 209 
ILE   CG2 HG21 sing N N 210 
ILE   CG2 HG22 sing N N 211 
ILE   CG2 HG23 sing N N 212 
ILE   CD1 HD11 sing N N 213 
ILE   CD1 HD12 sing N N 214 
ILE   CD1 HD13 sing N N 215 
ILE   OXT HXT  sing N N 216 
LEU   N   CA   sing N N 217 
LEU   N   H    sing N N 218 
LEU   N   H2   sing N N 219 
LEU   CA  C    sing N N 220 
LEU   CA  CB   sing N N 221 
LEU   CA  HA   sing N N 222 
LEU   C   O    doub N N 223 
LEU   C   OXT  sing N N 224 
LEU   CB  CG   sing N N 225 
LEU   CB  HB2  sing N N 226 
LEU   CB  HB3  sing N N 227 
LEU   CG  CD1  sing N N 228 
LEU   CG  CD2  sing N N 229 
LEU   CG  HG   sing N N 230 
LEU   CD1 HD11 sing N N 231 
LEU   CD1 HD12 sing N N 232 
LEU   CD1 HD13 sing N N 233 
LEU   CD2 HD21 sing N N 234 
LEU   CD2 HD22 sing N N 235 
LEU   CD2 HD23 sing N N 236 
LEU   OXT HXT  sing N N 237 
LYS   N   CA   sing N N 238 
LYS   N   H    sing N N 239 
LYS   N   H2   sing N N 240 
LYS   CA  C    sing N N 241 
LYS   CA  CB   sing N N 242 
LYS   CA  HA   sing N N 243 
LYS   C   O    doub N N 244 
LYS   C   OXT  sing N N 245 
LYS   CB  CG   sing N N 246 
LYS   CB  HB2  sing N N 247 
LYS   CB  HB3  sing N N 248 
LYS   CG  CD   sing N N 249 
LYS   CG  HG2  sing N N 250 
LYS   CG  HG3  sing N N 251 
LYS   CD  CE   sing N N 252 
LYS   CD  HD2  sing N N 253 
LYS   CD  HD3  sing N N 254 
LYS   CE  NZ   sing N N 255 
LYS   CE  HE2  sing N N 256 
LYS   CE  HE3  sing N N 257 
LYS   NZ  HZ1  sing N N 258 
LYS   NZ  HZ2  sing N N 259 
LYS   NZ  HZ3  sing N N 260 
LYS   OXT HXT  sing N N 261 
MET   N   CA   sing N N 262 
MET   N   H    sing N N 263 
MET   N   H2   sing N N 264 
MET   CA  C    sing N N 265 
MET   CA  CB   sing N N 266 
MET   CA  HA   sing N N 267 
MET   C   O    doub N N 268 
MET   C   OXT  sing N N 269 
MET   CB  CG   sing N N 270 
MET   CB  HB2  sing N N 271 
MET   CB  HB3  sing N N 272 
MET   CG  SD   sing N N 273 
MET   CG  HG2  sing N N 274 
MET   CG  HG3  sing N N 275 
MET   SD  CE   sing N N 276 
MET   CE  HE1  sing N N 277 
MET   CE  HE2  sing N N 278 
MET   CE  HE3  sing N N 279 
MET   OXT HXT  sing N N 280 
PHE   N   CA   sing N N 281 
PHE   N   H    sing N N 282 
PHE   N   H2   sing N N 283 
PHE   CA  C    sing N N 284 
PHE   CA  CB   sing N N 285 
PHE   CA  HA   sing N N 286 
PHE   C   O    doub N N 287 
PHE   C   OXT  sing N N 288 
PHE   CB  CG   sing N N 289 
PHE   CB  HB2  sing N N 290 
PHE   CB  HB3  sing N N 291 
PHE   CG  CD1  doub Y N 292 
PHE   CG  CD2  sing Y N 293 
PHE   CD1 CE1  sing Y N 294 
PHE   CD1 HD1  sing N N 295 
PHE   CD2 CE2  doub Y N 296 
PHE   CD2 HD2  sing N N 297 
PHE   CE1 CZ   doub Y N 298 
PHE   CE1 HE1  sing N N 299 
PHE   CE2 CZ   sing Y N 300 
PHE   CE2 HE2  sing N N 301 
PHE   CZ  HZ   sing N N 302 
PHE   OXT HXT  sing N N 303 
PRO   N   CA   sing N N 304 
PRO   N   CD   sing N N 305 
PRO   N   H    sing N N 306 
PRO   CA  C    sing N N 307 
PRO   CA  CB   sing N N 308 
PRO   CA  HA   sing N N 309 
PRO   C   O    doub N N 310 
PRO   C   OXT  sing N N 311 
PRO   CB  CG   sing N N 312 
PRO   CB  HB2  sing N N 313 
PRO   CB  HB3  sing N N 314 
PRO   CG  CD   sing N N 315 
PRO   CG  HG2  sing N N 316 
PRO   CG  HG3  sing N N 317 
PRO   CD  HD2  sing N N 318 
PRO   CD  HD3  sing N N 319 
PRO   OXT HXT  sing N N 320 
SER   N   CA   sing N N 321 
SER   N   H    sing N N 322 
SER   N   H2   sing N N 323 
SER   CA  C    sing N N 324 
SER   CA  CB   sing N N 325 
SER   CA  HA   sing N N 326 
SER   C   O    doub N N 327 
SER   C   OXT  sing N N 328 
SER   CB  OG   sing N N 329 
SER   CB  HB2  sing N N 330 
SER   CB  HB3  sing N N 331 
SER   OG  HG   sing N N 332 
SER   OXT HXT  sing N N 333 
SO4   S   O1   doub N N 334 
SO4   S   O2   doub N N 335 
SO4   S   O3   sing N N 336 
SO4   S   O4   sing N N 337 
THR   N   CA   sing N N 338 
THR   N   H    sing N N 339 
THR   N   H2   sing N N 340 
THR   CA  C    sing N N 341 
THR   CA  CB   sing N N 342 
THR   CA  HA   sing N N 343 
THR   C   O    doub N N 344 
THR   C   OXT  sing N N 345 
THR   CB  OG1  sing N N 346 
THR   CB  CG2  sing N N 347 
THR   CB  HB   sing N N 348 
THR   OG1 HG1  sing N N 349 
THR   CG2 HG21 sing N N 350 
THR   CG2 HG22 sing N N 351 
THR   CG2 HG23 sing N N 352 
THR   OXT HXT  sing N N 353 
TRP   N   CA   sing N N 354 
TRP   N   H    sing N N 355 
TRP   N   H2   sing N N 356 
TRP   CA  C    sing N N 357 
TRP   CA  CB   sing N N 358 
TRP   CA  HA   sing N N 359 
TRP   C   O    doub N N 360 
TRP   C   OXT  sing N N 361 
TRP   CB  CG   sing N N 362 
TRP   CB  HB2  sing N N 363 
TRP   CB  HB3  sing N N 364 
TRP   CG  CD1  doub Y N 365 
TRP   CG  CD2  sing Y N 366 
TRP   CD1 NE1  sing Y N 367 
TRP   CD1 HD1  sing N N 368 
TRP   CD2 CE2  doub Y N 369 
TRP   CD2 CE3  sing Y N 370 
TRP   NE1 CE2  sing Y N 371 
TRP   NE1 HE1  sing N N 372 
TRP   CE2 CZ2  sing Y N 373 
TRP   CE3 CZ3  doub Y N 374 
TRP   CE3 HE3  sing N N 375 
TRP   CZ2 CH2  doub Y N 376 
TRP   CZ2 HZ2  sing N N 377 
TRP   CZ3 CH2  sing Y N 378 
TRP   CZ3 HZ3  sing N N 379 
TRP   CH2 HH2  sing N N 380 
TRP   OXT HXT  sing N N 381 
TYR   N   CA   sing N N 382 
TYR   N   H    sing N N 383 
TYR   N   H2   sing N N 384 
TYR   CA  C    sing N N 385 
TYR   CA  CB   sing N N 386 
TYR   CA  HA   sing N N 387 
TYR   C   O    doub N N 388 
TYR   C   OXT  sing N N 389 
TYR   CB  CG   sing N N 390 
TYR   CB  HB2  sing N N 391 
TYR   CB  HB3  sing N N 392 
TYR   CG  CD1  doub Y N 393 
TYR   CG  CD2  sing Y N 394 
TYR   CD1 CE1  sing Y N 395 
TYR   CD1 HD1  sing N N 396 
TYR   CD2 CE2  doub Y N 397 
TYR   CD2 HD2  sing N N 398 
TYR   CE1 CZ   doub Y N 399 
TYR   CE1 HE1  sing N N 400 
TYR   CE2 CZ   sing Y N 401 
TYR   CE2 HE2  sing N N 402 
TYR   CZ  OH   sing N N 403 
TYR   OH  HH   sing N N 404 
TYR   OXT HXT  sing N N 405 
VAL   N   CA   sing N N 406 
VAL   N   H    sing N N 407 
VAL   N   H2   sing N N 408 
VAL   CA  C    sing N N 409 
VAL   CA  CB   sing N N 410 
VAL   CA  HA   sing N N 411 
VAL   C   O    doub N N 412 
VAL   C   OXT  sing N N 413 
VAL   CB  CG1  sing N N 414 
VAL   CB  CG2  sing N N 415 
VAL   CB  HB   sing N N 416 
VAL   CG1 HG11 sing N N 417 
VAL   CG1 HG12 sing N N 418 
VAL   CG1 HG13 sing N N 419 
VAL   CG2 HG21 sing N N 420 
VAL   CG2 HG22 sing N N 421 
VAL   CG2 HG23 sing N N 422 
VAL   OXT HXT  sing N N 423 
# 
_pdbx_audit_support.funding_organization   'German Research Foundation (DFG)' 
_pdbx_audit_support.country                Germany 
_pdbx_audit_support.grant_number           RTG2202 
_pdbx_audit_support.ordinal                1 
# 
_pdbx_initial_refinement_model.id               1 
_pdbx_initial_refinement_model.entity_id_list   ? 
_pdbx_initial_refinement_model.type             'in silico model' 
_pdbx_initial_refinement_model.source_name      AlphaFold 
_pdbx_initial_refinement_model.accession_code   ? 
_pdbx_initial_refinement_model.details          ? 
# 
_atom_sites.entry_id                    9HH8 
_atom_sites.Cartn_transf_matrix[1][1]   ? 
_atom_sites.Cartn_transf_matrix[1][2]   ? 
_atom_sites.Cartn_transf_matrix[1][3]   ? 
_atom_sites.Cartn_transf_matrix[2][1]   ? 
_atom_sites.Cartn_transf_matrix[2][2]   ? 
_atom_sites.Cartn_transf_matrix[2][3]   ? 
_atom_sites.Cartn_transf_matrix[3][1]   ? 
_atom_sites.Cartn_transf_matrix[3][2]   ? 
_atom_sites.Cartn_transf_matrix[3][3]   ? 
_atom_sites.Cartn_transf_vector[1]      ? 
_atom_sites.Cartn_transf_vector[2]      ? 
_atom_sites.Cartn_transf_vector[3]      ? 
_atom_sites.Cartn_transform_axes        ? 
_atom_sites.fract_transf_matrix[1][1]   0.00515830 
_atom_sites.fract_transf_matrix[1][2]   0.00672404 
_atom_sites.fract_transf_matrix[1][3]   0.00909531 
_atom_sites.fract_transf_matrix[2][1]   0.01231546 
_atom_sites.fract_transf_matrix[2][2]   0.00167622 
_atom_sites.fract_transf_matrix[2][3]   0.00027261 
_atom_sites.fract_transf_matrix[3][1]   -0.00142151 
_atom_sites.fract_transf_matrix[3][2]   0.01172237 
_atom_sites.fract_transf_matrix[3][3]   -0.00785999 
_atom_sites.fract_transf_vector[1]      0.133701 
_atom_sites.fract_transf_vector[2]      -0.280585 
_atom_sites.fract_transf_vector[3]      -0.008182 
_atom_sites.solution_primary            ? 
_atom_sites.solution_secondary          ? 
_atom_sites.solution_hydrogens          ? 
_atom_sites.special_details             ? 
# 
loop_
_atom_type.symbol 
C  
CL 
N  
O  
S  
# 
loop_
_atom_site.group_PDB 
_atom_site.id 
_atom_site.type_symbol 
_atom_site.label_atom_id 
_atom_site.label_alt_id 
_atom_site.label_comp_id 
_atom_site.label_asym_id 
_atom_site.label_entity_id 
_atom_site.label_seq_id 
_atom_site.pdbx_PDB_ins_code 
_atom_site.Cartn_x 
_atom_site.Cartn_y 
_atom_site.Cartn_z 
_atom_site.occupancy 
_atom_site.B_iso_or_equiv 
_atom_site.pdbx_formal_charge 
_atom_site.auth_seq_id 
_atom_site.auth_comp_id 
_atom_site.auth_asym_id 
_atom_site.auth_atom_id 
_atom_site.pdbx_PDB_model_num 
ATOM   1    N  N   . SER   A 1 1   ? 13.633  19.152  4.241   1.00 35.79  ? 1   SER   A N   1 
ATOM   2    C  CA  . SER   A 1 1   ? 14.646  18.556  3.362   1.00 36.97  ? 1   SER   A CA  1 
ATOM   3    C  C   . SER   A 1 1   ? 13.963  17.528  2.444   1.00 36.96  ? 1   SER   A C   1 
ATOM   4    O  O   . SER   A 1 1   ? 12.787  17.186  2.635   1.00 38.87  ? 1   SER   A O   1 
ATOM   5    C  CB  . SER   A 1 1   ? 15.758  17.900  4.157   1.00 40.78  ? 1   SER   A CB  1 
ATOM   6    O  OG  . SER   A 1 1   ? 15.244  16.908  5.020   1.00 49.26  ? 1   SER   A OG  1 
ATOM   7    N  N   . PHE   A 1 2   ? 14.715  17.059  1.463   1.00 32.82  ? 2   PHE   A N   1 
ATOM   8    C  CA  . PHE   A 1 2   ? 14.132  16.239  0.393   1.00 34.18  ? 2   PHE   A CA  1 
ATOM   9    C  C   . PHE   A 1 2   ? 13.421  15.016  0.956   1.00 36.93  ? 2   PHE   A C   1 
ATOM   10   O  O   . PHE   A 1 2   ? 12.253  14.744  0.610   1.00 36.92  ? 2   PHE   A O   1 
ATOM   11   C  CB  . PHE   A 1 2   ? 15.241  15.835  -0.570  1.00 30.14  ? 2   PHE   A CB  1 
ATOM   12   C  CG  . PHE   A 1 2   ? 14.796  14.952  -1.701  1.00 35.24  ? 2   PHE   A CG  1 
ATOM   13   C  CD1 . PHE   A 1 2   ? 14.226  15.513  -2.831  1.00 39.49  ? 2   PHE   A CD1 1 
ATOM   14   C  CD2 . PHE   A 1 2   ? 14.993  13.579  -1.653  1.00 32.59  ? 2   PHE   A CD2 1 
ATOM   15   C  CE1 . PHE   A 1 2   ? 13.817  14.690  -3.921  1.00 40.89  ? 2   PHE   A CE1 1 
ATOM   16   C  CE2 . PHE   A 1 2   ? 14.596  12.755  -2.748  1.00 33.39  ? 2   PHE   A CE2 1 
ATOM   17   C  CZ  . PHE   A 1 2   ? 14.015  13.338  -3.868  1.00 39.79  ? 2   PHE   A CZ  1 
ATOM   18   N  N   . ASN   A 1 3   ? 14.117  14.237  1.797   1.00 35.07  ? 3   ASN   A N   1 
ATOM   19   C  CA  . ASN   A 1 3   ? 13.530  12.980  2.266   1.00 35.29  ? 3   ASN   A CA  1 
ATOM   20   C  C   . ASN   A 1 3   ? 12.402  13.242  3.248   1.00 37.42  ? 3   ASN   A C   1 
ATOM   21   O  O   . ASN   A 1 3   ? 11.412  12.500  3.263   1.00 35.45  ? 3   ASN   A O   1 
ATOM   22   C  CB  . ASN   A 1 3   ? 14.574  12.085  2.916   1.00 35.16  ? 3   ASN   A CB  1 
ATOM   23   C  CG  . ASN   A 1 3   ? 15.531  11.498  1.908   1.00 41.26  ? 3   ASN   A CG  1 
ATOM   24   O  OD1 . ASN   A 1 3   ? 15.154  11.195  0.773   1.00 37.31  ? 3   ASN   A OD1 1 
ATOM   25   N  ND2 . ASN   A 1 3   ? 16.797  11.380  2.295   1.00 40.79  ? 3   ASN   A ND2 1 
ATOM   26   N  N   . LYS   A 1 4   ? 12.542  14.267  4.088   1.00 28.18  ? 4   LYS   A N   1 
ATOM   27   C  CA  . LYS   A 1 4   ? 11.429  14.657  4.962   1.00 35.88  ? 4   LYS   A CA  1 
ATOM   28   C  C   . LYS   A 1 4   ? 10.175  15.010  4.158   1.00 41.67  ? 4   LYS   A C   1 
ATOM   29   O  O   . LYS   A 1 4   ? 9.052   14.736  4.598   1.00 38.60  ? 4   LYS   A O   1 
ATOM   30   C  CB  . LYS   A 1 4   ? 11.842  15.830  5.840   1.00 38.68  ? 4   LYS   A CB  1 
ATOM   31   C  CG  . LYS   A 1 4   ? 12.824  15.427  6.899   1.00 49.38  ? 4   LYS   A CG  1 
ATOM   32   C  CD  . LYS   A 1 4   ? 13.119  16.600  7.867   1.00 53.66  ? 4   LYS   A CD  1 
ATOM   33   C  CE  . LYS   A 1 4   ? 14.168  16.229  8.885   1.00 57.19  ? 4   LYS   A CE  1 
ATOM   34   N  NZ  . LYS   A 1 4   ? 14.446  17.381  9.802   1.00 64.70  ? 4   LYS   A NZ  1 
ATOM   35   N  N   . GLN   A 1 5   ? 10.333  15.618  2.986   1.00 33.98  ? 5   GLN   A N   1 
ATOM   36   C  CA  . GLN   A 1 5   ? 9.156   16.067  2.247   1.00 38.87  ? 5   GLN   A CA  1 
ATOM   37   C  C   . GLN   A 1 5   ? 8.384   14.884  1.643   1.00 35.73  ? 5   GLN   A C   1 
ATOM   38   O  O   . GLN   A 1 5   ? 7.146   14.844  1.734   1.00 38.99  ? 5   GLN   A O   1 
ATOM   39   C  CB  . GLN   A 1 5   ? 9.558   17.060  1.160   1.00 43.80  ? 5   GLN   A CB  1 
ATOM   40   C  CG  . GLN   A 1 5   ? 9.825   18.452  1.714   1.00 58.95  ? 5   GLN   A CG  1 
ATOM   41   C  CD  . GLN   A 1 5   ? 8.710   18.933  2.651   1.00 77.75  ? 5   GLN   A CD  1 
ATOM   42   O  OE1 . GLN   A 1 5   ? 7.540   18.996  2.258   1.00 76.30  ? 5   GLN   A OE1 1 
ATOM   43   N  NE2 . GLN   A 1 5   ? 9.071   19.274  3.895   1.00 63.50  ? 5   GLN   A NE2 1 
ATOM   44   N  N   . TRP   A 1 6   ? 9.073   13.909  1.048   1.00 37.40  ? 6   TRP   A N   1 
ATOM   45   C  CA  . TRP   A 1 6   ? 8.287   12.808  0.496   1.00 34.32  ? 6   TRP   A CA  1 
ATOM   46   C  C   . TRP   A 1 6   ? 7.812   11.836  1.580   1.00 40.78  ? 6   TRP   A C   1 
ATOM   47   O  O   . TRP   A 1 6   ? 6.760   11.204  1.397   1.00 33.93  ? 6   TRP   A O   1 
ATOM   48   C  CB  . TRP   A 1 6   ? 9.019   12.104  -0.626  1.00 34.20  ? 6   TRP   A CB  1 
ATOM   49   C  CG  . TRP   A 1 6   ? 10.287  11.406  -0.323  1.00 31.61  ? 6   TRP   A CG  1 
ATOM   50   C  CD1 . TRP   A 1 6   ? 11.576  11.866  -0.629  1.00 34.60  ? 6   TRP   A CD1 1 
ATOM   51   C  CD2 . TRP   A 1 6   ? 10.465  10.086  0.226   1.00 36.52  ? 6   TRP   A CD2 1 
ATOM   52   N  NE1 . TRP   A 1 6   ? 12.498  10.924  -0.280  1.00 33.16  ? 6   TRP   A NE1 1 
ATOM   53   C  CE2 . TRP   A 1 6   ? 11.869  9.827   0.249   1.00 33.96  ? 6   TRP   A CE2 1 
ATOM   54   C  CE3 . TRP   A 1 6   ? 9.586   9.101   0.710   1.00 38.26  ? 6   TRP   A CE3 1 
ATOM   55   C  CZ2 . TRP   A 1 6   ? 12.410  8.633   0.763   1.00 34.53  ? 6   TRP   A CZ2 1 
ATOM   56   C  CZ3 . TRP   A 1 6   ? 10.124  7.929   1.213   1.00 33.60  ? 6   TRP   A CZ3 1 
ATOM   57   C  CH2 . TRP   A 1 6   ? 11.519  7.694   1.229   1.00 36.98  ? 6   TRP   A CH2 1 
ATOM   58   N  N   . TYR   A 1 7   ? 8.515   11.740  2.715   1.00 31.10  ? 7   TYR   A N   1 
ATOM   59   C  CA  . TYR   A 1 7   ? 7.968   11.028  3.870   1.00 31.79  ? 7   TYR   A CA  1 
ATOM   60   C  C   . TYR   A 1 7   ? 6.634   11.614  4.279   1.00 36.26  ? 7   TYR   A C   1 
ATOM   61   O  O   . TYR   A 1 7   ? 5.686   10.873  4.578   1.00 32.99  ? 7   TYR   A O   1 
ATOM   62   C  CB  . TYR   A 1 7   ? 8.929   11.102  5.080   1.00 29.50  ? 7   TYR   A CB  1 
ATOM   63   C  CG  . TYR   A 1 7   ? 9.740   9.845   5.264   1.00 29.46  ? 7   TYR   A CG  1 
ATOM   64   C  CD1 . TYR   A 1 7   ? 10.795  9.536   4.376   1.00 27.66  ? 7   TYR   A CD1 1 
ATOM   65   C  CD2 . TYR   A 1 7   ? 9.520   9.005   6.371   1.00 30.37  ? 7   TYR   A CD2 1 
ATOM   66   C  CE1 . TYR   A 1 7   ? 11.573  8.378   4.558   1.00 29.36  ? 7   TYR   A CE1 1 
ATOM   67   C  CE2 . TYR   A 1 7   ? 10.255  7.825   6.533   1.00 28.36  ? 7   TYR   A CE2 1 
ATOM   68   C  CZ  . TYR   A 1 7   ? 11.334  7.567   5.671   1.00 27.09  ? 7   TYR   A CZ  1 
ATOM   69   O  OH  . TYR   A 1 7   ? 12.078  6.411   5.775   1.00 33.62  ? 7   TYR   A OH  1 
ATOM   70   N  N   A LEU   A 1 8   ? 6.550   12.945  4.336   0.43 30.57  ? 8   LEU   A N   1 
ATOM   71   N  N   B LEU   A 1 8   ? 6.544   12.944  4.295   0.57 30.42  ? 8   LEU   A N   1 
ATOM   72   C  CA  A LEU   A 1 8   ? 5.305   13.599  4.717   0.43 33.55  ? 8   LEU   A CA  1 
ATOM   73   C  CA  B LEU   A 1 8   ? 5.321   13.616  4.708   0.57 33.48  ? 8   LEU   A CA  1 
ATOM   74   C  C   A LEU   A 1 8   ? 4.215   13.303  3.705   0.43 36.36  ? 8   LEU   A C   1 
ATOM   75   C  C   B LEU   A 1 8   ? 4.210   13.365  3.706   0.57 36.37  ? 8   LEU   A C   1 
ATOM   76   O  O   A LEU   A 1 8   ? 3.078   12.989  4.083   0.43 34.98  ? 8   LEU   A O   1 
ATOM   77   O  O   B LEU   A 1 8   ? 3.053   13.148  4.092   0.57 34.71  ? 8   LEU   A O   1 
ATOM   78   C  CB  A LEU   A 1 8   ? 5.506   15.110  4.843   0.43 39.87  ? 8   LEU   A CB  1 
ATOM   79   C  CB  B LEU   A 1 8   ? 5.572   15.118  4.861   0.57 39.91  ? 8   LEU   A CB  1 
ATOM   80   C  CG  A LEU   A 1 8   ? 6.248   15.648  6.061   0.43 35.85  ? 8   LEU   A CG  1 
ATOM   81   C  CG  B LEU   A 1 8   ? 4.394   15.968  5.327   0.57 47.15  ? 8   LEU   A CG  1 
ATOM   82   C  CD1 A LEU   A 1 8   ? 6.425   17.154  5.932   0.43 42.94  ? 8   LEU   A CD1 1 
ATOM   83   C  CD1 B LEU   A 1 8   ? 4.261   15.862  6.841   0.57 48.88  ? 8   LEU   A CD1 1 
ATOM   84   C  CD2 A LEU   A 1 8   ? 5.537   15.281  7.348   0.43 40.89  ? 8   LEU   A CD2 1 
ATOM   85   C  CD2 B LEU   A 1 8   ? 4.605   17.410  4.916   0.57 46.67  ? 8   LEU   A CD2 1 
ATOM   86   N  N   . LEU   A 1 9   ? 4.549   13.387  2.416   1.00 30.99  ? 9   LEU   A N   1 
ATOM   87   C  CA  . LEU   A 1 9   ? 3.549   13.132  1.384   1.00 33.17  ? 9   LEU   A CA  1 
ATOM   88   C  C   . LEU   A 1 9   ? 3.083   11.681  1.437   1.00 40.34  ? 9   LEU   A C   1 
ATOM   89   O  O   . LEU   A 1 9   ? 1.859   11.389  1.314   1.00 34.37  ? 9   LEU   A O   1 
ATOM   90   C  CB  . LEU   A 1 9   ? 4.131   13.518  0.024   1.00 38.79  ? 9   LEU   A CB  1 
ATOM   91   C  CG  . LEU   A 1 9   ? 3.143   13.767  -1.116  1.00 49.81  ? 9   LEU   A CG  1 
ATOM   92   C  CD1 . LEU   A 1 9   ? 2.001   14.673  -0.649  1.00 51.80  ? 9   LEU   A CD1 1 
ATOM   93   C  CD2 . LEU   A 1 9   ? 3.877   14.343  -2.345  1.00 48.99  ? 9   LEU   A CD2 1 
ATOM   94   N  N   . ALA   A 1 10  ? 4.031   10.766  1.677   1.00 32.78  ? 10  ALA   A N   1 
ATOM   95   C  CA  . ALA   A 1 10  ? 3.699   9.338   1.768   1.00 31.81  ? 10  ALA   A CA  1 
ATOM   96   C  C   . ALA   A 1 10  ? 2.756   9.102   2.943   1.00 35.55  ? 10  ALA   A C   1 
ATOM   97   O  O   . ALA   A 1 10  ? 1.768   8.372   2.820   1.00 32.21  ? 10  ALA   A O   1 
ATOM   98   C  CB  . ALA   A 1 10  ? 4.966   8.486   1.905   1.00 32.48  ? 10  ALA   A CB  1 
ATOM   99   N  N   . ASN   A 1 11  ? 3.032   9.736   4.086   1.00 32.47  ? 11  ASN   A N   1 
ATOM   100  C  CA  . ASN   A 1 11  ? 2.119   9.642   5.211   1.00 30.16  ? 11  ASN   A CA  1 
ATOM   101  C  C   . ASN   A 1 11  ? 0.741   10.176  4.860   1.00 36.52  ? 11  ASN   A C   1 
ATOM   102  O  O   . ASN   A 1 11  ? -0.273  9.621   5.303   1.00 36.74  ? 11  ASN   A O   1 
ATOM   103  C  CB  . ASN   A 1 11  ? 2.699   10.419  6.409   1.00 31.92  ? 11  ASN   A CB  1 
ATOM   104  C  CG  . ASN   A 1 11  ? 3.494   9.549   7.300   1.00 44.95  ? 11  ASN   A CG  1 
ATOM   105  O  OD1 . ASN   A 1 11  ? 3.006   8.503   7.742   1.00 44.49  ? 11  ASN   A OD1 1 
ATOM   106  N  ND2 . ASN   A 1 11  ? 4.748   9.962   7.596   1.00 49.08  ? 11  ASN   A ND2 1 
ATOM   107  N  N   . GLN   A 1 12  ? 0.668   11.257  4.084   1.00 31.74  ? 12  GLN   A N   1 
ATOM   108  C  CA  . GLN   A 1 12  ? -0.664  11.768  3.770   1.00 32.76  ? 12  GLN   A CA  1 
ATOM   109  C  C   . GLN   A 1 12  ? -1.373  10.802  2.836   1.00 35.59  ? 12  GLN   A C   1 
ATOM   110  O  O   . GLN   A 1 12  ? -2.572  10.524  3.001   1.00 33.06  ? 12  GLN   A O   1 
ATOM   111  C  CB  . GLN   A 1 12  ? -0.598  13.145  3.128   1.00 36.49  ? 12  GLN   A CB  1 
ATOM   112  C  CG  . GLN   A 1 12  ? -0.565  14.264  4.166   1.00 52.39  ? 12  GLN   A CG  1 
ATOM   113  C  CD  . GLN   A 1 12  ? 0.375   15.417  3.811   1.00 74.42  ? 12  GLN   A CD  1 
ATOM   114  O  OE1 . GLN   A 1 12  ? 0.868   15.508  2.686   1.00 67.44  ? 12  GLN   A OE1 1 
ATOM   115  N  NE2 . GLN   A 1 12  ? 0.633   16.301  4.786   1.00 59.04  ? 12  GLN   A NE2 1 
ATOM   116  N  N   . ILE   A 1 13  ? -0.640  10.282  1.854   1.00 30.88  ? 13  ILE   A N   1 
ATOM   117  C  CA  . ILE   A 1 13  ? -1.279  9.381   0.890   1.00 31.00  ? 13  ILE   A CA  1 
ATOM   118  C  C   . ILE   A 1 13  ? -1.747  8.100   1.571   1.00 33.55  ? 13  ILE   A C   1 
ATOM   119  O  O   . ILE   A 1 13  ? -2.872  7.633   1.320   1.00 32.59  ? 13  ILE   A O   1 
ATOM   120  C  CB  . ILE   A 1 13  ? -0.323  9.082   -0.276  1.00 30.84  ? 13  ILE   A CB  1 
ATOM   121  C  CG1 . ILE   A 1 13  ? -0.034  10.355  -1.101  1.00 31.77  ? 13  ILE   A CG1 1 
ATOM   122  C  CG2 . ILE   A 1 13  ? -0.866  7.915   -1.178  1.00 29.72  ? 13  ILE   A CG2 1 
ATOM   123  C  CD1 . ILE   A 1 13  ? 1.151   10.164  -2.064  1.00 35.67  ? 13  ILE   A CD1 1 
ATOM   124  N  N   . ILE   A 1 14  ? -0.902  7.487   2.401   1.00 32.22  ? 14  ILE   A N   1 
ATOM   125  C  CA  . ILE   A 1 14  ? -1.303  6.231   3.057   1.00 32.69  ? 14  ILE   A CA  1 
ATOM   126  C  C   . ILE   A 1 14  ? -2.531  6.439   3.951   1.00 33.90  ? 14  ILE   A C   1 
ATOM   127  O  O   . ILE   A 1 14  ? -3.430  5.585   3.982   1.00 31.94  ? 14  ILE   A O   1 
ATOM   128  C  CB  . ILE   A 1 14  ? -0.105  5.599   3.813   1.00 33.96  ? 14  ILE   A CB  1 
ATOM   129  C  CG1 . ILE   A 1 14  ? -0.339  4.101   4.086   1.00 30.77  ? 14  ILE   A CG1 1 
ATOM   130  C  CG2 . ILE   A 1 14  ? 0.190   6.339   5.145   1.00 29.72  ? 14  ILE   A CG2 1 
ATOM   131  C  CD1 . ILE   A 1 14  ? -0.476  3.212   2.821   1.00 34.98  ? 14  ILE   A CD1 1 
ATOM   132  N  N   . GLN   A 1 15  ? -2.632  7.586   4.621   1.00 31.15  ? 15  GLN   A N   1 
ATOM   133  C  CA  . GLN   A 1 15  ? -3.814  7.895   5.429   1.00 32.60  ? 15  GLN   A CA  1 
ATOM   134  C  C   . GLN   A 1 15  ? -5.045  8.036   4.538   1.00 33.83  ? 15  GLN   A C   1 
ATOM   135  O  O   . GLN   A 1 15  ? -6.165  7.618   4.924   1.00 36.01  ? 15  GLN   A O   1 
ATOM   136  C  CB  . GLN   A 1 15  ? -3.552  9.180   6.227   1.00 31.53  ? 15  GLN   A CB  1 
ATOM   137  C  CG  . GLN   A 1 15  ? -4.603  9.396   7.316   1.00 78.00  ? 15  GLN   A CG  1 
ATOM   138  C  CD  . GLN   A 1 15  ? -4.600  8.280   8.364   1.00 89.69  ? 15  GLN   A CD  1 
ATOM   139  O  OE1 . GLN   A 1 15  ? -5.293  7.254   8.229   1.00 63.83  ? 15  GLN   A OE1 1 
ATOM   140  N  NE2 . GLN   A 1 15  ? -3.810  8.475   9.416   1.00 92.83  ? 15  GLN   A NE2 1 
ATOM   141  N  N   . SER   A 1 16  ? -4.871  8.597   3.335   1.00 30.69  ? 16  SER   A N   1 
ATOM   142  C  CA  . SER   A 1 16  ? -6.044  8.702   2.452   1.00 32.89  ? 16  SER   A CA  1 
ATOM   143  C  C   . SER   A 1 16  ? -6.517  7.321   1.973   1.00 38.57  ? 16  SER   A C   1 
ATOM   144  O  O   . SER   A 1 16  ? -7.732  7.115   1.768   1.00 35.20  ? 16  SER   A O   1 
ATOM   145  C  CB  . SER   A 1 16  ? -5.748  9.646   1.277   1.00 31.34  ? 16  SER   A CB  1 
ATOM   146  O  OG  . SER   A 1 16  ? -4.983  9.071   0.207   1.00 36.32  ? 16  SER   A OG  1 
ATOM   147  N  N   . LEU   A 1 17  ? -5.610  6.351   1.828   1.00 29.91  ? 17  LEU   A N   1 
ATOM   148  C  CA  . LEU   A 1 17  ? -6.062  4.997   1.461   1.00 28.34  ? 17  LEU   A CA  1 
ATOM   149  C  C   . LEU   A 1 17  ? -6.822  4.347   2.621   1.00 32.98  ? 17  LEU   A C   1 
ATOM   150  O  O   . LEU   A 1 17  ? -7.874  3.685   2.421   1.00 32.79  ? 17  LEU   A O   1 
ATOM   151  C  CB  . LEU   A 1 17  ? -4.882  4.125   1.061   1.00 31.68  ? 17  LEU   A CB  1 
ATOM   152  C  CG  . LEU   A 1 17  ? -3.938  4.683   -0.016  1.00 34.51  ? 17  LEU   A CG  1 
ATOM   153  C  CD1 . LEU   A 1 17  ? -2.920  3.604   -0.424  1.00 31.47  ? 17  LEU   A CD1 1 
ATOM   154  C  CD2 . LEU   A 1 17  ? -4.728  5.252   -1.190  1.00 32.68  ? 17  LEU   A CD2 1 
ATOM   155  N  N   . SER   A 1 18  ? -6.308  4.544   3.846   1.00 31.97  ? 18  SER   A N   1 
ATOM   156  C  CA  . SER   A 1 18  ? -6.960  4.020   5.029   1.00 26.57  ? 18  SER   A CA  1 
ATOM   157  C  C   . SER   A 1 18  ? -8.411  4.495   5.116   1.00 30.55  ? 18  SER   A C   1 
ATOM   158  O  O   . SER   A 1 18  ? -9.261  3.765   5.625   1.00 35.67  ? 18  SER   A O   1 
ATOM   159  C  CB  . SER   A 1 18  ? -6.247  4.492   6.317   1.00 33.72  ? 18  SER   A CB  1 
ATOM   160  O  OG  . SER   A 1 18  ? -4.976  3.900   6.403   1.00 33.97  ? 18  SER   A OG  1 
ATOM   161  N  N   . LYS   A 1 19  ? -8.670  5.753   4.727   1.00 31.74  ? 19  LYS   A N   1 
ATOM   162  C  CA  . LYS   A 1 19  ? -9.991  6.381   4.887   1.00 32.54  ? 19  LYS   A CA  1 
ATOM   163  C  C   . LYS   A 1 19  ? -10.890 6.136   3.682   1.00 33.96  ? 19  LYS   A C   1 
ATOM   164  O  O   . LYS   A 1 19  ? -12.088 6.482   3.731   1.00 34.66  ? 19  LYS   A O   1 
ATOM   165  C  CB  . LYS   A 1 19  ? -9.820  7.895   5.111   1.00 36.46  ? 19  LYS   A CB  1 
ATOM   166  C  CG  . LYS   A 1 19  ? -9.146  8.300   6.445   1.00 39.83  ? 19  LYS   A CG  1 
ATOM   167  N  N   . TYR   A 1 20  ? -10.349 5.548   2.617   1.00 31.77  ? 20  TYR   A N   1 
ATOM   168  C  CA  . TYR   A 1 20  ? -11.122 5.275   1.418   1.00 33.12  ? 20  TYR   A CA  1 
ATOM   169  C  C   . TYR   A 1 20  ? -12.151 4.178   1.693   1.00 31.76  ? 20  TYR   A C   1 
ATOM   170  O  O   . TYR   A 1 20  ? -11.984 3.314   2.569   1.00 33.25  ? 20  TYR   A O   1 
ATOM   171  C  CB  . TYR   A 1 20  ? -10.202 4.855   0.272   1.00 31.36  ? 20  TYR   A CB  1 
ATOM   172  C  CG  . TYR   A 1 20  ? -10.810 4.955   -1.095  1.00 35.24  ? 20  TYR   A CG  1 
ATOM   173  C  CD1 . TYR   A 1 20  ? -10.735 6.131   -1.840  1.00 41.98  ? 20  TYR   A CD1 1 
ATOM   174  C  CD2 . TYR   A 1 20  ? -11.455 3.867   -1.649  1.00 37.85  ? 20  TYR   A CD2 1 
ATOM   175  C  CE1 . TYR   A 1 20  ? -11.256 6.183   -3.144  1.00 48.37  ? 20  TYR   A CE1 1 
ATOM   176  C  CE2 . TYR   A 1 20  ? -11.998 3.918   -2.940  1.00 39.25  ? 20  TYR   A CE2 1 
ATOM   177  C  CZ  . TYR   A 1 20  ? -11.895 5.080   -3.673  1.00 44.41  ? 20  TYR   A CZ  1 
ATOM   178  O  OH  . TYR   A 1 20  ? -12.437 5.110   -4.957  1.00 50.20  ? 20  TYR   A OH  1 
ATOM   179  N  N   . GLU   A 1 21  ? -13.266 4.267   0.979   1.00 38.13  ? 21  GLU   A N   1 
ATOM   180  C  CA  . GLU   A 1 21  ? -14.347 3.309   1.186   1.00 40.46  ? 21  GLU   A CA  1 
ATOM   181  C  C   . GLU   A 1 21  ? -13.839 1.881   1.015   1.00 29.93  ? 21  GLU   A C   1 
ATOM   182  O  O   . GLU   A 1 21  ? -13.257 1.540   -0.032  1.00 36.97  ? 21  GLU   A O   1 
ATOM   183  C  CB  . GLU   A 1 21  ? -15.471 3.599   0.204   1.00 44.80  ? 21  GLU   A CB  1 
ATOM   184  C  CG  . GLU   A 1 21  ? -16.664 2.816   0.518   1.00 49.92  ? 21  GLU   A CG  1 
ATOM   185  C  CD  . GLU   A 1 21  ? -17.865 3.294   -0.266  1.00 58.80  ? 21  GLU   A CD  1 
ATOM   186  O  OE1 . GLU   A 1 21  ? -17.822 3.202   -1.519  1.00 43.35  ? 21  GLU   A OE1 1 
ATOM   187  O  OE2 . GLU   A 1 21  ? -18.813 3.789   0.387   1.00 54.19  ? 21  GLU   A OE2 1 
ATOM   188  N  N   . GLY   A 1 22  ? -14.050 1.040   2.036   1.00 30.69  ? 22  GLY   A N   1 
ATOM   189  C  CA  . GLY   A 1 22  ? -13.543 -0.326  1.996   1.00 27.12  ? 22  GLY   A CA  1 
ATOM   190  C  C   . GLY   A 1 22  ? -12.076 -0.477  2.386   1.00 32.34  ? 22  GLY   A C   1 
ATOM   191  O  O   . GLY   A 1 22  ? -11.591 -1.617  2.483   1.00 29.43  ? 22  GLY   A O   1 
ATOM   192  N  N   . GLY   A 1 23  ? -11.368 0.634   2.612   1.00 32.57  ? 23  GLY   A N   1 
ATOM   193  C  CA  . GLY   A 1 23  ? -9.928  0.580   2.895   1.00 29.42  ? 23  GLY   A CA  1 
ATOM   194  C  C   . GLY   A 1 23  ? -9.556  -0.168  4.159   1.00 27.41  ? 23  GLY   A C   1 
ATOM   195  O  O   . GLY   A 1 23  ? -8.405  -0.649  4.278   1.00 29.05  ? 23  GLY   A O   1 
ATOM   196  N  N   . HIS   A 1 24  ? -10.480 -0.279  5.100   1.00 27.09  ? 24  HIS   A N   1 
ATOM   197  C  CA  . HIS   A 1 24  ? -10.228 -1.003  6.338   1.00 28.64  ? 24  HIS   A CA  1 
ATOM   198  C  C   . HIS   A 1 24  ? -9.770  -2.427  6.071   1.00 29.00  ? 24  HIS   A C   1 
ATOM   199  O  O   . HIS   A 1 24  ? -9.111  -3.018  6.932   1.00 27.20  ? 24  HIS   A O   1 
ATOM   200  C  CB  . HIS   A 1 24  ? -11.474 -0.995  7.229   1.00 26.68  ? 24  HIS   A CB  1 
ATOM   201  C  CG  . HIS   A 1 24  ? -12.635 -1.734  6.635   1.00 31.04  ? 24  HIS   A CG  1 
ATOM   202  N  ND1 . HIS   A 1 24  ? -13.489 -1.138  5.737   1.00 31.85  ? 24  HIS   A ND1 1 
ATOM   203  C  CD2 . HIS   A 1 24  ? -13.065 -3.008  6.799   1.00 27.12  ? 24  HIS   A CD2 1 
ATOM   204  C  CE1 . HIS   A 1 24  ? -14.407 -2.024  5.349   1.00 32.07  ? 24  HIS   A CE1 1 
ATOM   205  N  NE2 . HIS   A 1 24  ? -14.189 -3.165  5.992   1.00 29.58  ? 24  HIS   A NE2 1 
ATOM   206  N  N   . ILE   A 1 25  ? -10.140 -3.041  4.929   1.00 25.33  ? 25  ILE   A N   1 
ATOM   207  C  CA  . ILE   A 1 25  ? -9.708  -4.408  4.730   1.00 24.37  ? 25  ILE   A CA  1 
ATOM   208  C  C   . ILE   A 1 25  ? -8.230  -4.561  4.446   1.00 24.21  ? 25  ILE   A C   1 
ATOM   209  O  O   . ILE   A 1 25  ? -7.723  -5.663  4.595   1.00 26.84  ? 25  ILE   A O   1 
ATOM   210  C  CB  . ILE   A 1 25  ? -10.493 -5.057  3.572   1.00 23.89  ? 25  ILE   A CB  1 
ATOM   211  C  CG1 . ILE   A 1 25  ? -10.021 -4.537  2.222   1.00 25.64  ? 25  ILE   A CG1 1 
ATOM   212  C  CG2 . ILE   A 1 25  ? -12.025 -4.868  3.828   1.00 27.32  ? 25  ILE   A CG2 1 
ATOM   213  C  CD1 . ILE   A 1 25  ? -10.778 -5.362  1.042   1.00 28.13  ? 25  ILE   A CD1 1 
ATOM   214  N  N   . PHE   A 1 26  ? -7.518  -3.450  4.190   1.00 28.18  ? 26  PHE   A N   1 
ATOM   215  C  CA  . PHE   A 1 26  ? -6.075  -3.484  3.961   1.00 23.37  ? 26  PHE   A CA  1 
ATOM   216  C  C   . PHE   A 1 26  ? -5.328  -2.920  5.137   1.00 28.21  ? 26  PHE   A C   1 
ATOM   217  O  O   . PHE   A 1 26  ? -4.078  -2.899  5.087   1.00 27.86  ? 26  PHE   A O   1 
ATOM   218  C  CB  . PHE   A 1 26  ? -5.714  -2.709  2.695   1.00 22.60  ? 26  PHE   A CB  1 
ATOM   219  C  CG  . PHE   A 1 26  ? -6.386  -3.272  1.451   1.00 23.79  ? 26  PHE   A CG  1 
ATOM   220  C  CD1 . PHE   A 1 26  ? -6.058  -4.524  1.024   1.00 28.84  ? 26  PHE   A CD1 1 
ATOM   221  C  CD2 . PHE   A 1 26  ? -7.254  -2.484  0.732   1.00 28.43  ? 26  PHE   A CD2 1 
ATOM   222  C  CE1 . PHE   A 1 26  ? -6.653  -5.080  -0.138  1.00 29.07  ? 26  PHE   A CE1 1 
ATOM   223  C  CE2 . PHE   A 1 26  ? -7.906  -3.045  -0.457  1.00 28.38  ? 26  PHE   A CE2 1 
ATOM   224  C  CZ  . PHE   A 1 26  ? -7.608  -4.333  -0.847  1.00 33.59  ? 26  PHE   A CZ  1 
ATOM   225  N  N   . GLU   A 1 27  ? -6.043  -2.509  6.186   1.00 24.41  ? 27  GLU   A N   1 
ATOM   226  C  CA  . GLU   A 1 27  ? -5.372  -1.739  7.256   1.00 24.41  ? 27  GLU   A CA  1 
ATOM   227  C  C   . GLU   A 1 27  ? -4.406  -2.609  8.035   1.00 30.12  ? 27  GLU   A C   1 
ATOM   228  O  O   . GLU   A 1 27  ? -3.266  -2.188  8.327   1.00 29.59  ? 27  GLU   A O   1 
ATOM   229  C  CB  . GLU   A 1 27  ? -6.418  -1.095  8.174   1.00 24.70  ? 27  GLU   A CB  1 
ATOM   230  C  CG  . GLU   A 1 27  ? -5.731  -0.142  9.246   1.00 25.44  ? 27  GLU   A CG  1 
ATOM   231  C  CD  . GLU   A 1 27  ? -5.132  1.077   8.618   1.00 33.67  ? 27  GLU   A CD  1 
ATOM   232  O  OE1 . GLU   A 1 27  ? -5.620  1.528   7.554   1.00 28.29  ? 27  GLU   A OE1 1 
ATOM   233  O  OE2 . GLU   A 1 27  ? -4.104  1.598   9.181   1.00 30.88  ? 27  GLU   A OE2 1 
ATOM   234  N  N   . LYS   A 1 28  ? -4.872  -3.757  8.496   1.00 29.13  ? 28  LYS   A N   1 
ATOM   235  C  CA  . LYS   A 1 28  ? -4.079  -4.731  9.241   1.00 26.15  ? 28  LYS   A CA  1 
ATOM   236  C  C   . LYS   A 1 28  ? -3.778  -5.948  8.396   1.00 29.26  ? 28  LYS   A C   1 
ATOM   237  O  O   . LYS   A 1 28  ? -4.510  -6.251  7.427   1.00 26.92  ? 28  LYS   A O   1 
ATOM   238  C  CB  . LYS   A 1 28  ? -4.805  -5.196  10.509  1.00 27.37  ? 28  LYS   A CB  1 
ATOM   239  C  CG  . LYS   A 1 28  ? -5.258  -4.093  11.425  1.00 34.00  ? 28  LYS   A CG  1 
ATOM   240  C  CD  . LYS   A 1 28  ? -4.034  -3.269  11.837  1.00 35.53  ? 28  LYS   A CD  1 
ATOM   241  C  CE  . LYS   A 1 28  ? -4.441  -2.320  12.971  1.00 51.26  ? 28  LYS   A CE  1 
ATOM   242  N  NZ  . LYS   A 1 28  ? -3.363  -1.393  13.393  1.00 59.29  ? 28  LYS   A NZ  1 
ATOM   243  N  N   . LEU   A 1 29  ? -2.781  -6.727  8.830   1.00 28.45  ? 29  LEU   A N   1 
ATOM   244  C  CA  . LEU   A 1 29  ? -2.511  -7.999  8.160   1.00 29.65  ? 29  LEU   A CA  1 
ATOM   245  C  C   . LEU   A 1 29  ? -3.669  -8.968  8.380   1.00 28.54  ? 29  LEU   A C   1 
ATOM   246  O  O   . LEU   A 1 29  ? -4.351  -8.962  9.403   1.00 29.11  ? 29  LEU   A O   1 
ATOM   247  C  CB  . LEU   A 1 29  ? -1.204  -8.630  8.663   1.00 32.05  ? 29  LEU   A CB  1 
ATOM   248  C  CG  . LEU   A 1 29  ? 0.021   -7.830  8.254   1.00 30.30  ? 29  LEU   A CG  1 
ATOM   249  C  CD1 . LEU   A 1 29  ? 1.128   -8.170  9.255   1.00 34.22  ? 29  LEU   A CD1 1 
ATOM   250  C  CD2 . LEU   A 1 29  ? 0.422   -8.133  6.825   1.00 30.50  ? 29  LEU   A CD2 1 
ATOM   251  N  N   . VAL   A 1 30  ? -3.920  -9.791  7.362   1.00 29.40  ? 30  VAL   A N   1 
ATOM   252  C  CA  . VAL   A 1 30  ? -5.036  -10.727 7.410   1.00 29.31  ? 30  VAL   A CA  1 
ATOM   253  C  C   . VAL   A 1 30  ? -4.799  -11.741 8.522   1.00 30.45  ? 30  VAL   A C   1 
ATOM   254  O  O   . VAL   A 1 30  ? -3.697  -12.296 8.650   1.00 31.43  ? 30  VAL   A O   1 
ATOM   255  C  CB  . VAL   A 1 30  ? -5.156  -11.427 6.042   1.00 30.03  ? 30  VAL   A CB  1 
ATOM   256  C  CG1 . VAL   A 1 30  ? -6.175  -12.534 6.117   1.00 36.24  ? 30  VAL   A CG1 1 
ATOM   257  C  CG2 . VAL   A 1 30  ? -5.487  -10.419 4.980   1.00 32.37  ? 30  VAL   A CG2 1 
ATOM   258  N  N   . ASP   A 1 31  ? -5.818  -11.987 9.335   1.00 29.84  ? 31  ASP   A N   1 
ATOM   259  C  CA  . ASP   A 1 31  ? -5.786  -13.070 10.322  1.00 27.33  ? 31  ASP   A CA  1 
ATOM   260  C  C   . ASP   A 1 31  ? -6.370  -14.337 9.677   1.00 29.67  ? 31  ASP   A C   1 
ATOM   261  O  O   . ASP   A 1 31  ? -7.588  -14.397 9.406   1.00 33.06  ? 31  ASP   A O   1 
ATOM   262  C  CB  . ASP   A 1 31  ? -6.571  -12.628 11.553  1.00 32.71  ? 31  ASP   A CB  1 
ATOM   263  C  CG  . ASP   A 1 31  ? -6.497  -13.629 12.697  1.00 40.73  ? 31  ASP   A CG  1 
ATOM   264  O  OD1 . ASP   A 1 31  ? -6.614  -14.863 12.484  1.00 34.92  ? 31  ASP   A OD1 1 
ATOM   265  O  OD2 . ASP   A 1 31  ? -6.319  -13.176 13.844  1.00 38.85  ? 31  ASP   A OD2 1 
ATOM   266  N  N   . ALA   A 1 32  ? -5.516  -15.335 9.402   1.00 30.30  ? 32  ALA   A N   1 
ATOM   267  C  CA  . ALA   A 1 32  ? -5.960  -16.410 8.493   1.00 31.37  ? 32  ALA   A CA  1 
ATOM   268  C  C   . ALA   A 1 32  ? -7.170  -17.153 9.075   1.00 41.99  ? 32  ALA   A C   1 
ATOM   269  O  O   . ALA   A 1 32  ? -8.112  -17.502 8.350   1.00 36.59  ? 32  ALA   A O   1 
ATOM   270  C  CB  . ALA   A 1 32  ? -4.822  -17.365 8.206   1.00 33.80  ? 32  ALA   A CB  1 
ATOM   271  N  N   . LYS   A 1 33  ? -7.176  -17.362 10.389  1.00 35.84  ? 33  LYS   A N   1 
ATOM   272  C  CA  . LYS   A 1 33  ? -8.278  -18.041 11.074  1.00 43.97  ? 33  LYS   A CA  1 
ATOM   273  C  C   . LYS   A 1 33  ? -9.518  -17.151 11.161  1.00 46.87  ? 33  LYS   A C   1 
ATOM   274  O  O   . LYS   A 1 33  ? -10.641 -17.565 10.794  1.00 39.27  ? 33  LYS   A O   1 
ATOM   275  C  CB  . LYS   A 1 33  ? -7.811  -18.471 12.474  1.00 50.21  ? 33  LYS   A CB  1 
ATOM   276  C  CG  . LYS   A 1 33  ? -8.788  -19.302 13.282  1.00 60.11  ? 33  LYS   A CG  1 
ATOM   277  C  CD  . LYS   A 1 33  ? -8.174  -19.749 14.620  1.00 65.62  ? 33  LYS   A CD  1 
ATOM   278  N  N   . LYS   A 1 34  ? -9.334  -15.920 11.614  1.00 38.60  ? 34  LYS   A N   1 
ATOM   279  C  CA  . LYS   A 1 34  ? -10.465 -15.034 11.868  1.00 36.17  ? 34  LYS   A CA  1 
ATOM   280  C  C   . LYS   A 1 34  ? -11.170 -14.614 10.571  1.00 41.80  ? 34  LYS   A C   1 
ATOM   281  O  O   . LYS   A 1 34  ? -12.386 -14.447 10.552  1.00 37.91  ? 34  LYS   A O   1 
ATOM   282  C  CB  . LYS   A 1 34  ? -9.986  -13.813 12.679  1.00 38.04  ? 34  LYS   A CB  1 
ATOM   283  C  CG  . LYS   A 1 34  ? -11.008 -12.722 12.858  1.00 54.54  ? 34  LYS   A CG  1 
ATOM   284  N  N   A GLN   A 1 35  ? -10.431 -14.456 9.475   0.45 34.21  ? 35  GLN   A N   1 
ATOM   285  N  N   B GLN   A 1 35  ? -10.426 -14.450 9.484   0.55 34.15  ? 35  GLN   A N   1 
ATOM   286  C  CA  A GLN   A 1 35  ? -11.045 -14.124 8.196   0.45 34.97  ? 35  GLN   A CA  1 
ATOM   287  C  CA  B GLN   A 1 35  ? -11.013 -14.106 8.201   0.55 34.99  ? 35  GLN   A CA  1 
ATOM   288  C  C   A GLN   A 1 35  ? -11.404 -15.360 7.379   0.45 34.99  ? 35  GLN   A C   1 
ATOM   289  C  C   B GLN   A 1 35  ? -11.361 -15.352 7.371   0.55 35.04  ? 35  GLN   A C   1 
ATOM   290  O  O   A GLN   A 1 35  ? -11.733 -15.229 6.202   0.45 35.75  ? 35  GLN   A O   1 
ATOM   291  O  O   B GLN   A 1 35  ? -11.635 -15.223 6.181   0.55 35.66  ? 35  GLN   A O   1 
ATOM   292  C  CB  A GLN   A 1 35  ? -10.126 -13.198 7.383   0.45 33.60  ? 35  GLN   A CB  1 
ATOM   293  C  CB  B GLN   A 1 35  ? -10.058 -13.158 7.438   0.55 33.54  ? 35  GLN   A CB  1 
ATOM   294  C  CG  A GLN   A 1 35  ? -10.100 -11.774 7.909   0.45 35.55  ? 35  GLN   A CG  1 
ATOM   295  C  CG  B GLN   A 1 35  ? -10.234 -11.633 7.752   0.55 35.45  ? 35  GLN   A CG  1 
ATOM   296  C  CD  A GLN   A 1 35  ? -11.477 -11.228 8.233   0.45 36.69  ? 35  GLN   A CD  1 
ATOM   297  C  CD  B GLN   A 1 35  ? -9.652  -11.163 9.106   0.55 39.45  ? 35  GLN   A CD  1 
ATOM   298  O  OE1 A GLN   A 1 35  ? -12.435 -11.391 7.467   0.45 38.99  ? 35  GLN   A OE1 1 
ATOM   299  O  OE1 B GLN   A 1 35  ? -8.427  -10.981 9.283   0.55 32.86  ? 35  GLN   A OE1 1 
ATOM   300  N  NE2 A GLN   A 1 35  ? -11.580 -10.558 9.380   0.45 46.83  ? 35  GLN   A NE2 1 
ATOM   301  N  NE2 B GLN   A 1 35  ? -10.543 -10.914 10.051  0.55 31.68  ? 35  GLN   A NE2 1 
ATOM   302  N  N   . ASN   A 1 36  ? -11.312 -16.546 7.972   1.00 29.87  ? 36  ASN   A N   1 
ATOM   303  C  CA  . ASN   A 1 36  ? -11.744 -17.793 7.333   1.00 31.50  ? 36  ASN   A CA  1 
ATOM   304  C  C   . ASN   A 1 36  ? -11.004 -18.073 6.038   1.00 39.86  ? 36  ASN   A C   1 
ATOM   305  O  O   . ASN   A 1 36  ? -11.571 -18.528 5.047   1.00 38.47  ? 36  ASN   A O   1 
ATOM   306  C  CB  . ASN   A 1 36  ? -13.267 -17.801 7.109   1.00 33.57  ? 36  ASN   A CB  1 
ATOM   307  C  CG  . ASN   A 1 36  ? -14.008 -17.822 8.398   1.00 33.48  ? 36  ASN   A CG  1 
ATOM   308  O  OD1 . ASN   A 1 36  ? -13.901 -18.797 9.153   1.00 48.20  ? 36  ASN   A OD1 1 
ATOM   309  N  ND2 . ASN   A 1 36  ? -14.722 -16.735 8.711   1.00 39.58  ? 36  ASN   A ND2 1 
ATOM   310  N  N   A CYS   A 1 37  ? -9.708  -17.822 6.045   0.55 32.30  ? 37  CYS   A N   1 
ATOM   311  N  N   B CYS   A 1 37  ? -9.707  -17.782 6.035   0.45 32.25  ? 37  CYS   A N   1 
ATOM   312  C  CA  A CYS   A 1 37  ? -8.873  -18.063 4.877   0.55 33.99  ? 37  CYS   A CA  1 
ATOM   313  C  CA  B CYS   A 1 37  ? -8.838  -18.031 4.886   0.45 33.96  ? 37  CYS   A CA  1 
ATOM   314  C  C   A CYS   A 1 37  ? -7.612  -18.771 5.342   0.55 33.35  ? 37  CYS   A C   1 
ATOM   315  C  C   B CYS   A 1 37  ? -7.599  -18.767 5.368   0.45 33.38  ? 37  CYS   A C   1 
ATOM   316  O  O   A CYS   A 1 37  ? -6.507  -18.204 5.320   0.55 31.65  ? 37  CYS   A O   1 
ATOM   317  O  O   B CYS   A 1 37  ? -6.490  -18.211 5.379   0.45 31.64  ? 37  CYS   A O   1 
ATOM   318  C  CB  A CYS   A 1 37  ? -8.594  -16.751 4.143   0.55 31.85  ? 37  CYS   A CB  1 
ATOM   319  C  CB  B CYS   A 1 37  ? -8.455  -16.728 4.181   0.45 32.20  ? 37  CYS   A CB  1 
ATOM   320  S  SG  A CYS   A 1 37  ? -8.030  -15.411 5.194   0.55 29.04  ? 37  CYS   A SG  1 
ATOM   321  S  SG  B CYS   A 1 37  ? -9.784  -15.674 3.618   0.45 43.08  ? 37  CYS   A SG  1 
ATOM   322  N  N   . PRO   A 1 38  ? -7.745  -20.033 5.770   1.00 33.50  ? 38  PRO   A N   1 
ATOM   323  C  CA  . PRO   A 1 38  ? -6.608  -20.735 6.399   1.00 35.37  ? 38  PRO   A CA  1 
ATOM   324  C  C   . PRO   A 1 38  ? -5.387  -20.910 5.511   1.00 37.18  ? 38  PRO   A C   1 
ATOM   325  O  O   . PRO   A 1 38  ? -4.299  -21.042 6.054   1.00 37.16  ? 38  PRO   A O   1 
ATOM   326  C  CB  . PRO   A 1 38  ? -7.205  -22.091 6.801   1.00 39.81  ? 38  PRO   A CB  1 
ATOM   327  C  CG  . PRO   A 1 38  ? -8.409  -22.272 5.884   1.00 35.26  ? 38  PRO   A CG  1 
ATOM   328  C  CD  . PRO   A 1 38  ? -8.957  -20.871 5.717   1.00 38.15  ? 38  PRO   A CD  1 
ATOM   329  N  N   . ASP   A 1 39  ? -5.533  -20.887 4.191   1.00 31.38  ? 39  ASP   A N   1 
ATOM   330  C  CA  . ASP   A 1 39  ? -4.433  -21.004 3.244   1.00 33.29  ? 39  ASP   A CA  1 
ATOM   331  C  C   . ASP   A 1 39  ? -3.801  -19.670 2.844   1.00 37.18  ? 39  ASP   A C   1 
ATOM   332  O  O   . ASP   A 1 39  ? -2.936  -19.659 1.963   1.00 33.61  ? 39  ASP   A O   1 
ATOM   333  C  CB  . ASP   A 1 39  ? -4.927  -21.722 1.992   1.00 35.67  ? 39  ASP   A CB  1 
ATOM   334  C  CG  . ASP   A 1 39  ? -5.969  -20.920 1.221   1.00 39.04  ? 39  ASP   A CG  1 
ATOM   335  O  OD1 . ASP   A 1 39  ? -6.539  -19.927 1.738   1.00 35.57  ? 39  ASP   A OD1 1 
ATOM   336  O  OD2 . ASP   A 1 39  ? -6.251  -21.289 0.065   1.00 44.55  ? 39  ASP   A OD2 1 
ATOM   337  N  N   . TYR   A 1 40  ? -4.166  -18.557 3.506   1.00 30.81  ? 40  TYR   A N   1 
ATOM   338  C  CA  . TYR   A 1 40  ? -3.775  -17.246 2.999   1.00 26.90  ? 40  TYR   A CA  1 
ATOM   339  C  C   . TYR   A 1 40  ? -2.244  -17.126 2.891   1.00 30.56  ? 40  TYR   A C   1 
ATOM   340  O  O   . TYR   A 1 40  ? -1.705  -16.662 1.873   1.00 31.11  ? 40  TYR   A O   1 
ATOM   341  C  CB  . TYR   A 1 40  ? -4.343  -16.136 3.921   1.00 28.26  ? 40  TYR   A CB  1 
ATOM   342  C  CG  . TYR   A 1 40  ? -3.982  -14.769 3.432   1.00 29.64  ? 40  TYR   A CG  1 
ATOM   343  C  CD1 . TYR   A 1 40  ? -4.700  -14.185 2.422   1.00 28.01  ? 40  TYR   A CD1 1 
ATOM   344  C  CD2 . TYR   A 1 40  ? -2.881  -14.040 3.994   1.00 26.17  ? 40  TYR   A CD2 1 
ATOM   345  C  CE1 . TYR   A 1 40  ? -4.395  -12.951 1.909   1.00 28.90  ? 40  TYR   A CE1 1 
ATOM   346  C  CE2 . TYR   A 1 40  ? -2.522  -12.819 3.457   1.00 30.54  ? 40  TYR   A CE2 1 
ATOM   347  C  CZ  . TYR   A 1 40  ? -3.281  -12.243 2.467   1.00 26.88  ? 40  TYR   A CZ  1 
ATOM   348  O  OH  . TYR   A 1 40  ? -3.004  -11.003 1.948   1.00 32.43  ? 40  TYR   A OH  1 
ATOM   349  N  N   . TYR   A 1 41  ? -1.538  -17.521 3.945   1.00 30.49  ? 41  TYR   A N   1 
ATOM   350  C  CA  . TYR   A 1 41  ? -0.085  -17.391 4.006   1.00 29.42  ? 41  TYR   A CA  1 
ATOM   351  C  C   . TYR   A 1 41  ? 0.622   -18.545 3.308   1.00 32.51  ? 41  TYR   A C   1 
ATOM   352  O  O   . TYR   A 1 41  ? 1.847   -18.533 3.236   1.00 39.02  ? 41  TYR   A O   1 
ATOM   353  C  CB  . TYR   A 1 41  ? 0.381   -17.238 5.476   1.00 30.96  ? 41  TYR   A CB  1 
ATOM   354  C  CG  . TYR   A 1 41  ? -0.126  -15.924 6.039   1.00 30.82  ? 41  TYR   A CG  1 
ATOM   355  C  CD1 . TYR   A 1 41  ? 0.364   -14.713 5.520   1.00 32.81  ? 41  TYR   A CD1 1 
ATOM   356  C  CD2 . TYR   A 1 41  ? -1.136  -15.878 7.027   1.00 28.29  ? 41  TYR   A CD2 1 
ATOM   357  C  CE1 . TYR   A 1 41  ? -0.097  -13.482 5.977   1.00 29.54  ? 41  TYR   A CE1 1 
ATOM   358  C  CE2 . TYR   A 1 41  ? -1.636  -14.641 7.503   1.00 29.00  ? 41  TYR   A CE2 1 
ATOM   359  C  CZ  . TYR   A 1 41  ? -1.098  -13.436 6.968   1.00 27.78  ? 41  TYR   A CZ  1 
ATOM   360  O  OH  . TYR   A 1 41  ? -1.527  -12.201 7.357   1.00 31.64  ? 41  TYR   A OH  1 
ATOM   361  N  N   . ASP   A 1 42  ? -0.119  -19.531 2.838   1.00 35.31  ? 42  ASP   A N   1 
ATOM   362  C  CA  . ASP   A 1 42  ? 0.421   -20.456 1.831   1.00 36.32  ? 42  ASP   A CA  1 
ATOM   363  C  C   . ASP   A 1 42  ? 0.471   -19.835 0.438   1.00 32.80  ? 42  ASP   A C   1 
ATOM   364  O  O   . ASP   A 1 42  ? 1.320   -20.220 -0.381  1.00 42.56  ? 42  ASP   A O   1 
ATOM   365  C  CB  . ASP   A 1 42  ? -0.420  -21.733 1.837   1.00 38.92  ? 42  ASP   A CB  1 
ATOM   366  C  CG  . ASP   A 1 42  ? -0.336  -22.450 3.167   1.00 46.87  ? 42  ASP   A CG  1 
ATOM   367  O  OD1 . ASP   A 1 42  ? 0.777   -22.441 3.752   1.00 50.39  ? 42  ASP   A OD1 1 
ATOM   368  O  OD2 . ASP   A 1 42  ? -1.364  -22.973 3.650   1.00 53.47  ? 42  ASP   A OD2 1 
ATOM   369  N  N   . VAL   A 1 43  ? -0.414  -18.896 0.131   1.00 33.76  ? 43  VAL   A N   1 
ATOM   370  C  CA  . VAL   A 1 43  ? -0.466  -18.253 -1.180  1.00 27.98  ? 43  VAL   A CA  1 
ATOM   371  C  C   . VAL   A 1 43  ? 0.317   -16.941 -1.197  1.00 31.62  ? 43  VAL   A C   1 
ATOM   372  O  O   . VAL   A 1 43  ? 1.002   -16.621 -2.180  1.00 31.70  ? 43  VAL   A O   1 
ATOM   373  C  CB  . VAL   A 1 43  ? -1.932  -18.026 -1.603  1.00 33.13  ? 43  VAL   A CB  1 
ATOM   374  C  CG1 . VAL   A 1 43  ? -1.960  -17.269 -2.928  1.00 31.14  ? 43  VAL   A CG1 1 
ATOM   375  C  CG2 . VAL   A 1 43  ? -2.673  -19.355 -1.702  1.00 32.24  ? 43  VAL   A CG2 1 
ATOM   376  N  N   . ILE   A 1 44  ? 0.229   -16.171 -0.110  1.00 34.23  ? 44  ILE   A N   1 
ATOM   377  C  CA  . ILE   A 1 44  ? 0.820   -14.835 -0.011  1.00 32.56  ? 44  ILE   A CA  1 
ATOM   378  C  C   . ILE   A 1 44  ? 2.077   -14.936 0.841   1.00 32.13  ? 44  ILE   A C   1 
ATOM   379  O  O   . ILE   A 1 44  ? 1.990   -15.147 2.053   1.00 32.68  ? 44  ILE   A O   1 
ATOM   380  C  CB  . ILE   A 1 44  ? -0.181  -13.839 0.599   1.00 27.53  ? 44  ILE   A CB  1 
ATOM   381  C  CG1 . ILE   A 1 44  ? -1.429  -13.753 -0.305  1.00 26.59  ? 44  ILE   A CG1 1 
ATOM   382  C  CG2 . ILE   A 1 44  ? 0.486   -12.462 0.835   1.00 33.29  ? 44  ILE   A CG2 1 
ATOM   383  C  CD1 . ILE   A 1 44  ? -1.090  -13.460 -1.774  1.00 28.99  ? 44  ILE   A CD1 1 
ATOM   384  N  N   . LYS   A 1 45  ? 3.231   -14.875 0.165   1.00 29.05  ? 45  LYS   A N   1 
ATOM   385  C  CA  . LYS   A 1 45  ? 4.516   -15.053 0.818   1.00 35.81  ? 45  LYS   A CA  1 
ATOM   386  C  C   . LYS   A 1 45  ? 5.080   -13.749 1.321   1.00 35.15  ? 45  LYS   A C   1 
ATOM   387  O  O   . LYS   A 1 45  ? 5.947   -13.776 2.195   1.00 36.24  ? 45  LYS   A O   1 
ATOM   388  C  CB  . LYS   A 1 45  ? 5.516   -15.707 -0.147  1.00 37.82  ? 45  LYS   A CB  1 
ATOM   389  C  CG  . LYS   A 1 45  ? 5.161   -17.182 -0.496  1.00 45.97  ? 45  LYS   A CG  1 
ATOM   390  C  CD  . LYS   A 1 45  ? 4.831   -17.934 0.800   1.00 55.64  ? 45  LYS   A CD  1 
ATOM   391  C  CE  . LYS   A 1 45  ? 4.382   -19.386 0.589   1.00 65.09  ? 45  LYS   A CE  1 
ATOM   392  N  NZ  . LYS   A 1 45  ? 4.059   -20.013 1.930   1.00 60.67  ? 45  LYS   A NZ  1 
ATOM   393  N  N   . ASN   A 1 46  ? 4.630   -12.614 0.776   1.00 32.19  ? 46  ASN   A N   1 
ATOM   394  C  CA  . ASN   A 1 46  ? 5.133   -11.295 1.174   1.00 30.94  ? 46  ASN   A CA  1 
ATOM   395  C  C   . ASN   A 1 46  ? 3.915   -10.463 1.551   1.00 26.87  ? 46  ASN   A C   1 
ATOM   396  O  O   . ASN   A 1 46  ? 3.522   -9.542  0.822   1.00 29.58  ? 46  ASN   A O   1 
ATOM   397  C  CB  . ASN   A 1 46  ? 5.932   -10.641 0.056   1.00 30.28  ? 46  ASN   A CB  1 
ATOM   398  C  CG  . ASN   A 1 46  ? 7.174   -11.435 -0.304  1.00 45.61  ? 46  ASN   A CG  1 
ATOM   399  O  OD1 . ASN   A 1 46  ? 7.263   -11.987 -1.380  1.00 56.24  ? 46  ASN   A OD1 1 
ATOM   400  N  ND2 . ASN   A 1 46  ? 8.115   -11.519 0.617   1.00 46.43  ? 46  ASN   A ND2 1 
ATOM   401  N  N   . PRO   A 1 47  ? 3.378   -10.689 2.732   1.00 30.09  ? 47  PRO   A N   1 
ATOM   402  C  CA  . PRO   A 1 47  ? 2.190   -9.941  3.165   1.00 31.58  ? 47  PRO   A CA  1 
ATOM   403  C  C   . PRO   A 1 47  ? 2.529   -8.498  3.500   1.00 32.93  ? 47  PRO   A C   1 
ATOM   404  O  O   . PRO   A 1 47  ? 3.667   -8.155  3.843   1.00 30.48  ? 47  PRO   A O   1 
ATOM   405  C  CB  . PRO   A 1 47  ? 1.715   -10.705 4.411   1.00 35.03  ? 47  PRO   A CB  1 
ATOM   406  C  CG  . PRO   A 1 47  ? 2.868   -11.457 4.878   1.00 33.48  ? 47  PRO   A CG  1 
ATOM   407  C  CD  . PRO   A 1 47  ? 3.756   -11.737 3.696   1.00 31.18  ? 47  PRO   A CD  1 
ATOM   408  N  N   . MET   A 1 48  ? 1.516   -7.648  3.384   1.00 28.99  ? 48  MET   A N   1 
ATOM   409  C  CA  . MET   A 1 48  ? 1.650   -6.205  3.541   1.00 29.02  ? 48  MET   A CA  1 
ATOM   410  C  C   . MET   A 1 48  ? 0.282   -5.582  3.841   1.00 29.01  ? 48  MET   A C   1 
ATOM   411  O  O   . MET   A 1 48  ? -0.734  -5.968  3.252   1.00 28.00  ? 48  MET   A O   1 
ATOM   412  C  CB  . MET   A 1 48  ? 2.245   -5.588  2.265   1.00 30.12  ? 48  MET   A CB  1 
ATOM   413  C  CG  . MET   A 1 48  ? 2.705   -4.152  2.445   1.00 29.43  ? 48  MET   A CG  1 
ATOM   414  S  SD  . MET   A 1 48  ? 4.056   -3.881  3.679   1.00 30.12  ? 48  MET   A SD  1 
ATOM   415  C  CE  . MET   A 1 48  ? 5.389   -4.847  2.917   1.00 32.17  ? 48  MET   A CE  1 
ATOM   416  N  N   . SER   A 1 49  ? 0.283   -4.563  4.677   1.00 25.53  ? 49  SER   A N   1 
ATOM   417  C  CA  . SER   A 1 49  ? -0.922  -3.849  5.100   1.00 25.13  ? 49  SER   A CA  1 
ATOM   418  C  C   . SER   A 1 49  ? -0.603  -2.359  5.215   1.00 28.99  ? 49  SER   A C   1 
ATOM   419  O  O   . SER   A 1 49  ? 0.576   -1.968  5.275   1.00 27.19  ? 49  SER   A O   1 
ATOM   420  C  CB  . SER   A 1 49  ? -1.435  -4.419  6.427   1.00 29.39  ? 49  SER   A CB  1 
ATOM   421  O  OG  . SER   A 1 49  ? -0.649  -3.917  7.542   1.00 29.66  ? 49  SER   A OG  1 
ATOM   422  N  N   . PHE   A 1 50  ? -1.633  -1.517  5.251   1.00 28.39  ? 50  PHE   A N   1 
ATOM   423  C  CA  . PHE   A 1 50  ? -1.408  -0.078  5.456   1.00 27.25  ? 50  PHE   A CA  1 
ATOM   424  C  C   . PHE   A 1 50  ? -0.664  0.186   6.765   1.00 30.60  ? 50  PHE   A C   1 
ATOM   425  O  O   . PHE   A 1 50  ? 0.171   1.101   6.838   1.00 29.34  ? 50  PHE   A O   1 
ATOM   426  C  CB  . PHE   A 1 50  ? -2.739  0.715   5.473   1.00 28.50  ? 50  PHE   A CB  1 
ATOM   427  C  CG  . PHE   A 1 50  ? -3.477  0.655   4.178   1.00 26.02  ? 50  PHE   A CG  1 
ATOM   428  C  CD1 . PHE   A 1 50  ? -2.840  0.398   2.991   1.00 25.39  ? 50  PHE   A CD1 1 
ATOM   429  C  CD2 . PHE   A 1 50  ? -4.873  0.897   4.198   1.00 26.54  ? 50  PHE   A CD2 1 
ATOM   430  C  CE1 . PHE   A 1 50  ? -3.546  0.308   1.754   1.00 28.83  ? 50  PHE   A CE1 1 
ATOM   431  C  CE2 . PHE   A 1 50  ? -5.581  0.833   2.962   1.00 27.87  ? 50  PHE   A CE2 1 
ATOM   432  C  CZ  . PHE   A 1 50  ? -4.915  0.568   1.785   1.00 28.99  ? 50  PHE   A CZ  1 
ATOM   433  N  N   . SER   A 1 51  ? -0.967  -0.591  7.810   1.00 25.75  ? 51  SER   A N   1 
ATOM   434  C  CA  . SER   A 1 51  ? -0.319  -0.353  9.100   1.00 31.45  ? 51  SER   A CA  1 
ATOM   435  C  C   . SER   A 1 51  ? 1.162   -0.710  9.036   1.00 30.89  ? 51  SER   A C   1 
ATOM   436  O  O   . SER   A 1 51  ? 1.968   -0.041  9.726   1.00 29.27  ? 51  SER   A O   1 
ATOM   437  C  CB  . SER   A 1 51  ? -1.034  -1.115  10.231  1.00 33.38  ? 51  SER   A CB  1 
ATOM   438  O  OG  . SER   A 1 51  ? -0.942  -2.525  10.091  1.00 35.86  ? 51  SER   A OG  1 
ATOM   439  N  N   . CYS   A 1 52  ? 1.548   -1.722  8.222   1.00 27.45  ? 52  CYS   A N   1 
ATOM   440  C  CA  . CYS   A 1 52  ? 2.987   -2.028  8.009   1.00 25.87  ? 52  CYS   A CA  1 
ATOM   441  C  C   . CYS   A 1 52  ? 3.693   -0.849  7.374   1.00 32.08  ? 52  CYS   A C   1 
ATOM   442  O  O   . CYS   A 1 52  ? 4.807   -0.461  7.781   1.00 30.63  ? 52  CYS   A O   1 
ATOM   443  C  CB  . CYS   A 1 52  ? 3.155   -3.231  7.083   1.00 32.63  ? 52  CYS   A CB  1 
ATOM   444  S  SG  . CYS   A 1 52  ? 2.389   -4.788  7.641   1.00 32.62  ? 52  CYS   A SG  1 
ATOM   445  N  N   . VAL   A 1 53  ? 3.081   -0.282  6.349   1.00 27.37  ? 53  VAL   A N   1 
ATOM   446  C  CA  . VAL   A 1 53  ? 3.653   0.869   5.659   1.00 28.51  ? 53  VAL   A CA  1 
ATOM   447  C  C   . VAL   A 1 53  ? 3.709   2.082   6.596   1.00 30.77  ? 53  VAL   A C   1 
ATOM   448  O  O   . VAL   A 1 53  ? 4.714   2.823   6.619   1.00 28.29  ? 53  VAL   A O   1 
ATOM   449  C  CB  . VAL   A 1 53  ? 2.847   1.165   4.392   1.00 32.36  ? 53  VAL   A CB  1 
ATOM   450  C  CG1 . VAL   A 1 53  ? 3.329   2.462   3.768   1.00 30.26  ? 53  VAL   A CG1 1 
ATOM   451  C  CG2 . VAL   A 1 53  ? 2.945   -0.008  3.416   1.00 29.86  ? 53  VAL   A CG2 1 
ATOM   452  N  N   . LYS   A 1 54  ? 2.671   2.297   7.406   1.00 25.07  ? 54  LYS   A N   1 
ATOM   453  C  CA  . LYS   A 1 54  ? 2.704   3.376   8.393   1.00 26.33  ? 54  LYS   A CA  1 
ATOM   454  C  C   . LYS   A 1 54  ? 3.861   3.187   9.361   1.00 30.12  ? 54  LYS   A C   1 
ATOM   455  O  O   . LYS   A 1 54  ? 4.539   4.161   9.715   1.00 31.47  ? 54  LYS   A O   1 
ATOM   456  C  CB  . LYS   A 1 54  ? 1.351   3.440   9.139   1.00 26.90  ? 54  LYS   A CB  1 
ATOM   457  C  CG  . LYS   A 1 54  ? 0.293   4.046   8.263   1.00 26.81  ? 54  LYS   A CG  1 
ATOM   458  C  CD  . LYS   A 1 54  ? -1.086  3.964   9.029   1.00 30.40  ? 54  LYS   A CD  1 
ATOM   459  C  CE  . LYS   A 1 54  ? -2.235  4.349   8.119   1.00 34.80  ? 54  LYS   A CE  1 
ATOM   460  N  NZ  . LYS   A 1 54  ? -3.536  4.351   8.921   1.00 31.67  ? 54  LYS   A NZ  1 
ATOM   461  N  N   . THR   A 1 55  ? 4.082   1.955   9.829   1.00 28.61  ? 55  THR   A N   1 
ATOM   462  C  CA  . THR   A 1 55  ? 5.208   1.713   10.750  1.00 30.19  ? 55  THR   A CA  1 
ATOM   463  C  C   . THR   A 1 55  ? 6.555   1.997   10.080  1.00 33.74  ? 55  THR   A C   1 
ATOM   464  O  O   . THR   A 1 55  ? 7.445   2.612   10.704  1.00 31.22  ? 55  THR   A O   1 
ATOM   465  C  CB  . THR   A 1 55  ? 5.134   0.276   11.286  1.00 33.17  ? 55  THR   A CB  1 
ATOM   466  O  OG1 . THR   A 1 55  ? 3.939   0.134   12.091  1.00 31.40  ? 55  THR   A OG1 1 
ATOM   467  C  CG2 . THR   A 1 55  ? 6.359   -0.089  12.132  1.00 33.60  ? 55  THR   A CG2 1 
ATOM   468  N  N   . LYS   A 1 56  ? 6.716   1.608   8.818   1.00 29.13  ? 56  LYS   A N   1 
ATOM   469  C  CA  . LYS   A 1 56  ? 7.984   1.873   8.113   1.00 27.28  ? 56  LYS   A CA  1 
ATOM   470  C  C   . LYS   A 1 56  ? 8.239   3.379   7.980   1.00 33.43  ? 56  LYS   A C   1 
ATOM   471  O  O   . LYS   A 1 56  ? 9.384   3.859   8.146   1.00 30.33  ? 56  LYS   A O   1 
ATOM   472  C  CB  . LYS   A 1 56  ? 7.933   1.167   6.749   1.00 28.13  ? 56  LYS   A CB  1 
ATOM   473  C  CG  . LYS   A 1 56  ? 8.149   -0.357  6.891   1.00 31.44  ? 56  LYS   A CG  1 
ATOM   474  C  CD  . LYS   A 1 56  ? 8.038   -1.130  5.552   1.00 31.64  ? 56  LYS   A CD  1 
ATOM   475  C  CE  . LYS   A 1 56  ? 9.333   -1.553  4.987   1.00 47.48  ? 56  LYS   A CE  1 
ATOM   476  N  NZ  . LYS   A 1 56  ? 9.130   -2.627  3.940   1.00 37.42  ? 56  LYS   A NZ  1 
ATOM   477  N  N   . LEU   A 1 57  ? 7.188   4.144   7.696   1.00 28.63  ? 57  LEU   A N   1 
ATOM   478  C  CA  . LEU   A 1 57  ? 7.270   5.603   7.640   1.00 32.34  ? 57  LEU   A CA  1 
ATOM   479  C  C   . LEU   A 1 57  ? 7.604   6.185   9.015   1.00 33.14  ? 57  LEU   A C   1 
ATOM   480  O  O   . LEU   A 1 57  ? 8.473   7.072   9.120   1.00 34.14  ? 57  LEU   A O   1 
ATOM   481  C  CB  . LEU   A 1 57  ? 5.964   6.188   7.091   1.00 32.99  ? 57  LEU   A CB  1 
ATOM   482  C  CG  . LEU   A 1 57  ? 5.769   5.956   5.582   1.00 34.29  ? 57  LEU   A CG  1 
ATOM   483  C  CD1 . LEU   A 1 57  ? 4.271   6.254   5.259   1.00 31.94  ? 57  LEU   A CD1 1 
ATOM   484  C  CD2 . LEU   A 1 57  ? 6.664   6.873   4.781   1.00 31.24  ? 57  LEU   A CD2 1 
ATOM   485  N  N   . LYS   A 1 58  ? 6.975   5.685   10.084  1.00 29.74  ? 58  LYS   A N   1 
ATOM   486  C  CA  . LYS   A 1 58  ? 7.235   6.211   11.427  1.00 32.93  ? 58  LYS   A CA  1 
ATOM   487  C  C   . LYS   A 1 58  ? 8.676   5.939   11.854  1.00 30.65  ? 58  LYS   A C   1 
ATOM   488  O  O   . LYS   A 1 58  ? 9.323   6.800   12.508  1.00 32.58  ? 58  LYS   A O   1 
ATOM   489  C  CB  . LYS   A 1 58  ? 6.270   5.591   12.440  1.00 31.79  ? 58  LYS   A CB  1 
ATOM   490  C  CG  . LYS   A 1 58  ? 6.449   5.999   13.899  1.00 35.77  ? 58  LYS   A CG  1 
ATOM   491  C  CD  . LYS   A 1 58  ? 5.530   5.124   14.783  1.00 38.70  ? 58  LYS   A CD  1 
ATOM   492  C  CE  . LYS   A 1 58  ? 5.621   5.590   16.255  1.00 49.76  ? 58  LYS   A CE  1 
ATOM   493  N  NZ  . LYS   A 1 58  ? 4.880   4.735   17.222  1.00 48.21  ? 58  LYS   A NZ  1 
ATOM   494  N  N   . LYS   A 1 59  ? 9.183   4.735   11.535  1.00 30.54  ? 59  LYS   A N   1 
ATOM   495  C  CA  . LYS   A 1 59  ? 10.484  4.294   12.058  1.00 31.89  ? 59  LYS   A CA  1 
ATOM   496  C  C   . LYS   A 1 59  ? 11.663  4.766   11.196  1.00 35.80  ? 59  LYS   A C   1 
ATOM   497  O  O   . LYS   A 1 59  ? 12.817  4.681   11.653  1.00 34.83  ? 59  LYS   A O   1 
ATOM   498  C  CB  . LYS   A 1 59  ? 10.534  2.757   12.181  1.00 32.04  ? 59  LYS   A CB  1 
ATOM   499  C  CG  . LYS   A 1 59  ? 9.477   2.087   13.131  1.00 32.94  ? 59  LYS   A CG  1 
ATOM   500  C  CD  . LYS   A 1 59  ? 9.621   2.445   14.547  1.00 31.05  ? 59  LYS   A CD  1 
ATOM   501  C  CE  . LYS   A 1 59  ? 8.627   1.618   15.409  1.00 34.95  ? 59  LYS   A CE  1 
ATOM   502  N  NZ  . LYS   A 1 59  ? 8.896   1.796   16.854  1.00 33.48  ? 59  LYS   A NZ  1 
ATOM   503  N  N   . GLY   A 1 60  ? 11.407  5.287   9.991   1.00 28.90  ? 60  GLY   A N   1 
ATOM   504  C  CA  . GLY   A 1 60  ? 12.443  5.642   9.021   1.00 28.56  ? 60  GLY   A CA  1 
ATOM   505  C  C   . GLY   A 1 60  ? 13.081  4.500   8.268   1.00 37.03  ? 60  GLY   A C   1 
ATOM   506  O  O   . GLY   A 1 60  ? 14.293  4.553   7.934   1.00 33.76  ? 60  GLY   A O   1 
ATOM   507  N  N   . GLN   A 1 61  ? 12.275  3.490   7.878   1.00 32.47  ? 61  GLN   A N   1 
ATOM   508  C  CA  . GLN   A 1 61  ? 12.825  2.341   7.180   1.00 31.82  ? 61  GLN   A CA  1 
ATOM   509  C  C   . GLN   A 1 61  ? 12.907  2.525   5.680   1.00 36.51  ? 61  GLN   A C   1 
ATOM   510  O  O   . GLN   A 1 61  ? 13.438  1.645   4.993   1.00 47.83  ? 61  GLN   A O   1 
ATOM   511  C  CB  . GLN   A 1 61  ? 11.984  1.083   7.447   1.00 35.13  ? 61  GLN   A CB  1 
ATOM   512  C  CG  . GLN   A 1 61  ? 11.975  0.584   8.872   1.00 38.26  ? 61  GLN   A CG  1 
ATOM   513  C  CD  . GLN   A 1 61  ? 11.087  -0.674  9.064   1.00 37.94  ? 61  GLN   A CD  1 
ATOM   514  O  OE1 . GLN   A 1 61  ? 11.335  -1.722  8.462   1.00 40.13  ? 61  GLN   A OE1 1 
ATOM   515  N  NE2 . GLN   A 1 61  ? 10.046  -0.542  9.869   1.00 38.36  ? 61  GLN   A NE2 1 
ATOM   516  N  N   . TYR   A 1 62  ? 12.392  3.615   5.132   1.00 33.76  ? 62  TYR   A N   1 
ATOM   517  C  CA  . TYR   A 1 62  ? 12.466  3.830   3.690   1.00 33.46  ? 62  TYR   A CA  1 
ATOM   518  C  C   . TYR   A 1 62  ? 13.642  4.754   3.367   1.00 32.64  ? 62  TYR   A C   1 
ATOM   519  O  O   . TYR   A 1 62  ? 13.828  5.793   4.029   1.00 34.79  ? 62  TYR   A O   1 
ATOM   520  C  CB  . TYR   A 1 62  ? 11.199  4.459   3.152   1.00 37.47  ? 62  TYR   A CB  1 
ATOM   521  C  CG  . TYR   A 1 62  ? 9.999   3.549   3.110   1.00 36.45  ? 62  TYR   A CG  1 
ATOM   522  C  CD1 . TYR   A 1 62  ? 10.075  2.278   2.541   1.00 31.91  ? 62  TYR   A CD1 1 
ATOM   523  C  CD2 . TYR   A 1 62  ? 8.789   3.970   3.643   1.00 29.68  ? 62  TYR   A CD2 1 
ATOM   524  C  CE1 . TYR   A 1 62  ? 8.907   1.449   2.453   1.00 35.45  ? 62  TYR   A CE1 1 
ATOM   525  C  CE2 . TYR   A 1 62  ? 7.643   3.144   3.567   1.00 32.39  ? 62  TYR   A CE2 1 
ATOM   526  C  CZ  . TYR   A 1 62  ? 7.745   1.908   2.989   1.00 35.17  ? 62  TYR   A CZ  1 
ATOM   527  O  OH  . TYR   A 1 62  ? 6.603   1.124   2.945   1.00 32.15  ? 62  TYR   A OH  1 
ATOM   528  N  N   . GLY   A 1 63  ? 14.413  4.360   2.369   1.00 36.30  ? 63  GLY   A N   1 
ATOM   529  C  CA  . GLY   A 1 63  ? 15.537  5.134   1.857   1.00 36.75  ? 63  GLY   A CA  1 
ATOM   530  C  C   . GLY   A 1 63  ? 15.245  5.912   0.589   1.00 40.41  ? 63  GLY   A C   1 
ATOM   531  O  O   . GLY   A 1 63  ? 15.874  6.946   0.332   1.00 41.41  ? 63  GLY   A O   1 
ATOM   532  N  N   . LEU   A 1 64  ? 14.286  5.443   -0.217  1.00 35.21  ? 64  LEU   A N   1 
ATOM   533  C  CA  . LEU   A 1 64  ? 13.945  5.990   -1.518  1.00 34.07  ? 64  LEU   A CA  1 
ATOM   534  C  C   . LEU   A 1 64  ? 12.432  6.053   -1.683  1.00 38.76  ? 64  LEU   A C   1 
ATOM   535  O  O   . LEU   A 1 64  ? 11.714  5.171   -1.194  1.00 36.10  ? 64  LEU   A O   1 
ATOM   536  C  CB  . LEU   A 1 64  ? 14.511  5.110   -2.643  1.00 34.17  ? 64  LEU   A CB  1 
ATOM   537  C  CG  . LEU   A 1 64  ? 16.045  5.039   -2.645  1.00 44.55  ? 64  LEU   A CG  1 
ATOM   538  C  CD1 . LEU   A 1 64  ? 16.475  3.919   -3.540  1.00 46.54  ? 64  LEU   A CD1 1 
ATOM   539  C  CD2 . LEU   A 1 64  ? 16.553  6.391   -3.117  1.00 44.41  ? 64  LEU   A CD2 1 
ATOM   540  N  N   . PRO   A 1 65  ? 11.924  7.086   -2.361  1.00 34.44  ? 65  PRO   A N   1 
ATOM   541  C  CA  . PRO   A 1 65  ? 10.461  7.235   -2.460  1.00 33.18  ? 65  PRO   A CA  1 
ATOM   542  C  C   . PRO   A 1 65  ? 9.800   6.076   -3.180  1.00 33.66  ? 65  PRO   A C   1 
ATOM   543  O  O   . PRO   A 1 65  ? 8.578   5.870   -2.985  1.00 34.80  ? 65  PRO   A O   1 
ATOM   544  C  CB  . PRO   A 1 65  ? 10.287  8.546   -3.234  1.00 43.25  ? 65  PRO   A CB  1 
ATOM   545  C  CG  . PRO   A 1 65  ? 11.665  9.189   -3.298  1.00 45.40  ? 65  PRO   A CG  1 
ATOM   546  C  CD  . PRO   A 1 65  ? 12.676  8.164   -3.031  1.00 43.19  ? 65  PRO   A CD  1 
ATOM   547  N  N   . THR   A 1 66  ? 10.535  5.333   -4.006  1.00 33.44  ? 66  THR   A N   1 
ATOM   548  C  CA  . THR   A 1 66  ? 9.935   4.199   -4.723  1.00 32.86  ? 66  THR   A CA  1 
ATOM   549  C  C   . THR   A 1 66  ? 9.659   3.008   -3.813  1.00 36.73  ? 66  THR   A C   1 
ATOM   550  O  O   . THR   A 1 66  ? 8.797   2.171   -4.139  1.00 31.23  ? 66  THR   A O   1 
ATOM   551  C  CB  . THR   A 1 66  ? 10.829  3.747   -5.890  1.00 37.95  ? 66  THR   A CB  1 
ATOM   552  O  OG1 . THR   A 1 66  ? 12.154  3.484   -5.415  1.00 50.01  ? 66  THR   A OG1 1 
ATOM   553  C  CG2 . THR   A 1 66  ? 10.881  4.825   -6.897  1.00 37.12  ? 66  THR   A CG2 1 
ATOM   554  N  N   . GLU   A 1 67  ? 10.362  2.919   -2.688  1.00 32.13  ? 67  GLU   A N   1 
ATOM   555  C  CA  . GLU   A 1 67  ? 10.155  1.828   -1.753  1.00 30.22  ? 67  GLU   A CA  1 
ATOM   556  C  C   . GLU   A 1 67  ? 8.740   1.894   -1.165  1.00 29.55  ? 67  GLU   A C   1 
ATOM   557  O  O   . GLU   A 1 67  ? 8.153   0.850   -0.885  1.00 35.75  ? 67  GLU   A O   1 
ATOM   558  C  CB  . GLU   A 1 67  ? 11.197  1.867   -0.651  1.00 36.54  ? 67  GLU   A CB  1 
ATOM   559  C  CG  . GLU   A 1 67  ? 12.556  1.506   -1.211  1.00 32.95  ? 67  GLU   A CG  1 
ATOM   560  C  CD  . GLU   A 1 67  ? 13.689  1.825   -0.263  1.00 51.66  ? 67  GLU   A CD  1 
ATOM   561  O  OE1 . GLU   A 1 67  ? 13.431  2.250   0.873   1.00 40.10  ? 67  GLU   A OE1 1 
ATOM   562  O  OE2 . GLU   A 1 67  ? 14.840  1.622   -0.667  1.00 54.20  ? 67  GLU   A OE2 1 
ATOM   563  N  N   . PHE   A 1 68  ? 8.235   3.102   -0.941  1.00 29.54  ? 68  PHE   A N   1 
ATOM   564  C  CA  . PHE   A 1 68  ? 6.882   3.276   -0.430  1.00 26.46  ? 68  PHE   A CA  1 
ATOM   565  C  C   . PHE   A 1 68  ? 5.891   2.788   -1.466  1.00 32.43  ? 68  PHE   A C   1 
ATOM   566  O  O   . PHE   A 1 68  ? 4.939   2.065   -1.134  1.00 31.58  ? 68  PHE   A O   1 
ATOM   567  C  CB  . PHE   A 1 68  ? 6.656   4.753   -0.081  1.00 28.32  ? 68  PHE   A CB  1 
ATOM   568  C  CG  . PHE   A 1 68  ? 5.186   5.138   0.064   1.00 29.16  ? 68  PHE   A CG  1 
ATOM   569  C  CD1 . PHE   A 1 68  ? 4.492   4.787   1.192   1.00 28.29  ? 68  PHE   A CD1 1 
ATOM   570  C  CD2 . PHE   A 1 68  ? 4.563   5.916   -0.907  1.00 31.59  ? 68  PHE   A CD2 1 
ATOM   571  C  CE1 . PHE   A 1 68  ? 3.163   5.177   1.352   1.00 30.72  ? 68  PHE   A CE1 1 
ATOM   572  C  CE2 . PHE   A 1 68  ? 3.238   6.321   -0.759  1.00 33.10  ? 68  PHE   A CE2 1 
ATOM   573  C  CZ  . PHE   A 1 68  ? 2.547   5.970   0.396   1.00 28.27  ? 68  PHE   A CZ  1 
ATOM   574  N  N   . ILE   A 1 69  ? 6.085   3.195   -2.718  1.00 27.24  ? 69  ILE   A N   1 
ATOM   575  C  CA  . ILE   A 1 69  ? 5.166   2.754   -3.775  1.00 31.59  ? 69  ILE   A CA  1 
ATOM   576  C  C   . ILE   A 1 69  ? 5.185   1.237   -3.907  1.00 37.41  ? 69  ILE   A C   1 
ATOM   577  O  O   . ILE   A 1 69  ? 4.138   0.600   -4.095  1.00 31.95  ? 69  ILE   A O   1 
ATOM   578  C  CB  . ILE   A 1 69  ? 5.527   3.440   -5.108  1.00 30.38  ? 69  ILE   A CB  1 
ATOM   579  C  CG1 . ILE   A 1 69  ? 5.220   4.941   -5.030  1.00 32.60  ? 69  ILE   A CG1 1 
ATOM   580  C  CG2 . ILE   A 1 69  ? 4.646   2.858   -6.276  1.00 32.08  ? 69  ILE   A CG2 1 
ATOM   581  C  CD1 . ILE   A 1 69  ? 5.774   5.741   -6.229  1.00 36.50  ? 69  ILE   A CD1 1 
ATOM   582  N  N   . LYS   A 1 70  ? 6.360   0.636   -3.845  1.00 32.93  ? 70  LYS   A N   1 
ATOM   583  C  CA  . LYS   A 1 70  ? 6.460   -0.809  -4.022  1.00 32.11  ? 70  LYS   A CA  1 
ATOM   584  C  C   . LYS   A 1 70  ? 5.675   -1.550  -2.948  1.00 36.90  ? 70  LYS   A C   1 
ATOM   585  O  O   . LYS   A 1 70  ? 4.981   -2.515  -3.250  1.00 31.86  ? 70  LYS   A O   1 
ATOM   586  C  CB  . LYS   A 1 70  ? 7.919   -1.244  -4.009  1.00 41.15  ? 70  LYS   A CB  1 
ATOM   587  C  CG  . LYS   A 1 70  ? 8.548   -1.111  -5.343  1.00 47.54  ? 70  LYS   A CG  1 
ATOM   588  C  CD  . LYS   A 1 70  ? 9.883   -1.877  -5.377  1.00 87.49  ? 70  LYS   A CD  1 
ATOM   589  C  CE  . LYS   A 1 70  ? 10.531  -1.869  -6.766  1.00 90.06  ? 70  LYS   A CE  1 
ATOM   590  N  NZ  . LYS   A 1 70  ? 10.900  -0.495  -7.196  1.00 68.10  ? 70  LYS   A NZ  1 
ATOM   591  N  N   . ASP   A 1 71  ? 5.786   -1.126  -1.692  1.00 29.54  ? 71  ASP   A N   1 
ATOM   592  C  CA  . ASP   A 1 71  ? 5.043   -1.776  -0.624  1.00 26.46  ? 71  ASP   A CA  1 
ATOM   593  C  C   . ASP   A 1 71  ? 3.543   -1.598  -0.810  1.00 32.53  ? 71  ASP   A C   1 
ATOM   594  O  O   . ASP   A 1 71  ? 2.781   -2.542  -0.584  1.00 30.53  ? 71  ASP   A O   1 
ATOM   595  C  CB  . ASP   A 1 71  ? 5.468   -1.233  0.751   1.00 29.47  ? 71  ASP   A CB  1 
ATOM   596  C  CG  . ASP   A 1 71  ? 6.800   -1.849  1.260   1.00 28.84  ? 71  ASP   A CG  1 
ATOM   597  O  OD1 . ASP   A 1 71  ? 7.325   -2.840  0.637   1.00 32.77  ? 71  ASP   A OD1 1 
ATOM   598  O  OD2 . ASP   A 1 71  ? 7.258   -1.339  2.314   1.00 31.77  ? 71  ASP   A OD2 1 
ATOM   599  N  N   . VAL   A 1 72  ? 3.091   -0.400  -1.178  1.00 26.88  ? 72  VAL   A N   1 
ATOM   600  C  CA  . VAL   A 1 72  ? 1.641   -0.222  -1.356  1.00 26.77  ? 72  VAL   A CA  1 
ATOM   601  C  C   . VAL   A 1 72  ? 1.157   -1.059  -2.536  1.00 31.11  ? 72  VAL   A C   1 
ATOM   602  O  O   . VAL   A 1 72  ? 0.105   -1.718  -2.436  1.00 29.05  ? 72  VAL   A O   1 
ATOM   603  C  CB  . VAL   A 1 72  ? 1.273   1.267   -1.509  1.00 27.04  ? 72  VAL   A CB  1 
ATOM   604  C  CG1 . VAL   A 1 72  ? -0.255  1.474   -1.838  1.00 26.92  ? 72  VAL   A CG1 1 
ATOM   605  C  CG2 . VAL   A 1 72  ? 1.631   2.072   -0.190  1.00 27.16  ? 72  VAL   A CG2 1 
ATOM   606  N  N   . GLN   A 1 73  ? 1.898   -1.045  -3.663  1.00 30.07  ? 73  GLN   A N   1 
ATOM   607  C  CA  . GLN   A 1 73  ? 1.483   -1.858  -4.805  1.00 28.25  ? 73  GLN   A CA  1 
ATOM   608  C  C   . GLN   A 1 73  ? 1.440   -3.341  -4.429  1.00 28.72  ? 73  GLN   A C   1 
ATOM   609  O  O   . GLN   A 1 73  ? 0.583   -4.086  -4.945  1.00 30.49  ? 73  GLN   A O   1 
ATOM   610  C  CB  . GLN   A 1 73  ? 2.423   -1.604  -6.007  1.00 30.37  ? 73  GLN   A CB  1 
ATOM   611  C  CG  . GLN   A 1 73  ? 1.952   -2.394  -7.269  1.00 29.13  ? 73  GLN   A CG  1 
ATOM   612  C  CD  . GLN   A 1 73  ? 0.556   -2.015  -7.681  1.00 35.53  ? 73  GLN   A CD  1 
ATOM   613  O  OE1 . GLN   A 1 73  ? 0.153   -0.830  -7.658  1.00 36.43  ? 73  GLN   A OE1 1 
ATOM   614  N  NE2 . GLN   A 1 73  ? -0.222  -3.029  -8.036  1.00 34.99  ? 73  GLN   A NE2 1 
ATOM   615  N  N   . LEU   A 1 74  ? 2.354   -3.786  -3.558  1.00 28.94  ? 74  LEU   A N   1 
ATOM   616  C  CA  . LEU   A 1 74  ? 2.364   -5.165  -3.073  1.00 27.87  ? 74  LEU   A CA  1 
ATOM   617  C  C   . LEU   A 1 74  ? 1.042   -5.542  -2.387  1.00 29.46  ? 74  LEU   A C   1 
ATOM   618  O  O   . LEU   A 1 74  ? 0.542   -6.669  -2.576  1.00 29.36  ? 74  LEU   A O   1 
ATOM   619  C  CB  . LEU   A 1 74  ? 3.544   -5.367  -2.126  1.00 30.08  ? 74  LEU   A CB  1 
ATOM   620  C  CG  . LEU   A 1 74  ? 3.610   -6.695  -1.354  1.00 29.03  ? 74  LEU   A CG  1 
ATOM   621  C  CD1 . LEU   A 1 74  ? 3.709   -7.933  -2.298  1.00 29.17  ? 74  LEU   A CD1 1 
ATOM   622  C  CD2 . LEU   A 1 74  ? 4.836   -6.649  -0.426  1.00 29.35  ? 74  LEU   A CD2 1 
ATOM   623  N  N   . ILE   A 1 75  ? 0.472   -4.625  -1.580  1.00 27.09  ? 75  ILE   A N   1 
ATOM   624  C  CA  . ILE   A 1 75  ? -0.858  -4.844  -1.021  1.00 24.98  ? 75  ILE   A CA  1 
ATOM   625  C  C   . ILE   A 1 75  ? -1.841  -5.217  -2.129  1.00 29.29  ? 75  ILE   A C   1 
ATOM   626  O  O   . ILE   A 1 75  ? -2.567  -6.214  -2.027  1.00 29.82  ? 75  ILE   A O   1 
ATOM   627  C  CB  . ILE   A 1 75  ? -1.334  -3.608  -0.239  1.00 27.33  ? 75  ILE   A CB  1 
ATOM   628  C  CG1 . ILE   A 1 75  ? -0.328  -3.305  0.875   1.00 29.47  ? 75  ILE   A CG1 1 
ATOM   629  C  CG2 . ILE   A 1 75  ? -2.712  -3.900  0.384   1.00 24.94  ? 75  ILE   A CG2 1 
ATOM   630  C  CD1 . ILE   A 1 75  ? -0.666  -2.074  1.704   1.00 31.31  ? 75  ILE   A CD1 1 
ATOM   631  N  N   . PHE   A 1 76  ? -1.879  -4.416  -3.193  1.00 28.17  ? 76  PHE   A N   1 
ATOM   632  C  CA  . PHE   A 1 76  ? -2.875  -4.680  -4.250  1.00 28.84  ? 76  PHE   A CA  1 
ATOM   633  C  C   . PHE   A 1 76  ? -2.521  -5.907  -5.068  1.00 29.56  ? 76  PHE   A C   1 
ATOM   634  O  O   . PHE   A 1 76  ? -3.435  -6.617  -5.558  1.00 28.34  ? 76  PHE   A O   1 
ATOM   635  C  CB  . PHE   A 1 76  ? -3.025  -3.443  -5.139  1.00 28.45  ? 76  PHE   A CB  1 
ATOM   636  C  CG  . PHE   A 1 76  ? -3.346  -2.193  -4.349  1.00 29.46  ? 76  PHE   A CG  1 
ATOM   637  C  CD1 . PHE   A 1 76  ? -4.321  -2.220  -3.377  1.00 36.84  ? 76  PHE   A CD1 1 
ATOM   638  C  CD2 . PHE   A 1 76  ? -2.617  -1.006  -4.553  1.00 40.16  ? 76  PHE   A CD2 1 
ATOM   639  C  CE1 . PHE   A 1 76  ? -4.619  -1.090  -2.620  1.00 43.21  ? 76  PHE   A CE1 1 
ATOM   640  C  CE2 . PHE   A 1 76  ? -2.917  0.140   -3.768  1.00 33.90  ? 76  PHE   A CE2 1 
ATOM   641  C  CZ  . PHE   A 1 76  ? -3.908  0.080   -2.837  1.00 34.07  ? 76  PHE   A CZ  1 
ATOM   642  N  N   . ASP   A 1 77  ? -1.224  -6.193  -5.244  1.00 28.66  ? 77  ASP   A N   1 
ATOM   643  C  CA  . ASP   A 1 77  ? -0.869  -7.389  -5.988  1.00 26.82  ? 77  ASP   A CA  1 
ATOM   644  C  C   . ASP   A 1 77  ? -1.211  -8.642  -5.198  1.00 31.72  ? 77  ASP   A C   1 
ATOM   645  O  O   . ASP   A 1 77  ? -1.688  -9.636  -5.766  1.00 31.33  ? 77  ASP   A O   1 
ATOM   646  C  CB  . ASP   A 1 77  ? 0.648   -7.375  -6.368  1.00 28.50  ? 77  ASP   A CB  1 
ATOM   647  C  CG  . ASP   A 1 77  ? 0.994   -6.312  -7.407  1.00 30.85  ? 77  ASP   A CG  1 
ATOM   648  O  OD1 . ASP   A 1 77  ? 0.098   -5.812  -8.139  1.00 35.65  ? 77  ASP   A OD1 1 
ATOM   649  O  OD2 . ASP   A 1 77  ? 2.220   -6.011  -7.499  1.00 38.99  ? 77  ASP   A OD2 1 
ATOM   650  N  N   . ASN   A 1 78  ? -1.018  -8.614  -3.893  1.00 28.46  ? 78  ASN   A N   1 
ATOM   651  C  CA  . ASN   A 1 78  ? -1.458  -9.726  -3.061  1.00 25.78  ? 78  ASN   A CA  1 
ATOM   652  C  C   . ASN   A 1 78  ? -2.973  -9.908  -3.176  1.00 30.52  ? 78  ASN   A C   1 
ATOM   653  O  O   . ASN   A 1 78  ? -3.456  -11.042 -3.231  1.00 30.90  ? 78  ASN   A O   1 
ATOM   654  C  CB  . ASN   A 1 78  ? -1.085  -9.512  -1.593  1.00 27.63  ? 78  ASN   A CB  1 
ATOM   655  C  CG  . ASN   A 1 78  ? 0.419   -9.681  -1.385  1.00 26.72  ? 78  ASN   A CG  1 
ATOM   656  O  OD1 . ASN   A 1 78  ? 1.107   -10.214 -2.224  1.00 30.46  ? 78  ASN   A OD1 1 
ATOM   657  N  ND2 . ASN   A 1 78  ? 0.905   -9.166  -0.269  1.00 28.74  ? 78  ASN   A ND2 1 
ATOM   658  N  N   . CYS   A 1 79  ? -3.719  -8.797  -3.165  1.00 29.69  ? 79  CYS   A N   1 
ATOM   659  C  CA  . CYS   A 1 79  ? -5.184  -8.831  -3.210  1.00 25.76  ? 79  CYS   A CA  1 
ATOM   660  C  C   . CYS   A 1 79  ? -5.634  -9.513  -4.505  1.00 30.24  ? 79  CYS   A C   1 
ATOM   661  O  O   . CYS   A 1 79  ? -6.503  -10.406 -4.500  1.00 28.13  ? 79  CYS   A O   1 
ATOM   662  C  CB  . CYS   A 1 79  ? -5.713  -7.398  -3.116  1.00 25.76  ? 79  CYS   A CB  1 
ATOM   663  S  SG  . CYS   A 1 79  ? -7.501  -7.322  -3.178  1.00 28.13  ? 79  CYS   A SG  1 
ATOM   664  N  N   . SER   A 1 80  ? -5.040  -9.103  -5.622  1.00 28.38  ? 80  SER   A N   1 
ATOM   665  C  CA  . SER   A 1 80  ? -5.480  -9.675  -6.903  1.00 27.81  ? 80  SER   A CA  1 
ATOM   666  C  C   . SER   A 1 80  ? -5.039  -11.135 -7.073  1.00 34.32  ? 80  SER   A C   1 
ATOM   667  O  O   . SER   A 1 80  ? -5.760  -11.924 -7.722  1.00 28.83  ? 80  SER   A O   1 
ATOM   668  C  CB  . SER   A 1 80  ? -5.003  -8.766  -8.030  1.00 33.29  ? 80  SER   A CB  1 
ATOM   669  O  OG  . SER   A 1 80  ? -3.611  -8.822  -8.160  1.00 41.98  ? 80  SER   A OG  1 
ATOM   670  N  N   . LEU   A 1 81  ? -3.927  -11.544 -6.462  1.00 32.48  ? 81  LEU   A N   1 
ATOM   671  C  CA  . LEU   A 1 81  ? -3.481  -12.934 -6.541  1.00 32.58  ? 81  LEU   A CA  1 
ATOM   672  C  C   . LEU   A 1 81  ? -4.372  -13.870 -5.720  1.00 35.50  ? 81  LEU   A C   1 
ATOM   673  O  O   . LEU   A 1 81  ? -4.834  -14.908 -6.224  1.00 32.24  ? 81  LEU   A O   1 
ATOM   674  C  CB  . LEU   A 1 81  ? -1.997  -13.028 -6.101  1.00 31.16  ? 81  LEU   A CB  1 
ATOM   675  C  CG  . LEU   A 1 81  ? -1.497  -14.450 -5.881  1.00 36.55  ? 81  LEU   A CG  1 
ATOM   676  C  CD1 . LEU   A 1 81  ? -1.505  -15.216 -7.263  1.00 36.48  ? 81  LEU   A CD1 1 
ATOM   677  C  CD2 . LEU   A 1 81  ? -0.066  -14.504 -5.252  1.00 34.24  ? 81  LEU   A CD2 1 
ATOM   678  N  N   . TYR   A 1 82  ? -4.688  -13.496 -4.471  1.00 30.35  ? 82  TYR   A N   1 
ATOM   679  C  CA  . TYR   A 1 82  ? -5.447  -14.377 -3.597  1.00 27.02  ? 82  TYR   A CA  1 
ATOM   680  C  C   . TYR   A 1 82  ? -6.928  -14.397 -3.975  1.00 29.67  ? 82  TYR   A C   1 
ATOM   681  O  O   . TYR   A 1 82  ? -7.575  -15.457 -3.925  1.00 29.46  ? 82  TYR   A O   1 
ATOM   682  C  CB  . TYR   A 1 82  ? -5.323  -13.954 -2.111  1.00 26.79  ? 82  TYR   A CB  1 
ATOM   683  C  CG  . TYR   A 1 82  ? -5.965  -14.983 -1.210  1.00 24.42  ? 82  TYR   A CG  1 
ATOM   684  C  CD1 . TYR   A 1 82  ? -5.337  -16.197 -0.941  1.00 29.68  ? 82  TYR   A CD1 1 
ATOM   685  C  CD2 . TYR   A 1 82  ? -7.255  -14.773 -0.692  1.00 28.17  ? 82  TYR   A CD2 1 
ATOM   686  C  CE1 . TYR   A 1 82  ? -5.929  -17.165 -0.158  1.00 30.72  ? 82  TYR   A CE1 1 
ATOM   687  C  CE2 . TYR   A 1 82  ? -7.868  -15.739 0.083   1.00 35.71  ? 82  TYR   A CE2 1 
ATOM   688  C  CZ  . TYR   A 1 82  ? -7.210  -16.936 0.351   1.00 30.42  ? 82  TYR   A CZ  1 
ATOM   689  O  OH  . TYR   A 1 82  ? -7.863  -17.885 1.105   1.00 35.19  ? 82  TYR   A OH  1 
ATOM   690  N  N   . ASN   A 1 83  ? -7.502  -13.235 -4.276  1.00 28.66  ? 83  ASN   A N   1 
ATOM   691  C  CA  . ASN   A 1 83  ? -8.966  -13.116 -4.394  1.00 29.03  ? 83  ASN   A CA  1 
ATOM   692  C  C   . ASN   A 1 83  ? -9.436  -13.236 -5.826  1.00 30.47  ? 83  ASN   A C   1 
ATOM   693  O  O   . ASN   A 1 83  ? -8.805  -12.723 -6.756  1.00 29.96  ? 83  ASN   A O   1 
ATOM   694  C  CB  . ASN   A 1 83  ? -9.434  -11.785 -3.829  1.00 27.75  ? 83  ASN   A CB  1 
ATOM   695  C  CG  . ASN   A 1 83  ? -9.079  -11.641 -2.368  1.00 25.69  ? 83  ASN   A CG  1 
ATOM   696  O  OD1 . ASN   A 1 83  ? -9.780  -12.151 -1.508  1.00 28.00  ? 83  ASN   A OD1 1 
ATOM   697  N  ND2 . ASN   A 1 83  ? -7.885  -11.003 -2.076  1.00 26.43  ? 83  ASN   A ND2 1 
ATOM   698  N  N   . THR   A 1 84  ? -10.603 -13.869 -5.992  1.00 29.99  ? 84  THR   A N   1 
ATOM   699  C  CA  . THR   A 1 84  ? -11.127 -14.090 -7.342  1.00 35.01  ? 84  THR   A CA  1 
ATOM   700  C  C   . THR   A 1 84  ? -11.580 -12.768 -7.945  1.00 27.02  ? 84  THR   A C   1 
ATOM   701  O  O   . THR   A 1 84  ? -12.191 -11.931 -7.259  1.00 31.54  ? 84  THR   A O   1 
ATOM   702  C  CB  . THR   A 1 84  ? -12.279 -15.082 -7.283  1.00 33.74  ? 84  THR   A CB  1 
ATOM   703  O  OG1 . THR   A 1 84  ? -11.809 -16.272 -6.661  1.00 37.34  ? 84  THR   A OG1 1 
ATOM   704  C  CG2 . THR   A 1 84  ? -12.800 -15.365 -8.688  1.00 34.18  ? 84  THR   A CG2 1 
ATOM   705  N  N   . SER   A 1 85  ? -11.276 -12.578 -9.233  1.00 29.41  ? 85  SER   A N   1 
ATOM   706  C  CA  . SER   A 1 85  ? -11.717 -11.349 -9.884  1.00 31.44  ? 85  SER   A CA  1 
ATOM   707  C  C   . SER   A 1 85  ? -13.248 -11.163 -9.756  1.00 34.88  ? 85  SER   A C   1 
ATOM   708  O  O   . SER   A 1 85  ? -14.027 -12.124 -9.874  1.00 34.90  ? 85  SER   A O   1 
ATOM   709  C  CB  . SER   A 1 85  ? -11.258 -11.385 -11.337 1.00 41.45  ? 85  SER   A CB  1 
ATOM   710  O  OG  . SER   A 1 85  ? -11.587 -10.182 -11.985 1.00 53.17  ? 85  SER   A OG  1 
ATOM   711  N  N   . GLY   A 1 86  ? -13.686 -9.924  -9.490  1.00 30.42  ? 86  GLY   A N   1 
ATOM   712  C  CA  . GLY   A 1 86  ? -15.087 -9.650  -9.257  1.00 33.44  ? 86  GLY   A CA  1 
ATOM   713  C  C   . GLY   A 1 86  ? -15.623 -9.933  -7.859  1.00 30.62  ? 86  GLY   A C   1 
ATOM   714  O  O   . GLY   A 1 86  ? -16.771 -9.548  -7.576  1.00 31.01  ? 86  GLY   A O   1 
ATOM   715  N  N   . SER   A 1 87  ? -14.843 -10.573 -6.971  1.00 30.09  ? 87  SER   A N   1 
ATOM   716  C  CA  . SER   A 1 87  ? -15.199 -10.658 -5.563  1.00 29.68  ? 87  SER   A CA  1 
ATOM   717  C  C   . SER   A 1 87  ? -15.153 -9.261  -4.923  1.00 29.73  ? 87  SER   A C   1 
ATOM   718  O  O   . SER   A 1 87  ? -14.527 -8.344  -5.459  1.00 28.09  ? 87  SER   A O   1 
ATOM   719  C  CB  . SER   A 1 87  ? -14.257 -11.610 -4.836  1.00 27.06  ? 87  SER   A CB  1 
ATOM   720  O  OG  . SER   A 1 87  ? -12.922 -11.057 -4.805  1.00 29.02  ? 87  SER   A OG  1 
ATOM   721  N  N   . LEU   A 1 88  ? -15.912 -9.092  -3.827  1.00 27.38  ? 88  LEU   A N   1 
ATOM   722  C  CA  . LEU   A 1 88  ? -15.960 -7.822  -3.094  1.00 21.29  ? 88  LEU   A CA  1 
ATOM   723  C  C   . LEU   A 1 88  ? -14.541 -7.365  -2.739  1.00 25.40  ? 88  LEU   A C   1 
ATOM   724  O  O   . LEU   A 1 88  ? -14.205 -6.200  -2.961  1.00 26.78  ? 88  LEU   A O   1 
ATOM   725  C  CB  . LEU   A 1 88  ? -16.779 -7.951  -1.838  1.00 24.21  ? 88  LEU   A CB  1 
ATOM   726  C  CG  . LEU   A 1 88  ? -18.302 -8.295  -2.042  1.00 29.46  ? 88  LEU   A CG  1 
ATOM   727  C  CD1 . LEU   A 1 88  ? -18.996 -7.964  -0.741  1.00 28.82  ? 88  LEU   A CD1 1 
ATOM   728  C  CD2 . LEU   A 1 88  ? -18.903 -7.573  -3.240  1.00 29.90  ? 88  LEU   A CD2 1 
ATOM   729  N  N   . VAL   A 1 89  ? -13.711 -8.298  -2.280  1.00 27.89  ? 89  VAL   A N   1 
ATOM   730  C  CA  . VAL   A 1 89  ? -12.330 -7.906  -1.909  1.00 26.64  ? 89  VAL   A CA  1 
ATOM   731  C  C   . VAL   A 1 89  ? -11.527 -7.503  -3.152  1.00 30.68  ? 89  VAL   A C   1 
ATOM   732  O  O   . VAL   A 1 89  ? -10.851 -6.462  -3.155  1.00 27.19  ? 89  VAL   A O   1 
ATOM   733  C  CB  . VAL   A 1 89  ? -11.669 -9.030  -1.064  1.00 25.20  ? 89  VAL   A CB  1 
ATOM   734  C  CG1 . VAL   A 1 89  ? -10.108 -8.815  -0.903  1.00 26.98  ? 89  VAL   A CG1 1 
ATOM   735  C  CG2 . VAL   A 1 89  ? -12.297 -9.101  0.285   1.00 25.36  ? 89  VAL   A CG2 1 
ATOM   736  N  N   . ALA   A 1 90  ? -11.598 -8.284  -4.251  1.00 27.82  ? 90  ALA   A N   1 
ATOM   737  C  CA  . ALA   A 1 90  ? -10.832 -7.922  -5.452  1.00 26.40  ? 90  ALA   A CA  1 
ATOM   738  C  C   . ALA   A 1 90  ? -11.290 -6.569  -5.985  1.00 27.71  ? 90  ALA   A C   1 
ATOM   739  O  O   . ALA   A 1 90  ? -10.477 -5.771  -6.446  1.00 28.23  ? 90  ALA   A O   1 
ATOM   740  C  CB  . ALA   A 1 90  ? -10.994 -8.990  -6.561  1.00 26.50  ? 90  ALA   A CB  1 
ATOM   741  N  N   . ILE   A 1 91  ? -12.613 -6.316  -5.987  1.00 26.75  ? 91  ILE   A N   1 
ATOM   742  C  CA  . ILE   A 1 91  ? -13.112 -5.051  -6.500  1.00 24.28  ? 91  ILE   A CA  1 
ATOM   743  C  C   . ILE   A 1 91  ? -12.538 -3.904  -5.689  1.00 26.27  ? 91  ILE   A C   1 
ATOM   744  O  O   . ILE   A 1 91  ? -12.091 -2.885  -6.249  1.00 29.65  ? 91  ILE   A O   1 
ATOM   745  C  CB  . ILE   A 1 91  ? -14.644 -5.027  -6.449  1.00 29.35  ? 91  ILE   A CB  1 
ATOM   746  C  CG1 . ILE   A 1 91  ? -15.153 -5.997  -7.538  1.00 33.57  ? 91  ILE   A CG1 1 
ATOM   747  C  CG2 . ILE   A 1 91  ? -15.151 -3.605  -6.647  1.00 28.54  ? 91  ILE   A CG2 1 
ATOM   748  C  CD1 . ILE   A 1 91  ? -16.632 -6.338  -7.245  1.00 32.84  ? 91  ILE   A CD1 1 
ATOM   749  N  N   . THR   A 1 92  ? -12.534 -4.077  -4.380  1.00 26.21  ? 92  THR   A N   1 
ATOM   750  C  CA  . THR   A 1 92  ? -12.022 -3.039  -3.481  1.00 25.94  ? 92  THR   A CA  1 
ATOM   751  C  C   . THR   A 1 92  ? -10.556 -2.768  -3.742  1.00 30.57  ? 92  THR   A C   1 
ATOM   752  O  O   . THR   A 1 92  ? -10.163 -1.596  -3.791  1.00 30.41  ? 92  THR   A O   1 
ATOM   753  C  CB  . THR   A 1 92  ? -12.252 -3.453  -2.035  1.00 24.25  ? 92  THR   A CB  1 
ATOM   754  O  OG1 . THR   A 1 92  ? -13.664 -3.681  -1.855  1.00 27.98  ? 92  THR   A OG1 1 
ATOM   755  C  CG2 . THR   A 1 92  ? -11.887 -2.309  -1.068  1.00 31.04  ? 92  THR   A CG2 1 
ATOM   756  N  N   . GLY   A 1 93  ? -9.763  -3.829  -3.951  1.00 27.13  ? 93  GLY   A N   1 
ATOM   757  C  CA  . GLY   A 1 93  ? -8.368  -3.660  -4.295  1.00 26.93  ? 93  GLY   A CA  1 
ATOM   758  C  C   . GLY   A 1 93  ? -8.175  -2.847  -5.555  1.00 33.13  ? 93  GLY   A C   1 
ATOM   759  O  O   . GLY   A 1 93  ? -7.338  -1.944  -5.606  1.00 31.06  ? 93  GLY   A O   1 
ATOM   760  N  N   . LYS   A 1 94  ? -8.912  -3.183  -6.621  1.00 30.01  ? 94  LYS   A N   1 
ATOM   761  C  CA  . LYS   A 1 94  ? -8.802  -2.407  -7.848  1.00 30.42  ? 94  LYS   A CA  1 
ATOM   762  C  C   . LYS   A 1 94  ? -9.222  -0.954  -7.663  1.00 32.27  ? 94  LYS   A C   1 
ATOM   763  O  O   . LYS   A 1 94  ? -8.603  -0.046  -8.244  1.00 31.08  ? 94  LYS   A O   1 
ATOM   764  C  CB  . LYS   A 1 94  ? -9.673  -3.074  -8.926  1.00 32.18  ? 94  LYS   A CB  1 
ATOM   765  C  CG  . LYS   A 1 94  ? -9.166  -4.427  -9.297  1.00 34.81  ? 94  LYS   A CG  1 
ATOM   766  C  CD  . LYS   A 1 94  ? -7.787  -4.422  -9.942  1.00 44.59  ? 94  LYS   A CD  1 
ATOM   767  C  CE  . LYS   A 1 94  ? -7.547  -5.779  -10.636 1.00 63.23  ? 94  LYS   A CE  1 
ATOM   768  N  NZ  . LYS   A 1 94  ? -6.150  -5.996  -11.096 1.00 55.63  ? 94  LYS   A NZ  1 
ATOM   769  N  N   . ASN   A 1 95  ? -10.285 -0.706  -6.894  1.00 29.45  ? 95  ASN   A N   1 
ATOM   770  C  CA  . ASN   A 1 95  ? -10.698 0.675   -6.631  1.00 27.97  ? 95  ASN   A CA  1 
ATOM   771  C  C   . ASN   A 1 95  ? -9.572  1.464   -5.973  1.00 31.44  ? 95  ASN   A C   1 
ATOM   772  O  O   . ASN   A 1 95  ? -9.215  2.545   -6.447  1.00 31.63  ? 95  ASN   A O   1 
ATOM   773  C  CB  . ASN   A 1 95  ? -11.925 0.754   -5.740  1.00 30.52  ? 95  ASN   A CB  1 
ATOM   774  C  CG  . ASN   A 1 95  ? -13.187 0.285   -6.472  1.00 41.94  ? 95  ASN   A CG  1 
ATOM   775  O  OD1 . ASN   A 1 95  ? -13.207 0.263   -7.705  1.00 36.32  ? 95  ASN   A OD1 1 
ATOM   776  N  ND2 . ASN   A 1 95  ? -14.220 -0.094  -5.722  1.00 41.12  ? 95  ASN   A ND2 1 
ATOM   777  N  N   . ILE   A 1 96  ? -9.014  0.920   -4.904  1.00 30.62  ? 96  ILE   A N   1 
ATOM   778  C  CA  . ILE   A 1 96  ? -8.042  1.709   -4.134  1.00 30.75  ? 96  ILE   A CA  1 
ATOM   779  C  C   . ILE   A 1 96  ? -6.737  1.802   -4.907  1.00 33.72  ? 96  ILE   A C   1 
ATOM   780  O  O   . ILE   A 1 96  ? -6.017  2.810   -4.798  1.00 31.54  ? 96  ILE   A O   1 
ATOM   781  C  CB  . ILE   A 1 96  ? -7.894  1.104   -2.728  1.00 28.00  ? 96  ILE   A CB  1 
ATOM   782  C  CG1 . ILE   A 1 96  ? -9.260  1.153   -2.051  1.00 34.31  ? 96  ILE   A CG1 1 
ATOM   783  C  CG2 . ILE   A 1 96  ? -6.841  1.883   -1.881  1.00 30.63  ? 96  ILE   A CG2 1 
ATOM   784  C  CD1 . ILE   A 1 96  ? -9.313  0.750   -0.618  1.00 30.35  ? 96  ILE   A CD1 1 
ATOM   785  N  N   . GLU   A 1 97  ? -6.412  0.784   -5.708  1.00 28.97  ? 97  GLU   A N   1 
ATOM   786  C  CA  . GLU   A 1 97  ? -5.224  0.856   -6.551  1.00 31.07  ? 97  GLU   A CA  1 
ATOM   787  C  C   . GLU   A 1 97  ? -5.326  2.022   -7.524  1.00 39.08  ? 97  GLU   A C   1 
ATOM   788  O  O   . GLU   A 1 97  ? -4.375  2.804   -7.693  1.00 33.10  ? 97  GLU   A O   1 
ATOM   789  C  CB  . GLU   A 1 97  ? -5.033  -0.469  -7.291  1.00 30.09  ? 97  GLU   A CB  1 
ATOM   790  C  CG  . GLU   A 1 97  ? -3.897  -0.440  -8.351  1.00 30.97  ? 97  GLU   A CG  1 
ATOM   791  C  CD  . GLU   A 1 97  ? -3.851  -1.730  -9.138  1.00 41.12  ? 97  GLU   A CD  1 
ATOM   792  O  OE1 . GLU   A 1 97  ? -4.888  -2.100  -9.784  1.00 39.77  ? 97  GLU   A OE1 1 
ATOM   793  O  OE2 . GLU   A 1 97  ? -2.813  -2.406  -9.109  1.00 37.33  ? 97  GLU   A OE2 1 
ATOM   794  N  N   . ALA   A 1 98  ? -6.467  2.127   -8.209  1.00 34.61  ? 98  ALA   A N   1 
ATOM   795  C  CA  . ALA   A 1 98  ? -6.692  3.228   -9.131  1.00 35.10  ? 98  ALA   A CA  1 
ATOM   796  C  C   . ALA   A 1 98  ? -6.619  4.571   -8.408  1.00 35.33  ? 98  ALA   A C   1 
ATOM   797  O  O   . ALA   A 1 98  ? -6.033  5.531   -8.928  1.00 37.76  ? 98  ALA   A O   1 
ATOM   798  C  CB  . ALA   A 1 98  ? -8.064  3.062   -9.810  1.00 34.77  ? 98  ALA   A CB  1 
ATOM   799  N  N   . TYR   A 1 99  ? -7.250  4.667   -7.238  1.00 31.43  ? 99  TYR   A N   1 
ATOM   800  C  CA  . TYR   A 1 99  ? -7.174  5.896   -6.457  1.00 31.75  ? 99  TYR   A CA  1 
ATOM   801  C  C   . TYR   A 1 99  ? -5.729  6.242   -6.116  1.00 34.68  ? 99  TYR   A C   1 
ATOM   802  O  O   . TYR   A 1 99  ? -5.313  7.393   -6.297  1.00 34.69  ? 99  TYR   A O   1 
ATOM   803  C  CB  . TYR   A 1 99  ? -8.004  5.760   -5.182  1.00 32.12  ? 99  TYR   A CB  1 
ATOM   804  C  CG  . TYR   A 1 99  ? -7.956  6.946   -4.243  1.00 32.69  ? 99  TYR   A CG  1 
ATOM   805  C  CD1 . TYR   A 1 99  ? -8.673  8.097   -4.520  1.00 36.74  ? 99  TYR   A CD1 1 
ATOM   806  C  CD2 . TYR   A 1 99  ? -7.212  6.906   -3.069  1.00 35.11  ? 99  TYR   A CD2 1 
ATOM   807  C  CE1 . TYR   A 1 99  ? -8.687  9.185   -3.647  1.00 44.63  ? 99  TYR   A CE1 1 
ATOM   808  C  CE2 . TYR   A 1 99  ? -7.244  7.992   -2.176  1.00 38.18  ? 99  TYR   A CE2 1 
ATOM   809  C  CZ  . TYR   A 1 99  ? -7.961  9.124   -2.491  1.00 42.06  ? 99  TYR   A CZ  1 
ATOM   810  O  OH  . TYR   A 1 99  ? -7.975  10.199  -1.623  1.00 42.16  ? 99  TYR   A OH  1 
ATOM   811  N  N   . PHE   A 1 100 ? -4.989  5.259   -5.598  1.00 32.46  ? 100 PHE   A N   1 
ATOM   812  C  CA  . PHE   A 1 100 ? -3.577  5.434   -5.214  1.00 31.82  ? 100 PHE   A CA  1 
ATOM   813  C  C   . PHE   A 1 100 ? -2.757  5.957   -6.378  1.00 37.03  ? 100 PHE   A C   1 
ATOM   814  O  O   . PHE   A 1 100 ? -2.004  6.939   -6.228  1.00 36.46  ? 100 PHE   A O   1 
ATOM   815  C  CB  . PHE   A 1 100 ? -3.020  4.097   -4.701  1.00 28.17  ? 100 PHE   A CB  1 
ATOM   816  C  CG  . PHE   A 1 100 ? -1.524  4.125   -4.372  1.00 29.00  ? 100 PHE   A CG  1 
ATOM   817  C  CD1 . PHE   A 1 100 ? -1.092  4.911   -3.329  1.00 33.69  ? 100 PHE   A CD1 1 
ATOM   818  C  CD2 . PHE   A 1 100 ? -0.634  3.349   -5.100  1.00 29.05  ? 100 PHE   A CD2 1 
ATOM   819  C  CE1 . PHE   A 1 100 ? 0.306   4.954   -3.009  1.00 32.72  ? 100 PHE   A CE1 1 
ATOM   820  C  CE2 . PHE   A 1 100 ? 0.732   3.360   -4.818  1.00 33.96  ? 100 PHE   A CE2 1 
ATOM   821  C  CZ  . PHE   A 1 100 ? 1.200   4.152   -3.762  1.00 32.78  ? 100 PHE   A CZ  1 
ATOM   822  N  N   . ASN   A 1 101 ? -2.871  5.306   -7.558  1.00 35.71  ? 101 ASN   A N   1 
ATOM   823  C  CA  . ASN   A 1 101 ? -2.061  5.727   -8.690  1.00 40.36  ? 101 ASN   A CA  1 
ATOM   824  C  C   . ASN   A 1 101 ? -2.405  7.138   -9.124  1.00 38.84  ? 101 ASN   A C   1 
ATOM   825  O  O   . ASN   A 1 101 ? -1.512  7.897   -9.526  1.00 41.97  ? 101 ASN   A O   1 
ATOM   826  C  CB  . ASN   A 1 101 ? -2.230  4.772   -9.851  1.00 38.60  ? 101 ASN   A CB  1 
ATOM   827  C  CG  . ASN   A 1 101 ? -1.567  3.461   -9.601  1.00 37.34  ? 101 ASN   A CG  1 
ATOM   828  O  OD1 . ASN   A 1 101 ? -0.559  3.383   -8.896  1.00 43.41  ? 101 ASN   A OD1 1 
ATOM   829  N  ND2 . ASN   A 1 101 ? -2.127  2.409   -10.176 1.00 38.36  ? 101 ASN   A ND2 1 
ATOM   830  N  N   . ASN   A 1 102 ? -3.676  7.520   -9.032  1.00 38.64  ? 102 ASN   A N   1 
ATOM   831  C  CA  . ASN   A 1 102 ? -4.012  8.903   -9.303  1.00 39.20  ? 102 ASN   A CA  1 
ATOM   832  C  C   . ASN   A 1 102 ? -3.392  9.846   -8.266  1.00 40.91  ? 102 ASN   A C   1 
ATOM   833  O  O   . ASN   A 1 102 ? -2.859  10.902  -8.634  1.00 44.17  ? 102 ASN   A O   1 
ATOM   834  C  CB  . ASN   A 1 102 ? -5.521  9.093   -9.355  1.00 45.67  ? 102 ASN   A CB  1 
ATOM   835  C  CG  . ASN   A 1 102 ? -5.893  10.457  -9.880  1.00 48.21  ? 102 ASN   A CG  1 
ATOM   836  O  OD1 . ASN   A 1 102 ? -5.600  10.781  -11.033 1.00 54.45  ? 102 ASN   A OD1 1 
ATOM   837  N  ND2 . ASN   A 1 102 ? -6.495  11.281  -9.029  1.00 50.87  ? 102 ASN   A ND2 1 
ATOM   838  N  N   . GLN   A 1 103 ? -3.467  9.497   -6.972  1.00 40.07  ? 103 GLN   A N   1 
ATOM   839  C  CA  . GLN   A 1 103 ? -2.899  10.370  -5.938  1.00 36.17  ? 103 GLN   A CA  1 
ATOM   840  C  C   . GLN   A 1 103 ? -1.400  10.603  -6.140  1.00 39.54  ? 103 GLN   A C   1 
ATOM   841  O  O   . GLN   A 1 103 ? -0.918  11.699  -5.832  1.00 41.06  ? 103 GLN   A O   1 
ATOM   842  C  CB  . GLN   A 1 103 ? -3.141  9.800   -4.554  1.00 31.12  ? 103 GLN   A CB  1 
ATOM   843  C  CG  . GLN   A 1 103 ? -4.612  9.887   -4.129  1.00 39.38  ? 103 GLN   A CG  1 
ATOM   844  C  CD  . GLN   A 1 103 ? -5.111  11.313  -4.089  1.00 51.68  ? 103 GLN   A CD  1 
ATOM   845  O  OE1 . GLN   A 1 103 ? -4.672  12.096  -3.264  1.00 53.90  ? 103 GLN   A OE1 1 
ATOM   846  N  NE2 . GLN   A 1 103 ? -6.026  11.657  -4.987  1.00 49.47  ? 103 GLN   A NE2 1 
ATOM   847  N  N   . LEU   A 1 104 ? -0.656  9.589   -6.594  1.00 39.90  ? 104 LEU   A N   1 
ATOM   848  C  CA  . LEU   A 1 104 ? 0.769   9.764   -6.892  1.00 37.69  ? 104 LEU   A CA  1 
ATOM   849  C  C   . LEU   A 1 104 ? 1.016   10.878  -7.905  1.00 48.10  ? 104 LEU   A C   1 
ATOM   850  O  O   . LEU   A 1 104 ? 2.048   11.562  -7.834  1.00 46.95  ? 104 LEU   A O   1 
ATOM   851  C  CB  . LEU   A 1 104 ? 1.377   8.451   -7.408  1.00 34.95  ? 104 LEU   A CB  1 
ATOM   852  C  CG  . LEU   A 1 104 ? 1.436   7.318   -6.382  1.00 40.08  ? 104 LEU   A CG  1 
ATOM   853  C  CD1 . LEU   A 1 104 ? 1.987   6.086   -7.000  1.00 31.79  ? 104 LEU   A CD1 1 
ATOM   854  C  CD2 . LEU   A 1 104 ? 2.242   7.718   -5.134  1.00 37.07  ? 104 LEU   A CD2 1 
ATOM   855  N  N   . ILE   A 1 105 ? 0.096   11.066  -8.855  1.00 46.78  ? 105 ILE   A N   1 
ATOM   856  C  CA  . ILE   A 1 105 ? 0.191   12.167  -9.809  1.00 44.34  ? 105 ILE   A CA  1 
ATOM   857  C  C   . ILE   A 1 105 ? -0.266  13.481  -9.175  1.00 47.06  ? 105 ILE   A C   1 
ATOM   858  O  O   . ILE   A 1 105 ? 0.454   14.486  -9.190  1.00 45.66  ? 105 ILE   A O   1 
ATOM   859  C  CB  . ILE   A 1 105 ? -0.626  11.825  -11.076 1.00 45.33  ? 105 ILE   A CB  1 
ATOM   860  C  CG1 . ILE   A 1 105 ? -0.203  10.481  -11.637 1.00 45.08  ? 105 ILE   A CG1 1 
ATOM   861  C  CG2 . ILE   A 1 105 ? -0.409  12.842  -12.156 1.00 51.09  ? 105 ILE   A CG2 1 
ATOM   862  C  CD1 . ILE   A 1 105 ? -1.192  9.952   -12.669 1.00 50.48  ? 105 ILE   A CD1 1 
ATOM   863  N  N   . VAL   A 1 106 ? -1.458  13.485  -8.586  1.00 39.49  ? 106 VAL   A N   1 
ATOM   864  C  CA  . VAL   A 1 106 ? -2.088  14.705  -8.096  1.00 42.63  ? 106 VAL   A CA  1 
ATOM   865  C  C   . VAL   A 1 106 ? -1.246  15.377  -7.011  1.00 50.68  ? 106 VAL   A C   1 
ATOM   866  O  O   . VAL   A 1 106 ? -1.130  16.607  -6.967  1.00 54.08  ? 106 VAL   A O   1 
ATOM   867  C  CB  . VAL   A 1 106 ? -3.507  14.365  -7.604  1.00 43.12  ? 106 VAL   A CB  1 
ATOM   868  C  CG1 . VAL   A 1 106 ? -4.096  15.475  -6.790  1.00 45.89  ? 106 VAL   A CG1 1 
ATOM   869  C  CG2 . VAL   A 1 106 ? -4.367  14.019  -8.812  1.00 53.19  ? 106 VAL   A CG2 1 
ATOM   870  N  N   . THR   A 1 107 ? -0.656  14.592  -6.116  1.00 54.93  ? 107 THR   A N   1 
ATOM   871  C  CA  . THR   A 1 107 ? 0.105   15.143  -4.999  1.00 42.35  ? 107 THR   A CA  1 
ATOM   872  C  C   . THR   A 1 107 ? 1.505   15.606  -5.389  1.00 49.86  ? 107 THR   A C   1 
ATOM   873  O  O   . THR   A 1 107 ? 2.153   16.262  -4.572  1.00 50.54  ? 107 THR   A O   1 
ATOM   874  C  CB  . THR   A 1 107 ? 0.267   14.098  -3.899  1.00 37.53  ? 107 THR   A CB  1 
ATOM   875  O  OG1 . THR   A 1 107 ? 0.994   12.994  -4.459  1.00 40.28  ? 107 THR   A OG1 1 
ATOM   876  C  CG2 . THR   A 1 107 ? -1.089  13.636  -3.333  1.00 44.97  ? 107 THR   A CG2 1 
ATOM   877  N  N   . GLY   A 1 108 ? 2.002   15.235  -6.565  1.00 44.87  ? 108 GLY   A N   1 
ATOM   878  C  CA  . GLY   A 1 108 ? 3.372   15.496  -6.947  1.00 47.96  ? 108 GLY   A CA  1 
ATOM   879  C  C   . GLY   A 1 108 ? 4.357   14.437  -6.507  1.00 48.52  ? 108 GLY   A C   1 
ATOM   880  O  O   . GLY   A 1 108 ? 5.561   14.570  -6.784  1.00 47.19  ? 108 GLY   A O   1 
ATOM   881  N  N   . TYR   A 1 109 ? 3.881   13.383  -5.835  1.00 41.01  ? 109 TYR   A N   1 
ATOM   882  C  CA  . TYR   A 1 109 ? 4.795   12.380  -5.310  1.00 43.35  ? 109 TYR   A CA  1 
ATOM   883  C  C   . TYR   A 1 109 ? 5.689   11.828  -6.395  1.00 42.86  ? 109 TYR   A C   1 
ATOM   884  O  O   . TYR   A 1 109 ? 6.884   11.583  -6.165  1.00 43.14  ? 109 TYR   A O   1 
ATOM   885  C  CB  . TYR   A 1 109 ? 4.017   11.252  -4.655  1.00 36.67  ? 109 TYR   A CB  1 
ATOM   886  C  CG  . TYR   A 1 109 ? 4.899   10.320  -3.854  1.00 36.37  ? 109 TYR   A CG  1 
ATOM   887  C  CD1 . TYR   A 1 109 ? 5.517   9.228   -4.448  1.00 34.13  ? 109 TYR   A CD1 1 
ATOM   888  C  CD2 . TYR   A 1 109 ? 5.139   10.571  -2.478  1.00 33.03  ? 109 TYR   A CD2 1 
ATOM   889  C  CE1 . TYR   A 1 109 ? 6.339   8.377   -3.700  1.00 31.33  ? 109 TYR   A CE1 1 
ATOM   890  C  CE2 . TYR   A 1 109 ? 5.921   9.718   -1.737  1.00 34.46  ? 109 TYR   A CE2 1 
ATOM   891  C  CZ  . TYR   A 1 109 ? 6.507   8.627   -2.334  1.00 32.38  ? 109 TYR   A CZ  1 
ATOM   892  O  OH  . TYR   A 1 109 ? 7.320   7.799   -1.570  1.00 33.41  ? 109 TYR   A OH  1 
ATOM   893  N  N   . ASN   A 1 110 ? 5.132   11.615  -7.593  1.00 40.82  ? 110 ASN   A N   1 
ATOM   894  C  CA  . ASN   A 1 110 ? 5.920   11.043  -8.678  1.00 41.98  ? 110 ASN   A CA  1 
ATOM   895  C  C   . ASN   A 1 110 ? 7.135   11.902  -9.035  1.00 43.69  ? 110 ASN   A C   1 
ATOM   896  O  O   . ASN   A 1 110 ? 8.107   11.380  -9.595  1.00 44.68  ? 110 ASN   A O   1 
ATOM   897  C  CB  . ASN   A 1 110 ? 5.041   10.833  -9.906  1.00 45.98  ? 110 ASN   A CB  1 
ATOM   898  C  CG  . ASN   A 1 110 ? 4.195   9.571   -9.810  1.00 53.79  ? 110 ASN   A CG  1 
ATOM   899  O  OD1 . ASN   A 1 110 ? 4.510   8.658   -9.049  1.00 42.62  ? 110 ASN   A OD1 1 
ATOM   900  N  ND2 . ASN   A 1 110 ? 3.114   9.513   -10.591 1.00 51.79  ? 110 ASN   A ND2 1 
ATOM   901  N  N   . ASN   A 1 111 ? 7.097   13.200  -8.713  1.00 46.63  ? 111 ASN   A N   1 
ATOM   902  C  CA  . ASN   A 1 111 ? 8.240   14.071  -8.992  1.00 46.98  ? 111 ASN   A CA  1 
ATOM   903  C  C   . ASN   A 1 111 ? 9.423   13.733  -8.087  1.00 51.90  ? 111 ASN   A C   1 
ATOM   904  O  O   . ASN   A 1 111 ? 10.583  13.859  -8.503  1.00 50.70  ? 111 ASN   A O   1 
ATOM   905  C  CB  . ASN   A 1 111 ? 7.831   15.541  -8.831  1.00 48.58  ? 111 ASN   A CB  1 
ATOM   906  C  CG  . ASN   A 1 111 ? 6.679   15.956  -9.770  1.00 48.90  ? 111 ASN   A CG  1 
ATOM   907  O  OD1 . ASN   A 1 111 ? 6.580   15.485  -10.900 1.00 57.64  ? 111 ASN   A OD1 1 
ATOM   908  N  ND2 . ASN   A 1 111 ? 5.819   16.844  -9.295  1.00 64.51  ? 111 ASN   A ND2 1 
ATOM   909  N  N   . PHE   A 1 112 ? 9.158   13.308  -6.845  1.00 41.40  ? 112 PHE   A N   1 
ATOM   910  C  CA  . PHE   A 1 112 ? 10.248  12.852  -5.976  1.00 39.62  ? 112 PHE   A CA  1 
ATOM   911  C  C   . PHE   A 1 112 ? 10.846  11.550  -6.480  1.00 49.87  ? 112 PHE   A C   1 
ATOM   912  O  O   . PHE   A 1 112 ? 12.051  11.308  -6.331  1.00 43.29  ? 112 PHE   A O   1 
ATOM   913  C  CB  . PHE   A 1 112 ? 9.751   12.663  -4.545  1.00 37.64  ? 112 PHE   A CB  1 
ATOM   914  C  CG  . PHE   A 1 112 ? 9.397   13.918  -3.861  1.00 45.50  ? 112 PHE   A CG  1 
ATOM   915  C  CD1 . PHE   A 1 112 ? 10.362  14.638  -3.185  1.00 39.95  ? 112 PHE   A CD1 1 
ATOM   916  C  CD2 . PHE   A 1 112 ? 8.096   14.369  -3.845  1.00 46.50  ? 112 PHE   A CD2 1 
ATOM   917  C  CE1 . PHE   A 1 112 ? 10.016  15.799  -2.517  1.00 46.75  ? 112 PHE   A CE1 1 
ATOM   918  C  CE2 . PHE   A 1 112 ? 7.741   15.514  -3.190  1.00 47.11  ? 112 PHE   A CE2 1 
ATOM   919  C  CZ  . PHE   A 1 112 ? 8.710   16.239  -2.525  1.00 61.06  ? 112 PHE   A CZ  1 
ATOM   920  N  N   . VAL   A 1 113 ? 10.012  10.684  -7.057  1.00 38.92  ? 113 VAL   A N   1 
ATOM   921  C  CA  . VAL   A 1 113 ? 10.534  9.478   -7.669  1.00 41.51  ? 113 VAL   A CA  1 
ATOM   922  C  C   . VAL   A 1 113 ? 11.448  9.842   -8.832  1.00 46.76  ? 113 VAL   A C   1 
ATOM   923  O  O   . VAL   A 1 113 ? 12.510  9.238   -9.014  1.00 48.45  ? 113 VAL   A O   1 
ATOM   924  C  CB  . VAL   A 1 113 ? 9.376   8.570   -8.130  1.00 42.20  ? 113 VAL   A CB  1 
ATOM   925  C  CG1 . VAL   A 1 113 ? 9.892   7.426   -8.971  1.00 41.70  ? 113 VAL   A CG1 1 
ATOM   926  C  CG2 . VAL   A 1 113 ? 8.581   8.048   -6.922  1.00 38.42  ? 113 VAL   A CG2 1 
ATOM   927  N  N   . THR   A 1 114 ? 11.044  10.828  -9.642  1.00 43.85  ? 114 THR   A N   1 
ATOM   928  C  CA  . THR   A 1 114 ? 11.811  11.158  -10.839 1.00 53.86  ? 114 THR   A CA  1 
ATOM   929  C  C   . THR   A 1 114 ? 13.169  11.710  -10.449 1.00 54.51  ? 114 THR   A C   1 
ATOM   930  O  O   . THR   A 1 114 ? 14.202  11.308  -11.001 1.00 60.23  ? 114 THR   A O   1 
ATOM   931  C  CB  . THR   A 1 114 ? 11.055  12.174  -11.697 1.00 55.43  ? 114 THR   A CB  1 
ATOM   932  O  OG1 . THR   A 1 114 ? 9.745   11.676  -12.001 1.00 56.95  ? 114 THR   A OG1 1 
ATOM   933  C  CG2 . THR   A 1 114 ? 11.803  12.426  -13.004 1.00 57.18  ? 114 THR   A CG2 1 
ATOM   934  N  N   . LYS   A 1 115 ? 13.177  12.614  -9.464  1.00 50.64  ? 115 LYS   A N   1 
ATOM   935  C  CA  . LYS   A 1 115 ? 14.422  13.196  -8.965  1.00 54.46  ? 115 LYS   A CA  1 
ATOM   936  C  C   . LYS   A 1 115 ? 15.308  12.148  -8.304  1.00 62.12  ? 115 LYS   A C   1 
ATOM   937  O  O   . LYS   A 1 115 ? 16.515  12.095  -8.565  1.00 69.28  ? 115 LYS   A O   1 
ATOM   938  C  CB  . LYS   A 1 115 ? 14.114  14.320  -7.992  1.00 45.14  ? 115 LYS   A CB  1 
ATOM   939  C  CG  . LYS   A 1 115 ? 13.420  15.523  -8.618  1.00 54.98  ? 115 LYS   A CG  1 
ATOM   940  C  CD  . LYS   A 1 115 ? 13.291  16.691  -7.642  1.00 59.08  ? 115 LYS   A CD  1 
ATOM   941  N  N   . ALA   A 1 116 ? 14.733  11.292  -7.462  1.00 53.77  ? 116 ALA   A N   1 
ATOM   942  C  CA  . ALA   A 1 116 ? 15.541  10.300  -6.763  1.00 53.06  ? 116 ALA   A CA  1 
ATOM   943  C  C   . ALA   A 1 116 ? 16.135  9.269   -7.718  1.00 73.80  ? 116 ALA   A C   1 
ATOM   944  O  O   . ALA   A 1 116 ? 17.228  8.739   -7.456  1.00 66.11  ? 116 ALA   A O   1 
ATOM   945  C  CB  . ALA   A 1 116 ? 14.705  9.617   -5.678  1.00 47.69  ? 116 ALA   A CB  1 
ATOM   946  N  N   . ASN   A 1 117 ? 15.438  8.973   -8.823  1.00 62.24  ? 117 ASN   A N   1 
ATOM   947  C  CA  . ASN   A 1 117 ? 15.960  8.028   -9.810  1.00 65.73  ? 117 ASN   A CA  1 
ATOM   948  C  C   . ASN   A 1 117 ? 17.219  8.561   -10.477 1.00 69.33  ? 117 ASN   A C   1 
ATOM   949  O  O   . ASN   A 1 117 ? 18.143  7.793   -10.774 1.00 75.59  ? 117 ASN   A O   1 
ATOM   950  C  CB  . ASN   A 1 117 ? 14.889  7.721   -10.856 1.00 69.51  ? 117 ASN   A CB  1 
ATOM   951  C  CG  . ASN   A 1 117 ? 13.793  6.810   -10.322 1.00 78.58  ? 117 ASN   A CG  1 
ATOM   952  O  OD1 . ASN   A 1 117 ? 14.017  6.020   -9.398  1.00 76.39  ? 117 ASN   A OD1 1 
ATOM   953  N  ND2 . ASN   A 1 117 ? 12.600  6.910   -10.906 1.00 71.36  ? 117 ASN   A ND2 1 
ATOM   954  N  N   . THR   A 1 118 ? 17.277  9.873   -10.711 1.00 66.72  ? 118 THR   A N   1 
ATOM   955  C  CA  . THR   A 1 118 ? 18.456  10.477  -11.324 1.00 73.12  ? 118 THR   A CA  1 
ATOM   956  C  C   . THR   A 1 118 ? 19.670  10.409  -10.395 1.00 81.15  ? 118 THR   A C   1 
ATOM   957  O  O   . THR   A 1 118 ? 20.776  10.079  -10.841 1.00 84.75  ? 118 THR   A O   1 
ATOM   958  C  CB  . THR   A 1 118 ? 18.149  11.925  -11.715 1.00 73.28  ? 118 THR   A CB  1 
ATOM   959  O  OG1 . THR   A 1 118 ? 17.028  11.941  -12.612 1.00 82.98  ? 118 THR   A OG1 1 
ATOM   960  N  N   . ILE   A 1 119 ? 19.477  10.728  -9.106  1.00 80.03  ? 119 ILE   A N   1 
ATOM   961  C  CA  . ILE   A 1 119 ? 20.506  10.587  -8.072  1.00 73.29  ? 119 ILE   A CA  1 
ATOM   962  C  C   . ILE   A 1 119 ? 21.074  9.169   -8.016  1.00 89.42  ? 119 ILE   A C   1 
ATOM   963  O  O   . ILE   A 1 119 ? 22.223  8.980   -7.592  1.00 84.03  ? 119 ILE   A O   1 
ATOM   964  C  CB  . ILE   A 1 119 ? 19.914  10.996  -6.694  1.00 62.20  ? 119 ILE   A CB  1 
ATOM   965  C  CG1 . ILE   A 1 119 ? 19.260  12.368  -6.782  1.00 54.07  ? 119 ILE   A CG1 1 
ATOM   966  C  CG2 . ILE   A 1 119 ? 20.962  10.975  -5.557  1.00 54.69  ? 119 ILE   A CG2 1 
ATOM   967  C  CD1 . ILE   A 1 119 ? 18.513  12.754  -5.525  1.00 38.05  ? 119 ILE   A CD1 1 
ATOM   968  N  N   . ASN   A 1 120 ? 20.295  8.167   -8.444  1.00 84.23  ? 120 ASN   A N   1 
ATOM   969  C  CA  . ASN   A 1 120 ? 20.656  6.751   -8.322  1.00 95.07  ? 120 ASN   A CA  1 
ATOM   970  C  C   . ASN   A 1 120 ? 20.801  6.363   -6.837  1.00 99.83  ? 120 ASN   A C   1 
ATOM   971  O  O   . ASN   A 1 120 ? 19.925  6.652   -5.998  1.00 82.99  ? 120 ASN   A O   1 
ATOM   972  C  CB  . ASN   A 1 120 ? 21.953  6.427   -9.098  1.00 98.08  ? 120 ASN   A CB  1 
ATOM   973  C  CG  . ASN   A 1 120 ? 21.750  6.365   -10.621 1.00 89.20  ? 120 ASN   A CG  1 
ATOM   974  O  OD1 . ASN   A 1 120 ? 21.741  5.285   -11.206 1.00 79.07  ? 120 ASN   A OD1 1 
ATOM   975  N  ND2 . ASN   A 1 120 ? 21.607  7.522   -11.261 1.00 91.94  ? 120 ASN   A ND2 1 
HETATM 976  S  S   . SO4   B 2 .   ? -3.176  -6.161  14.577  1.00 61.01  ? 201 SO4   A S   1 
HETATM 977  O  O1  . SO4   B 2 .   ? -3.497  -4.951  15.407  1.00 77.64  ? 201 SO4   A O1  1 
HETATM 978  O  O2  . SO4   B 2 .   ? -2.925  -7.296  15.518  1.00 47.58  ? 201 SO4   A O2  1 
HETATM 979  O  O3  . SO4   B 2 .   ? -4.382  -6.475  13.678  1.00 46.78  ? 201 SO4   A O3  1 
HETATM 980  O  O4  . SO4   B 2 .   ? -1.889  -5.950  13.792  1.00 57.53  ? 201 SO4   A O4  1 
HETATM 981  S  S   . SO4   C 2 .   ? -3.084  5.507   12.369  1.00 139.38 ? 202 SO4   A S   1 
HETATM 982  O  O1  . SO4   C 2 .   ? -3.945  6.132   13.437  1.00 129.15 ? 202 SO4   A O1  1 
HETATM 983  O  O2  . SO4   C 2 .   ? -3.662  4.168   12.040  1.00 93.96  ? 202 SO4   A O2  1 
HETATM 984  O  O3  . SO4   C 2 .   ? -3.103  6.341   11.122  1.00 79.12  ? 202 SO4   A O3  1 
HETATM 985  O  O4  . SO4   C 2 .   ? -1.653  5.339   12.816  1.00 94.13  ? 202 SO4   A O4  1 
HETATM 986  CL CL  . CL    D 3 .   ? -15.797 -5.899  5.547   1.00 36.20  ? 203 CL    A CL  1 
HETATM 987  N  N1  . A1IUW E 4 .   ? -8.454  -8.146  3.801   1.00 27.71  ? 204 A1IUW A N1  1 
HETATM 988  C  C4  . A1IUW E 4 .   ? -9.429  -8.966  4.368   1.00 34.07  ? 204 A1IUW A C4  1 
HETATM 989  C  C5  . A1IUW E 4 .   ? -10.262 -8.486  5.482   1.00 30.87  ? 204 A1IUW A C5  1 
HETATM 990  C  C6  . A1IUW E 4 .   ? -11.650 -8.356  5.355   1.00 32.75  ? 204 A1IUW A C6  1 
HETATM 991  C  C7  . A1IUW E 4 .   ? -12.359 -7.791  6.413   1.00 31.18  ? 204 A1IUW A C7  1 
HETATM 992  C  C8  . A1IUW E 4 .   ? -11.734 -7.347  7.572   1.00 35.72  ? 204 A1IUW A C8  1 
HETATM 993  C  C10 . A1IUW E 4 .   ? -9.641  -8.053  6.650   1.00 26.80  ? 204 A1IUW A C10 1 
HETATM 994  C  C13 . A1IUW E 4 .   ? -7.850  -8.788  2.739   1.00 28.17  ? 204 A1IUW A C13 1 
HETATM 995  C  C15 . A1IUW E 4 .   ? -8.009  -11.070 1.663   1.00 28.96  ? 204 A1IUW A C15 1 
HETATM 996  N  N   . A1IUW E 4 .   ? -11.776 -6.360  9.760   1.00 36.08  ? 204 A1IUW A N   1 
HETATM 997  C  C   . A1IUW E 4 .   ? -10.025 -12.604 1.740   1.00 36.07  ? 204 A1IUW A C   1 
HETATM 998  O  O   . A1IUW E 4 .   ? -13.700 -6.538  8.612   1.00 45.69  ? 204 A1IUW A O   1 
HETATM 999  C  C1  . A1IUW E 4 .   ? -10.854 -12.152 2.939   1.00 40.31  ? 204 A1IUW A C1  1 
HETATM 1000 C  C11 . A1IUW E 4 .   ? -12.474 -6.711  8.703   1.00 40.79  ? 204 A1IUW A C11 1 
HETATM 1001 C  C12 . A1IUW E 4 .   ? -12.388 -8.765  4.101   1.00 40.03  ? 204 A1IUW A C12 1 
HETATM 1002 C  C14 . A1IUW E 4 .   ? -8.417  -10.059 2.644   1.00 28.61  ? 204 A1IUW A C14 1 
HETATM 1003 C  C2  . A1IUW E 4 .   ? -10.136 -11.444 4.081   1.00 36.84  ? 204 A1IUW A C2  1 
HETATM 1004 C  C3  . A1IUW E 4 .   ? -9.408  -10.182 3.687   1.00 34.46  ? 204 A1IUW A C3  1 
HETATM 1005 C  C9  . A1IUW E 4 .   ? -10.366 -7.485  7.676   1.00 31.71  ? 204 A1IUW A C9  1 
HETATM 1006 O  O1  . A1IUW E 4 .   ? -7.222  -10.799 0.754   1.00 30.96  ? 204 A1IUW A O1  1 
HETATM 1007 C  C16 . A1IUW E 4 .   ? -8.526  -12.475 1.849   1.00 36.13  ? 204 A1IUW A C16 1 
HETATM 1008 C  C17 . A1IUW E 4 .   ? -6.783  -8.119  1.933   1.00 28.86  ? 204 A1IUW A C17 1 
HETATM 1009 O  O   . HOH   F 5 .   ? -7.565  -9.324  10.117  1.00 54.85  ? 301 HOH   A O   1 
HETATM 1010 O  O   . HOH   F 5 .   ? -0.708  -7.605  15.752  1.00 48.84  ? 302 HOH   A O   1 
HETATM 1011 O  O   . HOH   F 5 .   ? 3.971   -6.542  -5.881  1.00 40.13  ? 303 HOH   A O   1 
HETATM 1012 O  O   . HOH   F 5 .   ? -5.080  -16.455 13.581  1.00 41.95  ? 304 HOH   A O   1 
HETATM 1013 O  O   . HOH   F 5 .   ? -6.746  -19.813 -1.901  1.00 48.03  ? 305 HOH   A O   1 
HETATM 1014 O  O   . HOH   F 5 .   ? -13.437 -12.744 5.571   1.00 44.19  ? 306 HOH   A O   1 
HETATM 1015 O  O   . HOH   F 5 .   ? -14.464 -10.045 8.236   1.00 61.25  ? 307 HOH   A O   1 
HETATM 1016 O  O   . HOH   F 5 .   ? 16.002  6.321   8.694   1.00 43.69  ? 308 HOH   A O   1 
HETATM 1017 O  O   . HOH   F 5 .   ? 6.124   -8.904  3.426   1.00 36.36  ? 309 HOH   A O   1 
HETATM 1018 O  O   . HOH   F 5 .   ? 15.547  0.233   -2.757  1.00 54.78  ? 310 HOH   A O   1 
HETATM 1019 O  O   . HOH   F 5 .   ? -2.250  -6.452  -9.102  1.00 43.17  ? 311 HOH   A O   1 
HETATM 1020 O  O   . HOH   F 5 .   ? -8.998  12.452  -2.476  1.00 53.21  ? 312 HOH   A O   1 
HETATM 1021 O  O   . HOH   F 5 .   ? -2.090  -19.621 5.855   1.00 40.52  ? 313 HOH   A O   1 
HETATM 1022 O  O   . HOH   F 5 .   ? -3.672  11.140  -1.021  1.00 46.99  ? 314 HOH   A O   1 
HETATM 1023 O  O   . HOH   F 5 .   ? 16.023  9.429   -1.000  1.00 44.02  ? 315 HOH   A O   1 
HETATM 1024 O  O   . HOH   F 5 .   ? -6.922  -15.105 -7.859  1.00 40.53  ? 316 HOH   A O   1 
HETATM 1025 O  O   . HOH   F 5 .   ? -3.245  -6.722  2.783   1.00 32.63  ? 317 HOH   A O   1 
HETATM 1026 O  O   . HOH   F 5 .   ? 5.526   -11.557 -3.356  1.00 47.37  ? 318 HOH   A O   1 
HETATM 1027 O  O   . HOH   F 5 .   ? -3.348  1.052   11.697  1.00 41.70  ? 319 HOH   A O   1 
HETATM 1028 O  O   . HOH   F 5 .   ? -0.831  -0.340  -10.109 1.00 41.33  ? 320 HOH   A O   1 
HETATM 1029 O  O   . HOH   F 5 .   ? -12.293 -13.104 -1.637  1.00 37.54  ? 321 HOH   A O   1 
HETATM 1030 O  O   . HOH   F 5 .   ? -4.545  -5.104  -9.119  1.00 44.53  ? 322 HOH   A O   1 
HETATM 1031 O  O   . HOH   F 5 .   ? -4.681  -10.045 0.027   1.00 30.54  ? 323 HOH   A O   1 
HETATM 1032 O  O   . HOH   F 5 .   ? -5.630  5.685   -11.620 1.00 45.58  ? 324 HOH   A O   1 
HETATM 1033 O  O   . HOH   F 5 .   ? 16.857  2.233   1.061   1.00 50.08  ? 325 HOH   A O   1 
HETATM 1034 O  O   . HOH   F 5 .   ? 0.785   7.164   -10.803 1.00 43.76  ? 326 HOH   A O   1 
HETATM 1035 O  O   . HOH   F 5 .   ? 5.492   -4.261  -5.285  1.00 34.64  ? 327 HOH   A O   1 
HETATM 1036 O  O   . HOH   F 5 .   ? -5.844  -10.507 14.203  1.00 41.96  ? 328 HOH   A O   1 
HETATM 1037 O  O   . HOH   F 5 .   ? -11.858 2.939   5.329   1.00 36.71  ? 329 HOH   A O   1 
HETATM 1038 O  O   . HOH   F 5 .   ? -18.741 1.668   -3.605  1.00 52.51  ? 330 HOH   A O   1 
HETATM 1039 O  O   . HOH   F 5 .   ? -5.057  -6.766  4.779   1.00 29.70  ? 331 HOH   A O   1 
HETATM 1040 O  O   . HOH   F 5 .   ? 1.500   1.578   -7.708  1.00 38.45  ? 332 HOH   A O   1 
HETATM 1041 O  O   . HOH   F 5 .   ? -10.626 -17.959 1.107   1.00 53.75  ? 333 HOH   A O   1 
HETATM 1042 O  O   . HOH   F 5 .   ? -12.143 -14.791 -3.879  1.00 35.93  ? 334 HOH   A O   1 
HETATM 1043 O  O   . HOH   F 5 .   ? -1.260  -5.994  11.092  1.00 33.25  ? 335 HOH   A O   1 
HETATM 1044 O  O   . HOH   F 5 .   ? 3.591   -4.671  -9.507  1.00 47.99  ? 336 HOH   A O   1 
HETATM 1045 O  O   . HOH   F 5 .   ? -7.051  -0.511  -10.538 1.00 38.69  ? 337 HOH   A O   1 
HETATM 1046 O  O   . HOH   F 5 .   ? -13.763 0.870   -2.692  1.00 44.02  ? 338 HOH   A O   1 
HETATM 1047 O  O   . HOH   F 5 .   ? 9.106   -4.673  1.776   1.00 44.74  ? 339 HOH   A O   1 
HETATM 1048 O  O   . HOH   F 5 .   ? -3.911  -7.309  0.172   1.00 29.19  ? 340 HOH   A O   1 
HETATM 1049 O  O   . HOH   F 5 .   ? 8.685   -5.275  4.737   1.00 51.52  ? 341 HOH   A O   1 
HETATM 1050 O  O   . HOH   F 5 .   ? -4.409  12.240  4.242   1.00 40.99  ? 342 HOH   A O   1 
HETATM 1051 O  O   . HOH   F 5 .   ? 3.508   6.763   10.008  1.00 36.11  ? 343 HOH   A O   1 
HETATM 1052 O  O   . HOH   F 5 .   ? -7.601  -4.878  8.409   1.00 32.76  ? 344 HOH   A O   1 
HETATM 1053 O  O   . HOH   F 5 .   ? -8.424  1.648   7.322   1.00 30.17  ? 345 HOH   A O   1 
HETATM 1054 O  O   . HOH   F 5 .   ? 5.376   17.247  1.821   1.00 57.20  ? 346 HOH   A O   1 
HETATM 1055 O  O   . HOH   F 5 .   ? 3.743   -15.825 4.153   1.00 41.83  ? 347 HOH   A O   1 
HETATM 1056 O  O   . HOH   F 5 .   ? 3.035   -14.752 -2.768  1.00 37.34  ? 348 HOH   A O   1 
HETATM 1057 O  O   . HOH   F 5 .   ? 9.621   -1.553  -0.562  1.00 46.36  ? 349 HOH   A O   1 
HETATM 1058 O  O   . HOH   F 5 .   ? -15.083 -0.735  -9.592  1.00 51.51  ? 350 HOH   A O   1 
HETATM 1059 O  O   . HOH   F 5 .   ? -9.729  -14.420 -10.765 1.00 39.46  ? 351 HOH   A O   1 
HETATM 1060 O  O   . HOH   F 5 .   ? -9.456  9.232   0.940   1.00 41.40  ? 352 HOH   A O   1 
HETATM 1061 O  O   . HOH   F 5 .   ? 8.706   14.067  7.359   1.00 42.48  ? 353 HOH   A O   1 
HETATM 1062 O  O   . HOH   F 5 .   ? 4.340   -6.925  6.345   1.00 35.75  ? 354 HOH   A O   1 
HETATM 1063 O  O   . HOH   F 5 .   ? -13.999 6.684   -0.379  1.00 43.38  ? 355 HOH   A O   1 
HETATM 1064 O  O   . HOH   F 5 .   ? -1.026  -3.216  13.641  1.00 56.92  ? 356 HOH   A O   1 
HETATM 1065 O  O   . HOH   F 5 .   ? -5.806  -5.302  -6.509  1.00 32.56  ? 357 HOH   A O   1 
HETATM 1066 O  O   . HOH   F 5 .   ? -7.899  -7.034  -6.729  1.00 29.53  ? 358 HOH   A O   1 
HETATM 1067 O  O   . HOH   F 5 .   ? 3.261   -12.112 -1.721  1.00 31.09  ? 359 HOH   A O   1 
HETATM 1068 O  O   . HOH   F 5 .   ? 1.840   14.208  6.505   1.00 49.75  ? 360 HOH   A O   1 
HETATM 1069 O  O   . HOH   F 5 .   ? -1.129  -8.793  2.079   1.00 29.97  ? 361 HOH   A O   1 
HETATM 1070 O  O   . HOH   F 5 .   ? -0.992  -10.374 -8.521  1.00 55.01  ? 362 HOH   A O   1 
HETATM 1071 O  O   . HOH   F 5 .   ? -9.765  -9.358  12.421  1.00 64.92  ? 363 HOH   A O   1 
HETATM 1072 O  O   . HOH   F 5 .   ? 1.065   1.204   12.239  1.00 40.16  ? 364 HOH   A O   1 
HETATM 1073 O  O   . HOH   F 5 .   ? 1.891   -10.561 -5.050  1.00 40.63  ? 365 HOH   A O   1 
HETATM 1074 O  O   . HOH   F 5 .   ? -1.945  -9.761  5.166   1.00 38.89  ? 366 HOH   A O   1 
HETATM 1075 O  O   . HOH   F 5 .   ? -14.595 -10.967 -1.361  1.00 31.42  ? 367 HOH   A O   1 
HETATM 1076 O  O   . HOH   F 5 .   ? -1.417  2.297   12.517  1.00 47.54  ? 368 HOH   A O   1 
HETATM 1077 O  O   . HOH   F 5 .   ? 3.376   11.717  -12.564 1.00 54.07  ? 369 HOH   A O   1 
HETATM 1078 O  O   . HOH   F 5 .   ? 6.472   12.360  7.948   1.00 43.22  ? 370 HOH   A O   1 
HETATM 1079 O  O   . HOH   F 5 .   ? -11.840 -7.575  -9.571  1.00 40.49  ? 371 HOH   A O   1 
HETATM 1080 O  O   . HOH   F 5 .   ? -9.053  -16.967 -7.597  1.00 45.44  ? 372 HOH   A O   1 
HETATM 1081 O  O   . HOH   F 5 .   ? -8.176  -10.720 -9.021  1.00 43.02  ? 373 HOH   A O   1 
HETATM 1082 O  O   . HOH   F 5 .   ? -18.822 -8.242  -9.329  1.00 43.78  ? 374 HOH   A O   1 
HETATM 1083 O  O   . HOH   F 5 .   ? -7.024  -7.589  8.379   1.00 44.90  ? 375 HOH   A O   1 
HETATM 1084 O  O   . HOH   F 5 .   ? 1.711   4.656   -10.427 1.00 46.50  ? 376 HOH   A O   1 
HETATM 1085 O  O   . HOH   F 5 .   ? 1.198   -4.574  10.722  1.00 42.94  ? 377 HOH   A O   1 
HETATM 1086 O  O   . HOH   F 5 .   ? 3.329   13.886  -9.986  1.00 55.86  ? 378 HOH   A O   1 
HETATM 1087 O  O   . HOH   F 5 .   ? -11.103 4.477   -7.859  1.00 52.26  ? 379 HOH   A O   1 
HETATM 1088 O  O   . HOH   F 5 .   ? 11.694  -1.610  2.641   1.00 58.84  ? 380 HOH   A O   1 
HETATM 1089 O  O   . HOH   F 5 .   ? -1.471  15.213  0.749   1.00 59.08  ? 381 HOH   A O   1 
HETATM 1090 O  O   . HOH   F 5 .   ? -14.441 4.956   5.055   1.00 58.07  ? 382 HOH   A O   1 
HETATM 1091 O  O   . HOH   F 5 .   ? 9.924   -4.412  9.154   1.00 42.25  ? 383 HOH   A O   1 
HETATM 1092 O  O   . HOH   F 5 .   ? -7.637  -13.100 -9.914  1.00 53.72  ? 384 HOH   A O   1 
HETATM 1093 O  O   . HOH   F 5 .   ? 24.088  9.329   -11.854 1.00 69.31  ? 385 HOH   A O   1 
HETATM 1094 O  O   . HOH   F 5 .   ? -13.010 -2.387  -9.369  1.00 51.94  ? 386 HOH   A O   1 
HETATM 1095 O  O   . HOH   F 5 .   ? 2.501   -2.682  12.073  1.00 52.91  ? 387 HOH   A O   1 
HETATM 1096 O  O   . HOH   F 5 .   ? 3.484   -19.699 5.739   1.00 49.54  ? 388 HOH   A O   1 
HETATM 1097 O  O   . HOH   F 5 .   ? 12.999  -2.529  5.840   1.00 58.04  ? 389 HOH   A O   1 
HETATM 1098 O  O   . HOH   F 5 .   ? -4.632  3.167   -12.047 1.00 49.42  ? 390 HOH   A O   1 
HETATM 1099 O  O   . HOH   F 5 .   ? 16.104  7.661   5.341   1.00 58.79  ? 391 HOH   A O   1 
HETATM 1100 O  O   . HOH   F 5 .   ? 13.052  6.604   -5.799  1.00 54.10  ? 392 HOH   A O   1 
HETATM 1101 O  O   . HOH   F 5 .   ? -3.775  7.444   -12.348 1.00 44.63  ? 393 HOH   A O   1 
HETATM 1102 O  O   . HOH   F 5 .   ? -5.913  1.832   12.826  1.00 55.03  ? 394 HOH   A O   1 
HETATM 1103 O  O   . HOH   F 5 .   ? 6.728   6.275   19.599  1.00 63.01  ? 395 HOH   A O   1 
HETATM 1104 O  O   . HOH   F 5 .   ? -16.521 -8.029  7.457   1.00 59.79  ? 396 HOH   A O   1 
HETATM 1105 O  O   . HOH   F 5 .   ? -8.618  -5.453  10.701  1.00 56.91  ? 397 HOH   A O   1 
HETATM 1106 O  O   . HOH   F 5 .   ? 14.491  20.157  7.720   1.00 54.11  ? 398 HOH   A O   1 
HETATM 1107 O  O   . HOH   F 5 .   ? -9.301  -2.265  10.385  1.00 50.36  ? 399 HOH   A O   1 
HETATM 1108 O  O   . HOH   F 5 .   ? 0.952   -11.171 -7.613  1.00 49.84  ? 400 HOH   A O   1 
HETATM 1109 O  O   . HOH   F 5 .   ? -15.126 2.967   -3.953  1.00 58.10  ? 401 HOH   A O   1 
HETATM 1110 O  O   . HOH   F 5 .   ? -16.524 -1.817  -2.965  1.00 65.89  ? 402 HOH   A O   1 
HETATM 1111 O  O   . HOH   F 5 .   ? -15.667 5.934   3.489   1.00 65.37  ? 403 HOH   A O   1 
HETATM 1112 O  O   . HOH   F 5 .   ? 5.335   17.999  -5.153  1.00 60.64  ? 404 HOH   A O   1 
HETATM 1113 O  O   . HOH   F 5 .   ? -11.756 2.688   -10.163 1.00 58.77  ? 405 HOH   A O   1 
HETATM 1114 O  O   . HOH   F 5 .   ? -8.270  -8.479  -9.198  1.00 43.43  ? 406 HOH   A O   1 
HETATM 1115 O  O   . HOH   F 5 .   ? -16.005 6.373   -2.557  1.00 69.38  ? 407 HOH   A O   1 
HETATM 1116 O  O   . HOH   F 5 .   ? 12.804  22.440  5.967   1.00 55.51  ? 408 HOH   A O   1 
HETATM 1117 O  O   . HOH   F 5 .   ? 11.151  -5.027  6.556   1.00 51.48  ? 409 HOH   A O   1 
HETATM 1118 O  O   . HOH   F 5 .   ? -4.077  -13.394 -10.875 1.00 56.85  ? 410 HOH   A O   1 
HETATM 1119 O  O   . HOH   F 5 .   ? 3.355   0.908   -9.007  1.00 48.45  ? 411 HOH   A O   1 
HETATM 1120 O  O   . HOH   F 5 .   ? 5.480   -3.460  11.543  1.00 50.65  ? 412 HOH   A O   1 
HETATM 1121 O  O   . HOH   F 5 .   ? 11.404  15.887  11.841  1.00 57.49  ? 413 HOH   A O   1 
HETATM 1122 O  O   . HOH   F 5 .   ? 5.582   -0.528  -7.609  1.00 49.59  ? 414 HOH   A O   1 
HETATM 1123 O  O   . HOH   F 5 .   ? -11.222 0.763   -11.115 1.00 53.21  ? 415 HOH   A O   1 
HETATM 1124 O  O   . HOH   F 5 .   ? 9.648   18.054  -10.996 1.00 61.17  ? 416 HOH   A O   1 
HETATM 1125 O  O   . HOH   F 5 .   ? -10.152 6.822   -9.013  1.00 56.05  ? 417 HOH   A O   1 
HETATM 1126 O  O   . HOH   F 5 .   ? 1.804   18.841  -8.712  1.00 60.77  ? 418 HOH   A O   1 
HETATM 1127 O  O   . HOH   F 5 .   ? -22.238 2.867   2.478   1.00 50.61  ? 419 HOH   A O   1 
HETATM 1128 O  O   . HOH   F 5 .   ? -15.673 -1.335  9.405   1.00 50.15  ? 420 HOH   A O   1 
HETATM 1129 O  O   . HOH   F 5 .   ? 12.600  11.326  7.226   1.00 53.06  ? 421 HOH   A O   1 
HETATM 1130 O  O   . HOH   F 5 .   ? -9.661  -17.137 -10.287 1.00 48.35  ? 422 HOH   A O   1 
HETATM 1131 O  O   . HOH   F 5 .   ? 4.287   -9.451  -5.587  1.00 42.98  ? 423 HOH   A O   1 
HETATM 1132 O  O   . HOH   F 5 .   ? 8.098   -7.072  1.817   1.00 54.33  ? 424 HOH   A O   1 
HETATM 1133 O  O   . HOH   F 5 .   ? -8.933  11.391  2.679   1.00 52.20  ? 425 HOH   A O   1 
HETATM 1134 O  O   . HOH   F 5 .   ? 5.585   -2.982  -7.870  1.00 44.78  ? 426 HOH   A O   1 
HETATM 1135 O  O   . HOH   F 5 .   ? -1.829  -12.261 -10.537 1.00 61.03  ? 427 HOH   A O   1 
HETATM 1136 O  O   . HOH   F 5 .   ? -6.441  1.828   -12.814 1.00 57.38  ? 428 HOH   A O   1 
HETATM 1137 O  O   . HOH   F 5 .   ? -9.676  0.831   9.723   1.00 40.81  ? 429 HOH   A O   1 
HETATM 1138 O  O   . HOH   F 5 .   ? 6.674   -5.790  6.823   1.00 54.16  ? 430 HOH   A O   1 
HETATM 1139 O  O   . HOH   F 5 .   ? -6.713  12.098  7.521   1.00 59.63  ? 431 HOH   A O   1 
HETATM 1140 O  O   . HOH   F 5 .   ? 11.288  18.331  -5.810  1.00 59.26  ? 432 HOH   A O   1 
HETATM 1141 O  O   . HOH   F 5 .   ? 4.953   -5.713  9.642   1.00 47.91  ? 433 HOH   A O   1 
HETATM 1142 O  O   . HOH   F 5 .   ? -16.294 -11.178 1.639   1.00 60.14  ? 434 HOH   A O   1 
# 
